data_9HH4
#
_entry.id   9HH4
#
_cell.length_a   74.230
_cell.length_b   197.600
_cell.length_c   75.020
_cell.angle_alpha   90.00
_cell.angle_beta   99.79
_cell.angle_gamma   90.00
#
_symmetry.space_group_name_H-M   'P 1 21 1'
#
loop_
_entity.id
_entity.type
_entity.pdbx_description
1 polymer 'Sulfatase, family S1-19'
2 branched 3,6-anhydro-alpha-D-galactopyranose-(1-3)-beta-D-galactopyranose-(1-4)-3,6-anhydro-alpha-D-galactopyranose-(1-3)-4-O-sulfo-beta-D-galactopyranose
3 non-polymer 'CALCIUM ION'
4 non-polymer 'BROMIDE ION'
5 non-polymer 'CHLORIDE ION'
6 non-polymer GLYCEROL
7 water water
#
_entity_poly.entity_id   1
_entity_poly.type   'polypeptide(L)'
_entity_poly.pdbx_seq_one_letter_code
;MGSSHHHHHHGSQETRPNILVVLCDDLGYADVGFNGSTDILTPELDNLAQNGSIFTSAYVAHPF(OSE)GPSRSAILTGR
YPHLTGTAYNLFHNSSEDDKDNMGVPVEETYMSKVLQNAGYYTSAIGKWHLGAAPKFHPNKRGFDDFYGFLGGGHDYFPS
EYQKTYKAQKKAGNPNIRDYVFPMEHNGKPANETEYITDGFSREAIKNIKIAAAKKQPFFIYLAYNAPHVPLQAKAEDVA
KFAHIKDKDRRTYAAMVYAVDRGVGKIVQTLKETKQFDNTLIVFLSDNGGNFNHGANNYPLKGTKGDTWEGGYRVPMFFH
WPKKIKKDQRFDFPVSSLDLYPTFTGLAEAKLPKGKQLDGKNIMDDVLKNTEPYKDEMIYSLRYREGYNDVGARMGDWKI
TRMGNEPWRLHNITQDIGEKKNLAGRYPDRLKEMIAKTQEWTKSFVKPLWVYSVKDKELWESGQMPNYEATFEVDKLVDS
PYHK
;
_entity_poly.pdbx_strand_id   A,B,C,D
#
loop_
_chem_comp.id
_chem_comp.type
_chem_comp.name
_chem_comp.formula
9RN D-saccharide, alpha linking 3,6-anhydro-alpha-D-galactopyranose 'C6 H10 O5'
BR non-polymer 'BROMIDE ION' 'Br -1'
CA non-polymer 'CALCIUM ION' 'Ca 2'
CL non-polymer 'CHLORIDE ION' 'Cl -1'
G4S D-saccharide, beta linking 4-O-sulfo-beta-D-galactopyranose 'C6 H12 O9 S'
GAL D-saccharide, beta linking beta-D-galactopyranose 'C6 H12 O6'
GOL non-polymer GLYCEROL 'C3 H8 O3'
#
# COMPACT_ATOMS: atom_id res chain seq x y z
N GLU A 14 20.30 -25.91 26.93
CA GLU A 14 20.72 -26.58 25.70
C GLU A 14 20.35 -25.76 24.47
N THR A 15 20.67 -26.31 23.30
CA THR A 15 20.56 -25.54 22.08
C THR A 15 19.12 -25.42 21.58
N ARG A 16 18.24 -26.39 21.93
CA ARG A 16 16.90 -26.46 21.34
C ARG A 16 15.99 -25.39 21.95
N PRO A 17 15.20 -24.70 21.13
CA PRO A 17 14.40 -23.59 21.65
C PRO A 17 13.15 -24.05 22.38
N ASN A 18 12.73 -23.25 23.37
CA ASN A 18 11.37 -23.42 23.87
C ASN A 18 10.40 -22.98 22.76
N ILE A 19 9.16 -23.45 22.84
CA ILE A 19 8.12 -23.10 21.88
C ILE A 19 6.84 -22.76 22.63
N LEU A 20 6.31 -21.56 22.36
CA LEU A 20 5.04 -21.11 22.92
C LEU A 20 4.13 -20.74 21.75
N VAL A 21 3.00 -21.45 21.60
CA VAL A 21 1.94 -21.09 20.67
C VAL A 21 0.91 -20.30 21.45
N VAL A 22 0.61 -19.09 21.00
CA VAL A 22 -0.47 -18.31 21.57
C VAL A 22 -1.54 -18.26 20.51
N LEU A 23 -2.63 -18.98 20.73
CA LEU A 23 -3.68 -19.21 19.74
C LEU A 23 -4.96 -18.57 20.26
N CYS A 24 -5.42 -17.52 19.59
CA CYS A 24 -6.71 -16.96 19.94
C CYS A 24 -7.81 -17.66 19.14
N ASP A 25 -9.04 -17.32 19.51
CA ASP A 25 -10.21 -18.02 18.95
C ASP A 25 -11.18 -17.01 18.32
N ASP A 26 -11.36 -17.08 17.01
CA ASP A 26 -12.25 -16.12 16.28
C ASP A 26 -11.69 -14.68 16.34
N LEU A 27 -10.36 -14.53 16.37
CA LEU A 27 -9.76 -13.21 16.34
C LEU A 27 -9.75 -12.69 14.90
N GLY A 28 -10.36 -11.52 14.68
CA GLY A 28 -10.44 -10.98 13.34
C GLY A 28 -9.12 -10.44 12.83
N TYR A 29 -9.06 -10.33 11.49
CA TYR A 29 -7.82 -10.01 10.80
C TYR A 29 -7.30 -8.64 11.18
N ALA A 30 -8.19 -7.68 11.37
CA ALA A 30 -7.76 -6.32 11.67
C ALA A 30 -7.84 -6.00 13.15
N ASP A 31 -7.84 -7.00 14.03
CA ASP A 31 -8.16 -6.80 15.44
C ASP A 31 -6.94 -6.88 16.34
N VAL A 32 -5.72 -6.80 15.78
CA VAL A 32 -4.53 -6.52 16.56
C VAL A 32 -3.80 -5.37 15.89
N GLY A 33 -3.06 -4.60 16.70
CA GLY A 33 -2.36 -3.43 16.19
C GLY A 33 -1.43 -3.75 15.03
N PHE A 34 -0.58 -4.76 15.19
CA PHE A 34 0.42 -5.07 14.17
C PHE A 34 -0.21 -5.54 12.86
N ASN A 35 -1.48 -5.93 12.87
CA ASN A 35 -2.15 -6.33 11.64
C ASN A 35 -3.19 -5.33 11.18
N GLY A 36 -3.14 -4.09 11.66
CA GLY A 36 -3.96 -3.03 11.10
C GLY A 36 -4.94 -2.39 12.06
N SER A 37 -5.10 -2.84 13.30
CA SER A 37 -6.18 -2.30 14.13
C SER A 37 -5.92 -0.84 14.44
N THR A 38 -6.97 -0.03 14.29
CA THR A 38 -6.92 1.36 14.71
C THR A 38 -7.68 1.63 16.00
N ASP A 39 -8.48 0.66 16.49
CA ASP A 39 -9.20 0.87 17.73
C ASP A 39 -8.86 -0.13 18.83
N ILE A 40 -8.38 -1.32 18.50
CA ILE A 40 -8.01 -2.26 19.56
C ILE A 40 -6.54 -2.06 19.87
N LEU A 41 -6.23 -1.97 21.15
CA LEU A 41 -4.86 -1.72 21.59
C LEU A 41 -4.24 -3.05 22.00
N THR A 42 -3.12 -3.42 21.35
CA THR A 42 -2.39 -4.64 21.68
C THR A 42 -0.88 -4.33 21.75
N PRO A 43 -0.45 -3.44 22.65
CA PRO A 43 0.97 -3.06 22.68
C PRO A 43 1.94 -4.22 22.94
N GLU A 44 1.57 -5.18 23.78
CA GLU A 44 2.51 -6.28 24.07
C GLU A 44 2.64 -7.21 22.87
N LEU A 45 1.53 -7.53 22.20
CA LEU A 45 1.62 -8.33 20.98
C LEU A 45 2.35 -7.57 19.89
N ASP A 46 2.06 -6.27 19.77
CA ASP A 46 2.72 -5.45 18.76
C ASP A 46 4.23 -5.42 18.97
N ASN A 47 4.67 -5.31 20.22
CA ASN A 47 6.10 -5.29 20.49
C ASN A 47 6.77 -6.58 20.06
N LEU A 48 6.14 -7.72 20.36
CA LEU A 48 6.66 -8.99 19.88
C LEU A 48 6.70 -9.03 18.36
N ALA A 49 5.58 -8.68 17.70
CA ALA A 49 5.54 -8.72 16.24
C ALA A 49 6.65 -7.86 15.64
N GLN A 50 6.83 -6.64 16.17
CA GLN A 50 7.86 -5.74 15.65
C GLN A 50 9.26 -6.28 15.86
N ASN A 51 9.46 -7.10 16.90
CA ASN A 51 10.77 -7.68 17.18
C ASN A 51 10.94 -9.05 16.56
N GLY A 52 10.09 -9.40 15.60
CA GLY A 52 10.24 -10.63 14.85
C GLY A 52 9.69 -10.52 13.46
N SER A 53 9.01 -11.57 13.02
CA SER A 53 8.55 -11.67 11.64
C SER A 53 7.02 -11.66 11.61
N ILE A 54 6.45 -10.68 10.91
CA ILE A 54 5.01 -10.63 10.71
C ILE A 54 4.65 -11.32 9.41
N PHE A 55 3.70 -12.26 9.46
CA PHE A 55 3.29 -13.02 8.29
C PHE A 55 2.04 -12.40 7.70
N THR A 56 2.17 -11.83 6.50
CA THR A 56 1.09 -11.06 5.90
C THR A 56 0.14 -11.92 5.06
N SER A 57 0.50 -13.18 4.78
CA SER A 57 -0.36 -14.18 4.08
C SER A 57 -0.28 -15.53 4.84
N ALA A 58 -0.77 -15.53 6.08
CA ALA A 58 -0.84 -16.74 6.90
C ALA A 58 -2.24 -17.32 6.85
N TYR A 59 -2.33 -18.63 6.63
CA TYR A 59 -3.61 -19.31 6.51
C TYR A 59 -3.73 -20.44 7.52
N VAL A 60 -4.95 -20.64 8.02
CA VAL A 60 -5.26 -21.82 8.79
C VAL A 60 -5.88 -22.82 7.82
N ALA A 61 -5.85 -24.11 8.19
CA ALA A 61 -6.29 -25.19 7.31
C ALA A 61 -7.81 -25.31 7.19
N HIS A 62 -8.58 -24.63 8.01
CA HIS A 62 -10.04 -24.64 7.88
C HIS A 62 -10.61 -23.34 8.47
N PRO A 63 -11.71 -22.82 7.91
CA PRO A 63 -12.25 -21.55 8.40
C PRO A 63 -13.09 -21.63 9.67
N PHE A 64 -13.04 -22.75 10.41
CA PHE A 64 -13.72 -22.81 11.74
C PHE A 64 -12.89 -23.67 12.74
N OSE A 65 -13.10 -23.50 14.05
CA OSE A 65 -12.24 -24.08 15.13
CB OSE A 65 -12.88 -23.84 16.50
OG OSE A 65 -14.22 -24.18 16.41
C OSE A 65 -11.86 -25.54 15.07
O OSE A 65 -10.67 -25.83 14.93
S OSE A 65 -15.13 -22.93 16.45
O1S OSE A 65 -16.20 -23.20 15.53
O2S OSE A 65 -15.48 -22.98 17.85
O3S OSE A 65 -14.32 -21.80 16.09
N GLY A 66 -12.82 -26.43 15.25
CA GLY A 66 -12.50 -27.84 15.48
C GLY A 66 -11.56 -28.41 14.43
N PRO A 67 -11.94 -28.30 13.16
CA PRO A 67 -11.03 -28.75 12.08
C PRO A 67 -9.73 -27.98 12.01
N SER A 68 -9.76 -26.67 12.32
CA SER A 68 -8.52 -25.91 12.32
C SER A 68 -7.58 -26.41 13.42
N ARG A 69 -8.13 -26.67 14.60
CA ARG A 69 -7.27 -27.10 15.74
C ARG A 69 -6.74 -28.51 15.42
N SER A 70 -7.63 -29.39 14.98
CA SER A 70 -7.19 -30.71 14.56
C SER A 70 -6.00 -30.61 13.62
N ALA A 71 -6.08 -29.72 12.65
CA ALA A 71 -5.01 -29.58 11.67
C ALA A 71 -3.72 -29.06 12.31
N ILE A 72 -3.81 -28.13 13.26
CA ILE A 72 -2.59 -27.63 13.91
C ILE A 72 -1.89 -28.76 14.66
N LEU A 73 -2.65 -29.54 15.43
CA LEU A 73 -2.01 -30.55 16.26
C LEU A 73 -1.65 -31.83 15.49
N THR A 74 -2.43 -32.23 14.48
CA THR A 74 -2.05 -33.37 13.65
C THR A 74 -1.14 -33.03 12.49
N GLY A 75 -1.08 -31.78 12.05
CA GLY A 75 -0.30 -31.45 10.87
C GLY A 75 -0.89 -31.92 9.56
N ARG A 76 -2.19 -32.26 9.53
CA ARG A 76 -2.89 -32.70 8.33
C ARG A 76 -4.20 -31.92 8.15
N TYR A 77 -4.58 -31.68 6.90
CA TYR A 77 -5.89 -31.13 6.61
C TYR A 77 -6.96 -32.00 7.28
N PRO A 78 -8.03 -31.41 7.83
CA PRO A 78 -9.07 -32.23 8.47
C PRO A 78 -9.79 -33.15 7.51
N HIS A 79 -9.78 -32.83 6.21
CA HIS A 79 -10.39 -33.70 5.20
C HIS A 79 -9.67 -35.03 5.07
N LEU A 80 -8.44 -35.11 5.57
CA LEU A 80 -7.65 -36.35 5.56
C LEU A 80 -7.76 -37.13 6.84
N THR A 81 -8.35 -36.56 7.88
CA THR A 81 -8.43 -37.19 9.19
C THR A 81 -9.86 -37.44 9.63
N GLY A 82 -10.85 -37.06 8.82
CA GLY A 82 -12.24 -37.27 9.19
C GLY A 82 -12.79 -36.22 10.13
N THR A 83 -12.12 -35.09 10.28
CA THR A 83 -12.44 -34.14 11.35
C THR A 83 -12.78 -32.76 10.81
N ALA A 84 -13.43 -32.71 9.65
CA ALA A 84 -13.78 -31.47 8.96
C ALA A 84 -15.09 -30.82 9.43
N TYR A 85 -15.82 -31.44 10.36
CA TYR A 85 -16.94 -30.80 11.04
C TYR A 85 -16.61 -30.61 12.51
N ASN A 86 -17.25 -29.63 13.14
CA ASN A 86 -17.11 -29.48 14.59
C ASN A 86 -17.77 -30.65 15.32
N LEU A 87 -17.17 -31.06 16.43
CA LEU A 87 -17.89 -31.78 17.47
C LEU A 87 -19.02 -30.91 18.03
N PHE A 88 -20.17 -31.52 18.32
CA PHE A 88 -21.31 -30.77 18.86
C PHE A 88 -21.06 -30.38 20.32
N HIS A 89 -21.94 -29.51 20.76
CA HIS A 89 -21.93 -29.13 22.19
C HIS A 89 -22.12 -30.39 23.02
N ASN A 90 -21.34 -30.52 24.08
CA ASN A 90 -21.53 -31.64 25.02
C ASN A 90 -21.38 -32.98 24.30
N SER A 91 -20.38 -33.10 23.43
CA SER A 91 -20.16 -34.34 22.69
C SER A 91 -19.80 -35.47 23.64
N SER A 92 -19.96 -36.71 23.18
CA SER A 92 -19.91 -37.86 24.07
C SER A 92 -18.57 -37.97 24.77
N GLU A 93 -18.62 -38.22 26.08
CA GLU A 93 -17.44 -38.42 26.88
C GLU A 93 -17.11 -39.90 27.04
N ASP A 94 -17.74 -40.76 26.26
CA ASP A 94 -17.51 -42.20 26.30
C ASP A 94 -16.57 -42.60 25.19
N ASP A 95 -15.47 -43.27 25.55
CA ASP A 95 -14.49 -43.72 24.56
C ASP A 95 -15.15 -44.49 23.44
N LYS A 96 -16.19 -45.28 23.76
CA LYS A 96 -16.82 -46.13 22.76
C LYS A 96 -17.45 -45.33 21.63
N ASP A 97 -17.81 -44.07 21.87
CA ASP A 97 -18.45 -43.27 20.84
C ASP A 97 -17.45 -42.58 19.91
N ASN A 98 -16.15 -42.61 20.21
CA ASN A 98 -15.11 -42.10 19.29
C ASN A 98 -15.40 -40.69 18.78
N MET A 99 -16.00 -39.85 19.62
CA MET A 99 -16.27 -38.46 19.26
C MET A 99 -15.02 -37.64 19.54
N GLY A 100 -14.02 -37.78 18.65
CA GLY A 100 -12.76 -37.09 18.85
C GLY A 100 -11.79 -37.40 17.74
N VAL A 101 -10.73 -36.60 17.68
CA VAL A 101 -9.71 -36.77 16.64
C VAL A 101 -9.05 -38.15 16.80
N PRO A 102 -8.90 -38.93 15.73
CA PRO A 102 -8.41 -40.31 15.88
C PRO A 102 -7.12 -40.41 16.67
N VAL A 103 -7.10 -41.32 17.65
CA VAL A 103 -5.94 -41.44 18.53
C VAL A 103 -4.68 -41.83 17.77
N GLU A 104 -4.82 -42.47 16.60
CA GLU A 104 -3.69 -42.90 15.79
C GLU A 104 -2.96 -41.75 15.09
N GLU A 105 -3.58 -40.57 15.01
CA GLU A 105 -2.98 -39.41 14.37
C GLU A 105 -2.14 -38.70 15.41
N THR A 106 -0.86 -39.05 15.49
CA THR A 106 -0.02 -38.56 16.57
C THR A 106 0.16 -37.05 16.54
N TYR A 107 -0.14 -36.41 17.67
CA TYR A 107 -0.04 -34.96 17.82
C TYR A 107 1.41 -34.53 17.97
N MET A 108 1.70 -33.33 17.48
CA MET A 108 3.03 -32.78 17.66
C MET A 108 3.45 -32.67 19.13
N SER A 109 2.48 -32.52 20.04
CA SER A 109 2.80 -32.48 21.47
C SER A 109 3.46 -33.79 21.92
N LYS A 110 2.86 -34.93 21.57
CA LYS A 110 3.46 -36.23 21.85
C LYS A 110 4.86 -36.35 21.26
N VAL A 111 5.04 -35.93 20.01
CA VAL A 111 6.36 -36.01 19.41
C VAL A 111 7.37 -35.20 20.22
N LEU A 112 6.98 -34.00 20.64
CA LEU A 112 7.88 -33.13 21.40
C LEU A 112 8.12 -33.72 22.78
N GLN A 113 7.08 -34.29 23.38
CA GLN A 113 7.20 -34.90 24.69
C GLN A 113 8.19 -36.06 24.67
N ASN A 114 8.10 -36.91 23.64
CA ASN A 114 9.06 -38.00 23.49
C ASN A 114 10.46 -37.51 23.20
N ALA A 115 10.63 -36.29 22.70
CA ALA A 115 11.96 -35.74 22.48
C ALA A 115 12.48 -34.96 23.67
N GLY A 116 11.81 -35.06 24.81
CA GLY A 116 12.32 -34.48 26.04
C GLY A 116 11.74 -33.13 26.41
N TYR A 117 10.72 -32.63 25.71
CA TYR A 117 10.16 -31.36 26.11
C TYR A 117 9.19 -31.54 27.26
N TYR A 118 9.13 -30.54 28.12
CA TYR A 118 8.02 -30.36 29.05
C TYR A 118 6.87 -29.68 28.30
N THR A 119 5.71 -30.32 28.27
CA THR A 119 4.61 -29.93 27.40
C THR A 119 3.38 -29.56 28.22
N SER A 120 2.66 -28.52 27.77
CA SER A 120 1.56 -27.98 28.53
C SER A 120 0.52 -27.45 27.54
N ALA A 121 -0.75 -27.74 27.81
CA ALA A 121 -1.86 -27.15 27.06
C ALA A 121 -2.75 -26.39 28.03
N ILE A 122 -3.22 -25.20 27.60
CA ILE A 122 -3.98 -24.32 28.47
C ILE A 122 -5.13 -23.78 27.65
N GLY A 123 -6.34 -23.83 28.19
CA GLY A 123 -7.47 -23.13 27.60
C GLY A 123 -8.42 -24.08 26.88
N LYS A 124 -8.76 -23.75 25.65
CA LYS A 124 -9.70 -24.50 24.83
C LYS A 124 -9.03 -25.71 24.19
N TRP A 125 -9.76 -26.82 24.13
CA TRP A 125 -9.31 -28.05 23.49
C TRP A 125 -10.09 -28.30 22.20
N HIS A 126 -11.35 -28.75 22.34
CA HIS A 126 -12.26 -28.98 21.18
C HIS A 126 -11.78 -30.13 20.28
N LEU A 127 -11.04 -31.09 20.86
CA LEU A 127 -10.53 -32.19 20.07
C LEU A 127 -11.01 -33.54 20.61
N GLY A 128 -12.03 -33.54 21.45
CA GLY A 128 -12.54 -34.77 22.02
C GLY A 128 -12.73 -34.69 23.52
N ALA A 129 -13.91 -35.08 24.01
CA ALA A 129 -14.24 -34.94 25.42
C ALA A 129 -14.19 -36.27 26.15
N ALA A 130 -13.76 -37.35 25.49
CA ALA A 130 -13.65 -38.68 26.08
C ALA A 130 -12.23 -38.96 26.53
N PRO A 131 -12.04 -39.88 27.49
CA PRO A 131 -10.69 -40.10 28.04
C PRO A 131 -9.62 -40.34 27.02
N LYS A 132 -9.87 -41.18 25.99
CA LYS A 132 -8.82 -41.45 25.02
C LYS A 132 -8.37 -40.19 24.28
N PHE A 133 -9.18 -39.13 24.29
CA PHE A 133 -8.92 -37.90 23.55
C PHE A 133 -8.35 -36.80 24.42
N HIS A 134 -8.16 -37.07 25.71
CA HIS A 134 -7.77 -36.06 26.68
C HIS A 134 -6.35 -35.57 26.40
N PRO A 135 -6.08 -34.27 26.60
CA PRO A 135 -4.71 -33.77 26.43
C PRO A 135 -3.64 -34.63 27.11
N ASN A 136 -3.89 -35.09 28.34
CA ASN A 136 -2.88 -35.90 29.05
C ASN A 136 -2.56 -37.21 28.32
N LYS A 137 -3.48 -37.71 27.50
CA LYS A 137 -3.24 -38.87 26.67
C LYS A 137 -2.64 -38.53 25.31
N ARG A 138 -2.60 -37.24 24.96
CA ARG A 138 -2.21 -36.80 23.63
C ARG A 138 -0.93 -35.98 23.69
N GLY A 139 -0.06 -36.28 24.66
CA GLY A 139 1.26 -35.68 24.69
C GLY A 139 1.45 -34.51 25.63
N PHE A 140 0.46 -34.12 26.42
CA PHE A 140 0.60 -32.96 27.30
C PHE A 140 0.84 -33.42 28.75
N ASP A 141 2.01 -33.07 29.30
CA ASP A 141 2.26 -33.36 30.72
C ASP A 141 1.22 -32.69 31.59
N ASP A 142 0.80 -31.47 31.22
CA ASP A 142 -0.11 -30.69 32.01
C ASP A 142 -1.22 -30.15 31.12
N PHE A 143 -2.44 -30.12 31.65
CA PHE A 143 -3.58 -29.51 31.00
C PHE A 143 -4.38 -28.73 32.02
N TYR A 144 -4.77 -27.52 31.65
CA TYR A 144 -5.60 -26.66 32.47
C TYR A 144 -6.55 -25.95 31.51
N GLY A 145 -7.84 -26.24 31.60
CA GLY A 145 -8.79 -25.63 30.68
C GLY A 145 -10.08 -26.42 30.57
N PHE A 146 -10.67 -26.45 29.38
CA PHE A 146 -11.93 -27.12 29.15
C PHE A 146 -11.84 -27.89 27.85
N LEU A 147 -12.63 -28.95 27.76
CA LEU A 147 -12.47 -29.90 26.68
C LEU A 147 -13.29 -29.56 25.44
N GLY A 148 -14.34 -28.76 25.57
CA GLY A 148 -15.23 -28.48 24.46
C GLY A 148 -14.89 -27.20 23.72
N GLY A 149 -15.91 -26.59 23.11
CA GLY A 149 -15.76 -25.52 22.14
C GLY A 149 -15.81 -24.10 22.67
N GLY A 150 -16.19 -23.91 23.92
CA GLY A 150 -16.16 -22.57 24.49
C GLY A 150 -16.48 -22.61 25.96
N HIS A 151 -16.45 -21.43 26.58
CA HIS A 151 -16.71 -21.34 28.00
C HIS A 151 -17.08 -19.91 28.37
N ASP A 152 -18.02 -19.79 29.29
CA ASP A 152 -18.29 -18.51 29.95
C ASP A 152 -17.06 -18.04 30.72
N TYR A 153 -16.92 -16.72 30.81
CA TYR A 153 -15.64 -16.15 31.23
C TYR A 153 -15.54 -15.86 32.74
N PHE A 154 -16.66 -15.71 33.48
CA PHE A 154 -16.56 -15.30 34.89
C PHE A 154 -16.92 -16.44 35.83
N PRO A 155 -15.94 -17.03 36.53
CA PRO A 155 -16.25 -18.12 37.49
C PRO A 155 -17.37 -17.82 38.47
N SER A 156 -17.37 -16.64 39.09
CA SER A 156 -18.46 -16.29 39.98
C SER A 156 -19.81 -16.43 39.30
N GLU A 157 -19.88 -16.17 37.98
CA GLU A 157 -21.16 -16.31 37.29
C GLU A 157 -21.43 -17.75 36.88
N TYR A 158 -20.45 -18.43 36.25
CA TYR A 158 -20.79 -19.73 35.70
C TYR A 158 -20.84 -20.82 36.77
N GLN A 159 -20.06 -20.68 37.85
CA GLN A 159 -20.16 -21.65 38.94
C GLN A 159 -21.51 -21.56 39.65
N LYS A 160 -22.04 -20.35 39.81
CA LYS A 160 -23.39 -20.19 40.33
C LYS A 160 -24.41 -20.87 39.43
N THR A 161 -24.34 -20.57 38.13
CA THR A 161 -25.27 -21.18 37.18
C THR A 161 -25.16 -22.69 37.18
N TYR A 162 -23.94 -23.22 37.23
CA TYR A 162 -23.75 -24.67 37.23
C TYR A 162 -24.42 -25.31 38.44
N LYS A 163 -24.17 -24.75 39.64
CA LYS A 163 -24.76 -25.30 40.85
C LYS A 163 -26.28 -25.17 40.81
N ALA A 164 -26.77 -24.00 40.37
CA ALA A 164 -28.22 -23.77 40.29
C ALA A 164 -28.90 -24.75 39.34
N GLN A 165 -28.24 -25.09 38.24
CA GLN A 165 -28.84 -26.01 37.28
C GLN A 165 -28.76 -27.45 37.76
N LYS A 166 -27.70 -27.81 38.48
CA LYS A 166 -27.65 -29.11 39.14
C LYS A 166 -28.78 -29.23 40.16
N LYS A 167 -28.99 -28.18 40.98
CA LYS A 167 -30.06 -28.22 41.97
C LYS A 167 -31.44 -28.33 41.32
N ALA A 168 -31.63 -27.66 40.19
CA ALA A 168 -32.91 -27.79 39.48
C ALA A 168 -33.05 -29.13 38.76
N GLY A 169 -32.04 -29.99 38.82
CA GLY A 169 -32.12 -31.26 38.11
C GLY A 169 -31.99 -31.18 36.60
N ASN A 170 -31.26 -30.18 36.09
CA ASN A 170 -31.01 -30.08 34.66
C ASN A 170 -30.26 -31.33 34.17
N PRO A 171 -30.84 -32.10 33.26
CA PRO A 171 -30.14 -33.30 32.78
C PRO A 171 -29.16 -33.01 31.64
N ASN A 172 -29.17 -31.80 31.07
CA ASN A 172 -28.35 -31.44 29.91
C ASN A 172 -27.71 -30.07 30.12
N ILE A 173 -26.89 -29.96 31.17
CA ILE A 173 -26.21 -28.70 31.46
C ILE A 173 -25.22 -28.39 30.33
N ARG A 174 -25.23 -27.14 29.86
CA ARG A 174 -24.35 -26.75 28.78
CA ARG A 174 -24.35 -26.74 28.78
C ARG A 174 -22.90 -26.76 29.24
N ASP A 175 -22.02 -27.31 28.40
CA ASP A 175 -20.62 -27.41 28.81
C ASP A 175 -19.98 -26.04 28.98
N TYR A 176 -20.59 -24.98 28.46
CA TYR A 176 -20.06 -23.63 28.67
C TYR A 176 -20.03 -23.22 30.14
N VAL A 177 -20.80 -23.87 31.00
CA VAL A 177 -20.76 -23.52 32.42
C VAL A 177 -20.17 -24.64 33.28
N PHE A 178 -19.65 -25.71 32.66
CA PHE A 178 -19.00 -26.79 33.41
C PHE A 178 -17.79 -26.26 34.18
N PRO A 179 -17.51 -26.82 35.35
CA PRO A 179 -16.23 -26.53 36.01
C PRO A 179 -15.07 -26.86 35.09
N MET A 180 -14.04 -26.01 35.10
CA MET A 180 -12.87 -26.37 34.31
C MET A 180 -12.01 -27.36 35.09
N GLU A 181 -10.98 -27.88 34.46
CA GLU A 181 -10.20 -28.95 35.05
C GLU A 181 -8.72 -28.67 34.97
N HIS A 182 -7.98 -29.36 35.85
CA HIS A 182 -6.54 -29.32 35.86
C HIS A 182 -6.08 -30.77 35.96
N ASN A 183 -5.49 -31.29 34.89
CA ASN A 183 -5.12 -32.71 34.78
C ASN A 183 -6.21 -33.63 35.32
N GLY A 184 -7.45 -33.32 34.96
CA GLY A 184 -8.56 -34.18 35.31
C GLY A 184 -9.20 -33.89 36.64
N LYS A 185 -8.63 -32.98 37.45
CA LYS A 185 -9.22 -32.55 38.72
C LYS A 185 -9.90 -31.20 38.55
N PRO A 186 -10.82 -30.84 39.43
CA PRO A 186 -11.46 -29.54 39.35
C PRO A 186 -10.44 -28.42 39.43
N ALA A 187 -10.67 -27.38 38.60
CA ALA A 187 -9.75 -26.25 38.51
C ALA A 187 -9.96 -25.23 39.62
N ASN A 188 -11.19 -25.11 40.12
CA ASN A 188 -11.56 -24.06 41.09
C ASN A 188 -10.98 -22.71 40.67
N GLU A 189 -11.22 -22.35 39.41
CA GLU A 189 -10.78 -21.05 38.91
C GLU A 189 -11.44 -19.94 39.71
N THR A 190 -10.69 -18.89 40.02
CA THR A 190 -11.26 -17.72 40.67
C THR A 190 -11.17 -16.45 39.84
N GLU A 191 -10.48 -16.46 38.71
CA GLU A 191 -10.28 -15.25 37.91
C GLU A 191 -11.06 -15.31 36.61
N TYR A 192 -11.34 -14.13 36.05
CA TYR A 192 -11.73 -14.05 34.63
C TYR A 192 -10.82 -14.97 33.83
N ILE A 193 -11.40 -15.86 33.02
CA ILE A 193 -10.61 -17.05 32.68
C ILE A 193 -9.45 -16.72 31.77
N THR A 194 -9.53 -15.65 31.00
CA THR A 194 -8.35 -15.20 30.25
C THR A 194 -7.19 -14.94 31.19
N ASP A 195 -7.46 -14.25 32.31
CA ASP A 195 -6.42 -13.99 33.30
C ASP A 195 -5.94 -15.28 33.95
N GLY A 196 -6.85 -16.23 34.15
CA GLY A 196 -6.45 -17.53 34.67
C GLY A 196 -5.55 -18.28 33.72
N PHE A 197 -5.91 -18.29 32.43
CA PHE A 197 -5.04 -18.97 31.45
C PHE A 197 -3.67 -18.30 31.38
N SER A 198 -3.62 -16.96 31.44
CA SER A 198 -2.33 -16.29 31.51
C SER A 198 -1.55 -16.70 32.77
N ARG A 199 -2.23 -16.85 33.91
CA ARG A 199 -1.57 -17.26 35.15
C ARG A 199 -0.95 -18.65 35.01
N GLU A 200 -1.71 -19.60 34.45
CA GLU A 200 -1.21 -20.96 34.28
C GLU A 200 -0.06 -21.03 33.29
N ALA A 201 -0.05 -20.16 32.28
CA ALA A 201 1.07 -20.12 31.36
C ALA A 201 2.34 -19.70 32.07
N ILE A 202 2.24 -18.61 32.84
CA ILE A 202 3.36 -18.14 33.68
C ILE A 202 3.88 -19.26 34.58
N LYS A 203 2.95 -19.97 35.24
CA LYS A 203 3.36 -21.03 36.17
C LYS A 203 4.09 -22.14 35.42
N ASN A 204 3.53 -22.60 34.31
CA ASN A 204 4.22 -23.62 33.51
C ASN A 204 5.57 -23.14 32.99
N ILE A 205 5.69 -21.86 32.59
CA ILE A 205 7.01 -21.35 32.25
C ILE A 205 7.96 -21.47 33.44
N LYS A 206 7.48 -21.19 34.66
CA LYS A 206 8.37 -21.25 35.82
C LYS A 206 8.71 -22.70 36.17
N ILE A 207 7.75 -23.62 35.98
CA ILE A 207 8.04 -25.03 36.19
C ILE A 207 9.14 -25.50 35.24
N ALA A 208 9.01 -25.15 33.96
CA ALA A 208 10.02 -25.54 32.98
C ALA A 208 11.39 -24.97 33.33
N ALA A 209 11.42 -23.72 33.78
CA ALA A 209 12.68 -23.13 34.25
C ALA A 209 13.25 -23.95 35.41
N ALA A 210 12.41 -24.35 36.37
CA ALA A 210 12.89 -25.11 37.51
C ALA A 210 13.39 -26.49 37.11
N LYS A 211 12.72 -27.12 36.15
CA LYS A 211 13.15 -28.42 35.67
C LYS A 211 14.36 -28.34 34.75
N LYS A 212 14.70 -27.15 34.25
CA LYS A 212 15.85 -27.00 33.36
C LYS A 212 15.63 -27.81 32.07
N GLN A 213 14.41 -27.72 31.54
CA GLN A 213 13.92 -28.52 30.44
C GLN A 213 13.26 -27.62 29.41
N PRO A 214 13.48 -27.87 28.12
CA PRO A 214 12.76 -27.08 27.10
C PRO A 214 11.27 -27.30 27.26
N PHE A 215 10.49 -26.26 26.92
CA PHE A 215 9.05 -26.37 27.06
C PHE A 215 8.37 -26.21 25.70
N PHE A 216 7.19 -26.81 25.61
CA PHE A 216 6.22 -26.53 24.55
C PHE A 216 4.90 -26.24 25.25
N ILE A 217 4.39 -25.03 25.06
CA ILE A 217 3.15 -24.63 25.71
C ILE A 217 2.16 -24.27 24.63
N TYR A 218 1.00 -24.92 24.64
CA TYR A 218 -0.08 -24.65 23.71
C TYR A 218 -1.12 -23.85 24.48
N LEU A 219 -1.06 -22.53 24.34
CA LEU A 219 -1.92 -21.59 25.09
C LEU A 219 -3.09 -21.17 24.18
N ALA A 220 -4.24 -21.81 24.39
CA ALA A 220 -5.42 -21.67 23.53
C ALA A 220 -6.48 -20.83 24.24
N TYR A 221 -6.23 -19.53 24.29
CA TYR A 221 -7.27 -18.63 24.80
C TYR A 221 -8.58 -18.87 24.06
N ASN A 222 -9.69 -18.87 24.80
CA ASN A 222 -10.95 -18.83 24.08
C ASN A 222 -11.31 -17.41 23.63
N ALA A 223 -10.71 -16.38 24.20
CA ALA A 223 -10.96 -15.02 23.72
C ALA A 223 -10.46 -14.84 22.27
N PRO A 224 -11.14 -14.02 21.44
CA PRO A 224 -12.38 -13.26 21.70
C PRO A 224 -13.68 -13.98 21.26
N HIS A 225 -13.73 -15.30 21.37
CA HIS A 225 -14.92 -16.08 21.02
C HIS A 225 -16.06 -15.74 21.99
N VAL A 226 -17.29 -15.76 21.47
CA VAL A 226 -18.50 -15.52 22.25
C VAL A 226 -18.51 -16.50 23.43
N PRO A 227 -19.20 -16.19 24.52
CA PRO A 227 -20.01 -14.98 24.75
C PRO A 227 -19.10 -13.80 25.00
N LEU A 228 -19.48 -12.62 24.50
CA LEU A 228 -18.68 -11.41 24.71
C LEU A 228 -18.86 -10.98 26.16
N GLN A 229 -17.85 -11.25 26.97
CA GLN A 229 -17.86 -10.94 28.39
C GLN A 229 -16.47 -10.41 28.72
N ALA A 230 -16.42 -9.26 29.39
CA ALA A 230 -15.15 -8.57 29.59
C ALA A 230 -15.11 -7.94 30.97
N LYS A 231 -13.91 -7.74 31.48
CA LYS A 231 -13.73 -7.08 32.76
C LYS A 231 -13.97 -5.58 32.64
N ALA A 232 -14.53 -4.99 33.71
CA ALA A 232 -14.82 -3.57 33.68
C ALA A 232 -13.55 -2.75 33.46
N GLU A 233 -12.42 -3.20 34.02
CA GLU A 233 -11.16 -2.46 33.87
C GLU A 233 -10.67 -2.50 32.44
N ASP A 234 -10.93 -3.60 31.71
CA ASP A 234 -10.54 -3.62 30.31
C ASP A 234 -11.53 -2.82 29.45
N VAL A 235 -12.83 -2.90 29.77
CA VAL A 235 -13.84 -2.11 29.07
C VAL A 235 -13.51 -0.63 29.14
N ALA A 236 -13.03 -0.15 30.30
CA ALA A 236 -12.78 1.28 30.45
C ALA A 236 -11.70 1.78 29.50
N LYS A 237 -10.79 0.91 29.07
CA LYS A 237 -9.79 1.24 28.06
C LYS A 237 -10.45 1.64 26.74
N PHE A 238 -11.69 1.23 26.52
CA PHE A 238 -12.39 1.44 25.26
C PHE A 238 -13.76 2.06 25.49
N ALA A 239 -13.91 2.87 26.55
CA ALA A 239 -15.24 3.24 27.00
C ALA A 239 -15.98 4.09 25.98
N HIS A 240 -15.24 4.81 25.13
CA HIS A 240 -15.84 5.68 24.14
C HIS A 240 -16.40 4.94 22.92
N ILE A 241 -16.05 3.66 22.74
CA ILE A 241 -16.54 2.92 21.59
C ILE A 241 -18.03 2.68 21.77
N LYS A 242 -18.85 3.26 20.89
CA LYS A 242 -20.30 3.27 21.08
C LYS A 242 -20.93 1.90 20.82
N ASP A 243 -20.39 1.13 19.88
CA ASP A 243 -20.97 -0.19 19.64
C ASP A 243 -20.58 -1.11 20.78
N LYS A 244 -21.57 -1.62 21.51
CA LYS A 244 -21.31 -2.39 22.72
C LYS A 244 -20.57 -3.67 22.42
N ASP A 245 -20.91 -4.34 21.31
CA ASP A 245 -20.18 -5.53 20.92
C ASP A 245 -18.72 -5.21 20.62
N ARG A 246 -18.48 -4.20 19.78
CA ARG A 246 -17.10 -3.86 19.48
C ARG A 246 -16.35 -3.47 20.76
N ARG A 247 -17.02 -2.77 21.67
CA ARG A 247 -16.35 -2.34 22.89
C ARG A 247 -15.96 -3.52 23.76
N THR A 248 -16.86 -4.49 23.88
CA THR A 248 -16.58 -5.65 24.73
C THR A 248 -15.50 -6.54 24.11
N TYR A 249 -15.58 -6.75 22.80
CA TYR A 249 -14.60 -7.55 22.06
C TYR A 249 -13.20 -6.99 22.17
N ALA A 250 -13.07 -5.66 22.02
CA ALA A 250 -11.77 -5.01 22.16
C ALA A 250 -11.19 -5.25 23.54
N ALA A 251 -12.02 -5.11 24.57
CA ALA A 251 -11.59 -5.39 25.93
C ALA A 251 -11.20 -6.84 26.08
N MET A 252 -11.84 -7.74 25.36
CA MET A 252 -11.48 -9.17 25.52
C MET A 252 -10.09 -9.39 24.92
N VAL A 253 -9.83 -8.77 23.77
CA VAL A 253 -8.53 -8.92 23.11
C VAL A 253 -7.46 -8.25 23.95
N TYR A 254 -7.78 -7.08 24.49
CA TYR A 254 -6.86 -6.40 25.39
C TYR A 254 -6.44 -7.28 26.56
N ALA A 255 -7.37 -8.07 27.10
CA ALA A 255 -7.01 -8.95 28.22
C ALA A 255 -5.97 -9.99 27.81
N VAL A 256 -6.09 -10.50 26.58
CA VAL A 256 -5.05 -11.39 26.08
C VAL A 256 -3.73 -10.65 26.02
N ASP A 257 -3.76 -9.44 25.45
CA ASP A 257 -2.53 -8.65 25.36
C ASP A 257 -1.90 -8.43 26.73
N ARG A 258 -2.72 -8.17 27.75
CA ARG A 258 -2.18 -8.05 29.12
C ARG A 258 -1.46 -9.33 29.52
N GLY A 259 -2.09 -10.47 29.26
CA GLY A 259 -1.49 -11.74 29.65
C GLY A 259 -0.20 -12.01 28.92
N VAL A 260 -0.12 -11.63 27.65
CA VAL A 260 1.10 -11.82 26.88
C VAL A 260 2.23 -10.98 27.47
N GLY A 261 1.89 -9.77 27.91
CA GLY A 261 2.91 -8.92 28.52
C GLY A 261 3.48 -9.52 29.79
N LYS A 262 2.63 -10.15 30.60
CA LYS A 262 3.12 -10.78 31.83
C LYS A 262 3.90 -12.04 31.50
N ILE A 263 3.44 -12.80 30.51
CA ILE A 263 4.17 -13.98 30.08
C ILE A 263 5.57 -13.59 29.61
N VAL A 264 5.64 -12.52 28.81
CA VAL A 264 6.93 -12.03 28.32
C VAL A 264 7.84 -11.63 29.48
N GLN A 265 7.30 -10.95 30.50
CA GLN A 265 8.21 -10.60 31.59
C GLN A 265 8.68 -11.84 32.32
N THR A 266 7.81 -12.86 32.44
CA THR A 266 8.22 -14.12 33.06
C THR A 266 9.32 -14.80 32.27
N LEU A 267 9.21 -14.80 30.94
CA LEU A 267 10.24 -15.41 30.11
C LEU A 267 11.58 -14.70 30.28
N LYS A 268 11.57 -13.37 30.45
CA LYS A 268 12.79 -12.63 30.68
C LYS A 268 13.37 -12.91 32.06
N GLU A 269 12.51 -12.97 33.08
CA GLU A 269 12.98 -13.20 34.45
C GLU A 269 13.62 -14.57 34.61
N THR A 270 13.11 -15.57 33.89
CA THR A 270 13.66 -16.92 33.90
C THR A 270 14.75 -17.14 32.85
N LYS A 271 15.11 -16.10 32.10
CA LYS A 271 16.15 -16.17 31.07
C LYS A 271 15.81 -17.17 29.99
N GLN A 272 14.52 -17.35 29.69
CA GLN A 272 14.12 -18.19 28.56
C GLN A 272 13.66 -17.39 27.35
N PHE A 273 13.66 -16.05 27.42
CA PHE A 273 13.06 -15.22 26.38
C PHE A 273 13.84 -15.30 25.07
N ASP A 274 15.17 -15.20 25.15
CA ASP A 274 15.97 -15.10 23.94
C ASP A 274 15.86 -16.37 23.10
N ASN A 275 15.75 -17.53 23.73
CA ASN A 275 15.73 -18.80 23.03
C ASN A 275 14.35 -19.48 23.11
N THR A 276 13.29 -18.66 23.06
CA THR A 276 11.93 -19.15 22.94
C THR A 276 11.34 -18.65 21.61
N LEU A 277 10.84 -19.58 20.80
CA LEU A 277 10.06 -19.21 19.63
C LEU A 277 8.60 -19.02 20.05
N ILE A 278 8.10 -17.79 19.93
CA ILE A 278 6.70 -17.49 20.21
C ILE A 278 5.98 -17.38 18.87
N VAL A 279 4.96 -18.21 18.67
CA VAL A 279 4.10 -18.15 17.49
C VAL A 279 2.72 -17.69 17.95
N PHE A 280 2.23 -16.59 17.40
CA PHE A 280 0.91 -16.07 17.75
C PHE A 280 0.03 -16.14 16.51
N LEU A 281 -1.19 -16.68 16.64
CA LEU A 281 -2.15 -16.68 15.53
C LEU A 281 -3.57 -16.86 16.05
N SER A 282 -4.54 -16.73 15.14
CA SER A 282 -5.93 -17.04 15.37
C SER A 282 -6.26 -18.39 14.77
N ASP A 283 -7.20 -19.11 15.37
CA ASP A 283 -7.62 -20.42 14.80
C ASP A 283 -8.45 -20.24 13.52
N ASN A 284 -9.02 -19.07 13.34
CA ASN A 284 -9.77 -18.82 12.08
C ASN A 284 -10.14 -17.33 11.99
N GLY A 285 -10.84 -16.97 10.92
CA GLY A 285 -11.22 -15.58 10.74
C GLY A 285 -12.19 -15.09 11.79
N GLY A 286 -12.30 -13.76 11.88
CA GLY A 286 -13.21 -13.18 12.85
C GLY A 286 -14.65 -13.37 12.41
N ASN A 287 -15.54 -13.50 13.39
CA ASN A 287 -16.98 -13.56 13.12
C ASN A 287 -17.51 -12.14 13.18
N PHE A 288 -17.82 -11.54 12.01
CA PHE A 288 -18.18 -10.13 12.05
C PHE A 288 -19.59 -9.89 12.58
N ASN A 289 -20.29 -10.94 13.01
CA ASN A 289 -21.54 -10.74 13.72
C ASN A 289 -21.36 -10.46 15.20
N HIS A 290 -20.18 -10.73 15.75
CA HIS A 290 -19.93 -10.69 17.19
C HIS A 290 -18.64 -9.94 17.49
N GLY A 291 -18.51 -8.76 16.91
CA GLY A 291 -17.48 -7.83 17.30
C GLY A 291 -16.24 -7.82 16.43
N ALA A 292 -16.05 -8.81 15.55
CA ALA A 292 -14.76 -8.90 14.86
C ALA A 292 -14.76 -8.05 13.59
N ASN A 293 -13.55 -7.72 13.13
CA ASN A 293 -13.35 -6.96 11.90
C ASN A 293 -12.21 -7.61 11.12
N ASN A 294 -12.48 -8.06 9.89
CA ASN A 294 -11.49 -8.74 9.05
C ASN A 294 -10.88 -7.85 7.96
N TYR A 295 -11.04 -6.52 8.04
CA TYR A 295 -10.51 -5.60 7.01
C TYR A 295 -9.04 -5.91 6.74
N PRO A 296 -8.59 -5.89 5.48
CA PRO A 296 -9.32 -5.55 4.24
C PRO A 296 -9.91 -6.78 3.55
N LEU A 297 -9.99 -7.91 4.25
CA LEU A 297 -10.50 -9.15 3.65
C LEU A 297 -12.02 -9.15 3.55
N LYS A 298 -12.51 -9.88 2.56
CA LYS A 298 -13.93 -10.15 2.42
C LYS A 298 -14.35 -11.30 3.33
N GLY A 299 -15.53 -11.17 3.93
CA GLY A 299 -16.15 -12.33 4.53
C GLY A 299 -15.86 -12.48 6.01
N THR A 300 -16.26 -13.65 6.53
CA THR A 300 -16.36 -13.87 7.96
C THR A 300 -15.97 -15.32 8.28
N LYS A 301 -15.75 -15.61 9.56
CA LYS A 301 -15.56 -16.98 10.06
C LYS A 301 -16.44 -17.98 9.32
N GLY A 302 -15.82 -19.08 8.85
CA GLY A 302 -16.52 -20.11 8.10
C GLY A 302 -16.47 -20.00 6.58
N ASP A 303 -16.13 -18.83 6.03
CA ASP A 303 -16.10 -18.63 4.59
C ASP A 303 -14.78 -19.13 3.99
N THR A 304 -14.78 -19.39 2.68
CA THR A 304 -13.53 -19.59 1.95
C THR A 304 -13.09 -18.34 1.18
N TRP A 305 -13.79 -17.23 1.38
CA TRP A 305 -13.16 -15.92 1.19
C TRP A 305 -11.96 -15.85 2.12
N GLU A 306 -10.99 -14.99 1.79
CA GLU A 306 -9.82 -14.83 2.68
C GLU A 306 -10.23 -14.58 4.11
N GLY A 307 -11.35 -13.87 4.32
CA GLY A 307 -11.77 -13.53 5.67
C GLY A 307 -12.02 -14.73 6.58
N GLY A 308 -12.37 -15.89 6.01
CA GLY A 308 -12.65 -17.04 6.85
C GLY A 308 -11.41 -17.77 7.37
N TYR A 309 -10.29 -17.69 6.65
CA TYR A 309 -9.16 -18.52 7.07
C TYR A 309 -7.77 -17.91 6.91
N ARG A 310 -7.68 -16.64 6.53
CA ARG A 310 -6.42 -15.91 6.54
C ARG A 310 -6.36 -15.13 7.85
N VAL A 311 -5.27 -15.30 8.61
CA VAL A 311 -5.27 -14.92 10.03
C VAL A 311 -4.01 -14.11 10.34
N PRO A 312 -4.01 -13.31 11.42
CA PRO A 312 -2.78 -12.67 11.82
C PRO A 312 -1.82 -13.72 12.36
N MET A 313 -0.52 -13.52 12.12
CA MET A 313 0.53 -14.40 12.64
C MET A 313 1.87 -13.70 12.75
N PHE A 314 2.58 -13.94 13.85
CA PHE A 314 3.98 -13.58 13.90
C PHE A 314 4.76 -14.75 14.50
N PHE A 315 6.05 -14.80 14.16
CA PHE A 315 7.07 -15.60 14.84
C PHE A 315 7.99 -14.66 15.58
N HIS A 316 8.28 -14.93 16.86
CA HIS A 316 9.22 -14.12 17.65
C HIS A 316 10.22 -15.04 18.34
N TRP A 317 11.52 -14.88 18.01
CA TRP A 317 12.61 -15.77 18.45
C TRP A 317 13.93 -14.99 18.41
N PRO A 318 14.24 -14.23 19.47
CA PRO A 318 15.34 -13.25 19.35
C PRO A 318 16.66 -13.85 18.89
N LYS A 319 16.93 -15.11 19.24
CA LYS A 319 18.19 -15.76 18.88
C LYS A 319 18.39 -15.84 17.38
N LYS A 320 17.31 -15.99 16.61
CA LYS A 320 17.45 -16.32 15.20
C LYS A 320 16.69 -15.36 14.28
N ILE A 321 15.49 -14.94 14.64
CA ILE A 321 14.65 -14.17 13.74
C ILE A 321 14.93 -12.69 13.93
N LYS A 322 15.26 -12.01 12.83
CA LYS A 322 15.59 -10.59 12.88
C LYS A 322 14.36 -9.77 13.25
N LYS A 323 14.60 -8.55 13.70
CA LYS A 323 13.53 -7.61 14.02
C LYS A 323 12.98 -6.97 12.75
N ASP A 324 11.76 -6.42 12.86
CA ASP A 324 11.10 -5.66 11.79
C ASP A 324 10.97 -6.45 10.49
N GLN A 325 10.87 -7.76 10.56
CA GLN A 325 10.71 -8.53 9.34
C GLN A 325 9.22 -8.64 8.98
N ARG A 326 8.93 -8.54 7.68
CA ARG A 326 7.63 -8.90 7.15
C ARG A 326 7.84 -10.03 6.15
N PHE A 327 7.18 -11.16 6.39
CA PHE A 327 7.25 -12.31 5.50
C PHE A 327 5.98 -12.34 4.67
N ASP A 328 6.10 -12.07 3.36
CA ASP A 328 4.94 -11.87 2.51
C ASP A 328 4.56 -13.11 1.70
N PHE A 329 5.39 -14.20 1.72
CA PHE A 329 4.97 -15.38 1.00
C PHE A 329 3.94 -16.18 1.81
N PRO A 330 3.02 -16.86 1.15
CA PRO A 330 1.99 -17.60 1.89
C PRO A 330 2.52 -18.80 2.66
N VAL A 331 1.94 -19.00 3.85
CA VAL A 331 2.28 -20.08 4.76
C VAL A 331 0.98 -20.63 5.35
N SER A 332 1.08 -21.79 5.98
CA SER A 332 -0.05 -22.50 6.53
C SER A 332 0.20 -22.83 8.00
N SER A 333 -0.88 -22.85 8.78
CA SER A 333 -0.78 -23.39 10.13
C SER A 333 -0.33 -24.86 10.10
N LEU A 334 -0.48 -25.55 8.97
CA LEU A 334 0.08 -26.89 8.82
C LEU A 334 1.60 -26.89 8.93
N ASP A 335 2.26 -25.74 8.75
CA ASP A 335 3.71 -25.73 8.84
C ASP A 335 4.21 -25.83 10.29
N LEU A 336 3.37 -25.56 11.28
CA LEU A 336 3.84 -25.56 12.67
C LEU A 336 4.35 -26.93 13.09
N TYR A 337 3.63 -28.00 12.75
CA TYR A 337 4.09 -29.35 13.11
C TYR A 337 5.49 -29.64 12.58
N PRO A 338 5.74 -29.69 11.26
CA PRO A 338 7.12 -30.02 10.83
C PRO A 338 8.13 -29.00 11.27
N THR A 339 7.77 -27.72 11.35
CA THR A 339 8.72 -26.73 11.80
C THR A 339 9.13 -26.97 13.25
N PHE A 340 8.15 -27.21 14.13
CA PHE A 340 8.46 -27.39 15.55
C PHE A 340 9.26 -28.68 15.78
N THR A 341 8.85 -29.77 15.14
CA THR A 341 9.56 -31.03 15.37
C THR A 341 10.97 -30.96 14.80
N GLY A 342 11.14 -30.20 13.71
CA GLY A 342 12.47 -29.94 13.21
C GLY A 342 13.32 -29.16 14.20
N LEU A 343 12.75 -28.10 14.80
CA LEU A 343 13.51 -27.31 15.76
C LEU A 343 13.87 -28.15 16.98
N ALA A 344 13.00 -29.09 17.34
CA ALA A 344 13.19 -29.94 18.48
C ALA A 344 14.11 -31.11 18.18
N GLU A 345 14.61 -31.21 16.95
CA GLU A 345 15.39 -32.34 16.47
C GLU A 345 14.68 -33.64 16.82
N ALA A 346 13.36 -33.62 16.72
CA ALA A 346 12.53 -34.75 17.12
C ALA A 346 12.29 -35.66 15.93
N LYS A 347 12.17 -36.96 16.21
CA LYS A 347 11.94 -37.96 15.17
C LYS A 347 10.45 -38.20 14.98
N LEU A 348 10.01 -38.20 13.73
CA LEU A 348 8.58 -38.43 13.51
C LEU A 348 8.25 -39.91 13.66
N PRO A 349 7.08 -40.24 14.21
CA PRO A 349 6.68 -41.65 14.27
C PRO A 349 6.65 -42.24 12.88
N LYS A 350 6.92 -43.54 12.80
CA LYS A 350 6.95 -44.18 11.49
C LYS A 350 5.55 -44.14 10.89
N GLY A 351 5.50 -43.80 9.59
CA GLY A 351 4.24 -43.68 8.89
C GLY A 351 3.51 -42.37 9.08
N LYS A 352 4.06 -41.43 9.84
CA LYS A 352 3.35 -40.17 10.05
C LYS A 352 3.29 -39.36 8.77
N GLN A 353 2.10 -38.89 8.42
CA GLN A 353 1.85 -38.05 7.24
C GLN A 353 1.63 -36.60 7.67
N LEU A 354 2.19 -35.66 6.90
CA LEU A 354 2.15 -34.24 7.20
C LEU A 354 1.85 -33.45 5.93
N ASP A 355 0.98 -32.44 6.03
CA ASP A 355 0.62 -31.66 4.86
C ASP A 355 1.38 -30.35 4.74
N GLY A 356 2.10 -29.94 5.78
CA GLY A 356 2.87 -28.72 5.75
C GLY A 356 4.35 -28.94 5.56
N LYS A 357 5.09 -27.84 5.70
CA LYS A 357 6.52 -27.85 5.49
C LYS A 357 7.22 -27.20 6.68
N ASN A 358 8.47 -27.59 6.86
CA ASN A 358 9.36 -26.95 7.82
C ASN A 358 9.85 -25.66 7.18
N ILE A 359 9.32 -24.53 7.61
CA ILE A 359 9.53 -23.28 6.91
C ILE A 359 10.58 -22.40 7.58
N MET A 360 11.26 -22.87 8.62
CA MET A 360 12.06 -21.92 9.37
C MET A 360 13.24 -21.41 8.54
N ASP A 361 13.86 -22.29 7.74
CA ASP A 361 14.92 -21.80 6.86
C ASP A 361 14.39 -20.77 5.86
N ASP A 362 13.17 -20.99 5.35
CA ASP A 362 12.59 -19.99 4.44
C ASP A 362 12.36 -18.65 5.13
N VAL A 363 11.92 -18.67 6.38
CA VAL A 363 11.71 -17.42 7.09
C VAL A 363 13.03 -16.70 7.33
N LEU A 364 14.08 -17.46 7.66
CA LEU A 364 15.37 -16.85 7.95
C LEU A 364 16.01 -16.26 6.70
N LYS A 365 15.78 -16.89 5.55
CA LYS A 365 16.36 -16.44 4.30
C LYS A 365 15.38 -15.70 3.40
N ASN A 366 14.15 -15.47 3.87
CA ASN A 366 13.12 -14.80 3.05
C ASN A 366 12.98 -15.45 1.68
N THR A 367 12.78 -16.77 1.69
CA THR A 367 12.48 -17.51 0.47
C THR A 367 11.07 -18.08 0.59
N GLU A 368 10.54 -18.56 -0.57
CA GLU A 368 9.13 -18.86 -0.78
C GLU A 368 8.85 -20.34 -0.57
N PRO A 369 8.28 -20.75 0.57
CA PRO A 369 8.15 -22.19 0.82
C PRO A 369 7.13 -22.89 -0.09
N TYR A 370 6.08 -22.20 -0.51
CA TYR A 370 5.03 -22.83 -1.30
C TYR A 370 5.12 -22.48 -2.77
N LYS A 371 6.32 -22.17 -3.27
CA LYS A 371 6.46 -21.76 -4.66
C LYS A 371 5.90 -22.81 -5.59
N ASP A 372 4.99 -22.40 -6.47
CA ASP A 372 4.27 -23.30 -7.37
C ASP A 372 3.51 -24.39 -6.64
N GLU A 373 3.16 -24.19 -5.36
CA GLU A 373 2.31 -25.15 -4.66
C GLU A 373 1.10 -24.45 -4.03
N MET A 374 0.15 -25.29 -3.65
CA MET A 374 -1.15 -24.75 -3.23
C MET A 374 -1.43 -24.80 -1.74
N ILE A 375 -2.13 -23.78 -1.26
CA ILE A 375 -2.72 -23.78 0.06
C ILE A 375 -4.23 -23.73 -0.13
N TYR A 376 -4.94 -24.62 0.56
CA TYR A 376 -6.31 -24.96 0.22
C TYR A 376 -7.24 -24.70 1.39
N SER A 377 -8.52 -24.45 1.05
CA SER A 377 -9.59 -24.68 2.00
C SER A 377 -10.80 -25.26 1.27
N LEU A 378 -11.48 -26.19 1.92
CA LEU A 378 -12.77 -26.64 1.44
C LEU A 378 -13.68 -26.77 2.66
N ARG A 379 -14.85 -26.15 2.61
CA ARG A 379 -15.74 -26.12 3.75
C ARG A 379 -17.09 -26.66 3.34
N TYR A 380 -17.58 -27.68 4.07
CA TYR A 380 -18.86 -28.30 3.70
C TYR A 380 -20.04 -27.42 4.08
N ARG A 381 -20.96 -27.24 3.12
CA ARG A 381 -22.21 -26.51 3.34
C ARG A 381 -23.38 -27.50 3.26
N GLU A 382 -24.60 -26.97 3.29
CA GLU A 382 -25.80 -27.80 3.27
C GLU A 382 -26.17 -28.09 1.82
N GLY A 383 -25.41 -29.00 1.20
CA GLY A 383 -25.69 -29.46 -0.14
C GLY A 383 -24.65 -29.09 -1.18
N TYR A 384 -23.58 -28.40 -0.80
CA TYR A 384 -22.57 -27.94 -1.73
C TYR A 384 -21.34 -27.61 -0.89
N ASN A 385 -20.25 -27.25 -1.56
CA ASN A 385 -18.97 -26.97 -0.91
C ASN A 385 -18.50 -25.56 -1.25
N ASP A 386 -18.07 -24.81 -0.23
CA ASP A 386 -17.24 -23.63 -0.43
C ASP A 386 -15.78 -24.06 -0.57
N VAL A 387 -15.03 -23.39 -1.45
CA VAL A 387 -13.65 -23.77 -1.75
C VAL A 387 -12.78 -22.52 -1.86
N GLY A 388 -11.54 -22.60 -1.41
CA GLY A 388 -10.51 -21.64 -1.79
C GLY A 388 -9.19 -22.33 -2.06
N ALA A 389 -8.42 -21.79 -3.00
CA ALA A 389 -7.12 -22.39 -3.31
C ALA A 389 -6.20 -21.30 -3.83
N ARG A 390 -5.00 -21.23 -3.26
CA ARG A 390 -4.04 -20.18 -3.60
C ARG A 390 -2.69 -20.78 -4.04
N MET A 391 -2.12 -20.22 -5.12
CA MET A 391 -0.75 -20.47 -5.57
C MET A 391 -0.11 -19.14 -5.90
N GLY A 392 0.97 -18.80 -5.22
CA GLY A 392 1.64 -17.55 -5.56
C GLY A 392 0.67 -16.39 -5.39
N ASP A 393 0.59 -15.52 -6.39
CA ASP A 393 -0.31 -14.36 -6.36
C ASP A 393 -1.75 -14.64 -6.73
N TRP A 394 -2.13 -15.89 -7.02
CA TRP A 394 -3.42 -16.17 -7.64
C TRP A 394 -4.25 -17.03 -6.71
N LYS A 395 -5.56 -16.78 -6.66
CA LYS A 395 -6.44 -17.59 -5.83
C LYS A 395 -7.72 -17.90 -6.58
N ILE A 396 -8.24 -19.11 -6.41
CA ILE A 396 -9.58 -19.42 -6.87
C ILE A 396 -10.50 -19.59 -5.67
N THR A 397 -11.74 -19.16 -5.83
CA THR A 397 -12.74 -19.13 -4.78
C THR A 397 -14.07 -19.57 -5.33
N ARG A 398 -14.77 -20.45 -4.62
CA ARG A 398 -16.18 -20.68 -4.89
C ARG A 398 -16.93 -20.52 -3.56
N MET A 399 -17.88 -19.58 -3.52
CA MET A 399 -18.69 -19.31 -2.33
C MET A 399 -20.17 -19.37 -2.68
N GLY A 400 -20.96 -19.98 -1.81
CA GLY A 400 -22.40 -20.08 -2.04
C GLY A 400 -22.82 -20.88 -3.27
N ASN A 401 -21.93 -21.71 -3.81
CA ASN A 401 -22.14 -22.46 -5.05
C ASN A 401 -22.32 -21.55 -6.28
N GLU A 402 -21.87 -20.30 -6.17
CA GLU A 402 -21.87 -19.37 -7.29
C GLU A 402 -20.81 -19.76 -8.32
N PRO A 403 -20.77 -19.10 -9.47
CA PRO A 403 -19.68 -19.35 -10.44
C PRO A 403 -18.31 -19.13 -9.83
N TRP A 404 -17.34 -19.91 -10.32
CA TRP A 404 -15.95 -19.83 -9.86
C TRP A 404 -15.38 -18.43 -10.07
N ARG A 405 -14.51 -18.03 -9.15
CA ARG A 405 -13.81 -16.76 -9.22
C ARG A 405 -12.32 -17.01 -9.26
N LEU A 406 -11.62 -16.18 -10.02
CA LEU A 406 -10.17 -16.16 -10.06
C LEU A 406 -9.74 -14.76 -9.66
N HIS A 407 -8.87 -14.65 -8.66
CA HIS A 407 -8.42 -13.35 -8.22
C HIS A 407 -6.90 -13.29 -8.22
N ASN A 408 -6.36 -12.15 -8.60
CA ASN A 408 -4.98 -11.83 -8.23
C ASN A 408 -5.03 -11.31 -6.79
N ILE A 409 -4.76 -12.21 -5.83
CA ILE A 409 -4.99 -11.88 -4.43
C ILE A 409 -3.98 -10.87 -3.92
N THR A 410 -2.83 -10.76 -4.59
CA THR A 410 -1.88 -9.70 -4.25
C THR A 410 -2.41 -8.33 -4.67
N GLN A 411 -2.96 -8.22 -5.88
CA GLN A 411 -3.51 -6.96 -6.36
C GLN A 411 -4.92 -6.68 -5.85
N ASP A 412 -5.67 -7.72 -5.49
CA ASP A 412 -7.12 -7.63 -5.21
C ASP A 412 -7.40 -8.42 -3.92
N ILE A 413 -6.85 -7.94 -2.80
CA ILE A 413 -6.89 -8.70 -1.55
C ILE A 413 -8.35 -8.89 -1.11
N GLY A 414 -9.22 -7.96 -1.52
CA GLY A 414 -10.63 -8.02 -1.16
C GLY A 414 -11.48 -8.92 -2.02
N GLU A 415 -10.88 -9.60 -3.00
CA GLU A 415 -11.57 -10.54 -3.88
C GLU A 415 -12.79 -9.88 -4.56
N LYS A 416 -12.59 -8.69 -5.06
CA LYS A 416 -13.66 -7.95 -5.71
C LYS A 416 -13.73 -8.12 -7.23
N LYS A 417 -12.62 -8.47 -7.89
CA LYS A 417 -12.53 -8.41 -9.36
C LYS A 417 -12.36 -9.82 -9.91
N ASN A 418 -13.44 -10.42 -10.40
CA ASN A 418 -13.36 -11.80 -10.84
C ASN A 418 -12.66 -11.83 -12.20
N LEU A 419 -11.52 -12.52 -12.28
CA LEU A 419 -10.75 -12.57 -13.51
C LEU A 419 -10.91 -13.89 -14.24
N ALA A 420 -11.91 -14.70 -13.86
CA ALA A 420 -12.11 -16.01 -14.46
C ALA A 420 -12.34 -15.92 -15.98
N GLY A 421 -12.95 -14.85 -16.45
CA GLY A 421 -13.19 -14.72 -17.88
C GLY A 421 -11.96 -14.32 -18.65
N ARG A 422 -11.11 -13.51 -18.01
CA ARG A 422 -9.90 -13.06 -18.69
C ARG A 422 -8.86 -14.17 -18.79
N TYR A 423 -8.75 -15.02 -17.79
CA TYR A 423 -7.67 -16.01 -17.70
C TYR A 423 -8.23 -17.40 -17.45
N PRO A 424 -9.05 -17.92 -18.37
CA PRO A 424 -9.72 -19.20 -18.10
C PRO A 424 -8.77 -20.38 -17.99
N ASP A 425 -7.62 -20.35 -18.68
CA ASP A 425 -6.67 -21.45 -18.55
C ASP A 425 -6.12 -21.53 -17.14
N ARG A 426 -5.74 -20.38 -16.57
CA ARG A 426 -5.24 -20.41 -15.19
C ARG A 426 -6.32 -20.89 -14.24
N LEU A 427 -7.56 -20.46 -14.45
CA LEU A 427 -8.65 -20.94 -13.62
C LEU A 427 -8.73 -22.46 -13.68
N LYS A 428 -8.85 -23.00 -14.90
CA LYS A 428 -9.02 -24.43 -15.06
C LYS A 428 -7.81 -25.20 -14.53
N GLU A 429 -6.60 -24.68 -14.76
CA GLU A 429 -5.41 -25.27 -14.17
C GLU A 429 -5.56 -25.42 -12.66
N MET A 430 -5.93 -24.33 -11.98
CA MET A 430 -6.01 -24.41 -10.52
C MET A 430 -7.18 -25.27 -10.06
N ILE A 431 -8.29 -25.27 -10.79
CA ILE A 431 -9.38 -26.19 -10.51
C ILE A 431 -8.88 -27.64 -10.52
N ALA A 432 -8.15 -28.02 -11.59
CA ALA A 432 -7.74 -29.42 -11.75
C ALA A 432 -6.87 -29.89 -10.59
N LYS A 433 -5.93 -29.04 -10.16
CA LYS A 433 -5.09 -29.39 -9.03
C LYS A 433 -5.92 -29.53 -7.75
N THR A 434 -6.90 -28.63 -7.56
CA THR A 434 -7.72 -28.70 -6.37
C THR A 434 -8.63 -29.91 -6.38
N GLN A 435 -9.23 -30.23 -7.54
CA GLN A 435 -10.04 -31.43 -7.60
C GLN A 435 -9.20 -32.68 -7.32
N GLU A 436 -7.95 -32.69 -7.76
CA GLU A 436 -7.12 -33.87 -7.51
C GLU A 436 -6.87 -34.02 -6.01
N TRP A 437 -6.61 -32.90 -5.33
CA TRP A 437 -6.49 -32.89 -3.88
C TRP A 437 -7.67 -33.58 -3.21
N THR A 438 -8.90 -33.29 -3.65
CA THR A 438 -10.07 -33.87 -2.97
C THR A 438 -10.20 -35.36 -3.19
N LYS A 439 -9.46 -35.93 -4.15
CA LYS A 439 -9.55 -37.37 -4.36
C LYS A 439 -8.87 -38.15 -3.22
N SER A 440 -7.99 -37.50 -2.45
CA SER A 440 -7.38 -38.14 -1.30
C SER A 440 -8.24 -38.06 -0.03
N PHE A 441 -9.38 -37.37 -0.06
CA PHE A 441 -10.13 -37.13 1.16
C PHE A 441 -10.69 -38.43 1.74
N VAL A 442 -11.03 -38.39 3.03
CA VAL A 442 -11.76 -39.46 3.68
C VAL A 442 -13.19 -38.99 3.97
N LYS A 443 -14.03 -39.93 4.41
CA LYS A 443 -15.34 -39.46 4.85
C LYS A 443 -15.25 -38.88 6.26
N PRO A 444 -16.12 -37.93 6.60
CA PRO A 444 -16.14 -37.41 7.97
C PRO A 444 -16.52 -38.50 8.95
N LEU A 445 -15.85 -38.51 10.10
CA LEU A 445 -16.21 -39.42 11.18
C LEU A 445 -17.51 -39.01 11.85
N TRP A 446 -17.82 -37.72 11.85
CA TRP A 446 -19.09 -37.20 12.31
C TRP A 446 -19.41 -36.00 11.45
N VAL A 447 -20.69 -35.68 11.36
CA VAL A 447 -21.15 -34.43 10.72
C VAL A 447 -21.74 -33.58 11.83
N TYR A 448 -22.36 -32.44 11.49
CA TYR A 448 -22.81 -31.52 12.52
C TYR A 448 -24.32 -31.52 12.71
N SER A 449 -25.09 -31.47 11.63
CA SER A 449 -26.54 -31.42 11.75
C SER A 449 -27.16 -32.68 11.15
N VAL A 450 -28.43 -32.88 11.48
CA VAL A 450 -29.19 -33.99 10.90
C VAL A 450 -29.28 -33.81 9.39
N LYS A 451 -29.50 -32.57 8.93
CA LYS A 451 -29.43 -32.28 7.51
C LYS A 451 -28.14 -32.81 6.91
N ASP A 452 -27.00 -32.52 7.54
CA ASP A 452 -25.72 -33.08 7.08
C ASP A 452 -25.79 -34.59 6.89
N LYS A 453 -26.30 -35.29 7.91
CA LYS A 453 -26.31 -36.74 7.85
C LYS A 453 -27.20 -37.23 6.71
N GLU A 454 -28.36 -36.59 6.51
CA GLU A 454 -29.21 -36.98 5.38
C GLU A 454 -28.50 -36.80 4.04
N LEU A 455 -27.82 -35.67 3.86
CA LEU A 455 -27.18 -35.40 2.57
C LEU A 455 -26.05 -36.39 2.31
N TRP A 456 -25.20 -36.65 3.30
CA TRP A 456 -24.11 -37.58 3.10
C TRP A 456 -24.62 -39.00 2.87
N GLU A 457 -25.66 -39.38 3.59
CA GLU A 457 -26.19 -40.74 3.49
C GLU A 457 -26.81 -41.01 2.12
N SER A 458 -27.37 -39.98 1.50
CA SER A 458 -27.99 -40.11 0.20
C SER A 458 -27.04 -39.84 -0.96
N GLY A 459 -25.79 -39.48 -0.67
CA GLY A 459 -24.85 -39.13 -1.72
C GLY A 459 -24.99 -37.73 -2.30
N GLN A 460 -25.91 -36.91 -1.81
CA GLN A 460 -25.98 -35.51 -2.24
C GLN A 460 -24.71 -34.74 -1.85
N MET A 461 -24.13 -35.16 -0.73
CA MET A 461 -22.83 -34.60 -0.30
C MET A 461 -21.90 -35.82 -0.36
N PRO A 462 -20.59 -35.67 -0.63
CA PRO A 462 -19.95 -34.35 -0.88
C PRO A 462 -20.01 -33.82 -2.30
N ASN A 463 -20.28 -34.69 -3.28
CA ASN A 463 -20.35 -34.35 -4.71
C ASN A 463 -19.26 -33.36 -5.14
N TYR A 464 -18.01 -33.78 -4.95
CA TYR A 464 -16.88 -32.98 -5.41
C TYR A 464 -16.95 -32.75 -6.91
N GLU A 465 -17.52 -33.70 -7.66
CA GLU A 465 -17.62 -33.52 -9.10
C GLU A 465 -18.39 -32.24 -9.45
N ALA A 466 -19.55 -32.06 -8.83
CA ALA A 466 -20.35 -30.85 -9.04
C ALA A 466 -19.63 -29.60 -8.54
N THR A 467 -18.87 -29.70 -7.45
CA THR A 467 -18.10 -28.56 -6.97
C THR A 467 -17.15 -28.02 -8.05
N PHE A 468 -16.57 -28.90 -8.87
CA PHE A 468 -15.55 -28.43 -9.80
C PHE A 468 -16.07 -28.24 -11.22
N GLU A 469 -17.39 -28.22 -11.41
CA GLU A 469 -17.96 -27.70 -12.66
C GLU A 469 -17.56 -26.23 -12.85
N VAL A 470 -17.40 -25.82 -14.11
CA VAL A 470 -17.01 -24.44 -14.41
C VAL A 470 -17.91 -23.80 -15.46
N ASP A 471 -17.86 -24.30 -16.71
CA ASP A 471 -18.51 -23.58 -17.81
C ASP A 471 -20.03 -23.55 -17.68
N LYS A 472 -20.65 -24.63 -17.20
CA LYS A 472 -22.11 -24.63 -17.12
C LYS A 472 -22.64 -23.63 -16.10
N LEU A 473 -21.78 -23.16 -15.18
CA LEU A 473 -22.20 -22.14 -14.24
C LEU A 473 -22.32 -20.76 -14.89
N VAL A 474 -21.63 -20.53 -16.02
CA VAL A 474 -21.63 -19.22 -16.66
C VAL A 474 -22.26 -19.21 -18.05
N ASP A 475 -22.37 -20.36 -18.74
CA ASP A 475 -22.93 -20.39 -20.08
C ASP A 475 -24.43 -20.17 -20.04
N SER A 476 -24.94 -19.45 -21.02
CA SER A 476 -26.38 -19.36 -21.16
C SER A 476 -26.89 -20.57 -21.95
N PRO A 477 -28.00 -21.18 -21.53
CA PRO A 477 -28.59 -22.27 -22.33
C PRO A 477 -29.26 -21.80 -23.63
N TYR A 478 -29.26 -20.50 -23.95
CA TYR A 478 -29.97 -19.99 -25.13
C TYR A 478 -29.06 -19.47 -26.26
N GLU B 14 -58.19 19.79 -14.63
CA GLU B 14 -57.15 18.79 -14.42
C GLU B 14 -56.24 19.08 -13.22
N THR B 15 -56.29 18.21 -12.21
CA THR B 15 -55.49 18.37 -11.02
C THR B 15 -54.69 17.10 -10.66
N ARG B 16 -54.79 16.04 -11.46
CA ARG B 16 -54.00 14.85 -11.19
C ARG B 16 -52.52 15.19 -11.30
N PRO B 17 -51.66 14.61 -10.46
CA PRO B 17 -50.26 15.03 -10.46
C PRO B 17 -49.45 14.39 -11.56
N ASN B 18 -48.38 15.09 -11.94
CA ASN B 18 -47.31 14.48 -12.69
C ASN B 18 -46.59 13.48 -11.79
N ILE B 19 -45.95 12.49 -12.42
CA ILE B 19 -45.20 11.46 -11.69
C ILE B 19 -43.86 11.27 -12.38
N LEU B 20 -42.78 11.39 -11.61
CA LEU B 20 -41.42 11.17 -12.08
C LEU B 20 -40.79 10.11 -11.19
N VAL B 21 -40.49 8.95 -11.76
CA VAL B 21 -39.72 7.91 -11.07
C VAL B 21 -38.27 8.11 -11.48
N VAL B 22 -37.40 8.39 -10.52
CA VAL B 22 -35.97 8.39 -10.77
C VAL B 22 -35.43 7.10 -10.17
N LEU B 23 -35.04 6.16 -11.03
CA LEU B 23 -34.60 4.85 -10.57
C LEU B 23 -33.12 4.71 -10.88
N CYS B 24 -32.30 4.54 -9.85
CA CYS B 24 -30.90 4.27 -10.11
C CYS B 24 -30.69 2.76 -10.16
N ASP B 25 -29.50 2.40 -10.66
CA ASP B 25 -29.16 0.98 -10.88
C ASP B 25 -27.99 0.57 -9.98
N ASP B 26 -28.23 -0.34 -9.04
CA ASP B 26 -27.16 -0.84 -8.12
C ASP B 26 -26.66 0.31 -7.22
N LEU B 27 -27.54 1.24 -6.88
CA LEU B 27 -27.14 2.27 -5.90
C LEU B 27 -27.14 1.71 -4.49
N GLY B 28 -26.00 1.87 -3.80
CA GLY B 28 -25.83 1.33 -2.46
C GLY B 28 -26.62 2.11 -1.41
N TYR B 29 -26.90 1.44 -0.28
CA TYR B 29 -27.79 1.99 0.73
C TYR B 29 -27.22 3.26 1.36
N ALA B 30 -25.91 3.30 1.57
CA ALA B 30 -25.25 4.42 2.22
C ALA B 30 -24.63 5.40 1.22
N ASP B 31 -25.15 5.45 -0.01
CA ASP B 31 -24.48 6.14 -1.10
C ASP B 31 -25.20 7.38 -1.58
N VAL B 32 -26.19 7.87 -0.84
CA VAL B 32 -26.75 9.20 -1.02
C VAL B 32 -26.75 9.90 0.34
N GLY B 33 -26.65 11.23 0.32
CA GLY B 33 -26.50 11.96 1.57
C GLY B 33 -27.67 11.73 2.52
N PHE B 34 -28.90 11.77 2.00
CA PHE B 34 -30.06 11.68 2.87
C PHE B 34 -30.19 10.29 3.51
N ASN B 35 -29.51 9.27 2.99
CA ASN B 35 -29.59 7.95 3.58
C ASN B 35 -28.29 7.56 4.27
N GLY B 36 -27.44 8.53 4.56
CA GLY B 36 -26.30 8.30 5.45
C GLY B 36 -24.93 8.46 4.81
N SER B 37 -24.78 8.80 3.55
CA SER B 37 -23.44 8.87 2.97
C SER B 37 -22.64 9.98 3.63
N THR B 38 -21.40 9.66 4.00
CA THR B 38 -20.50 10.70 4.48
C THR B 38 -19.52 11.16 3.41
N ASP B 39 -19.33 10.40 2.33
CA ASP B 39 -18.35 10.81 1.32
C ASP B 39 -18.96 11.15 -0.02
N ILE B 40 -20.12 10.61 -0.37
CA ILE B 40 -20.74 10.92 -1.64
C ILE B 40 -21.68 12.10 -1.44
N LEU B 41 -21.51 13.13 -2.26
CA LEU B 41 -22.27 14.38 -2.16
C LEU B 41 -23.46 14.34 -3.11
N THR B 42 -24.67 14.44 -2.57
CA THR B 42 -25.89 14.45 -3.36
C THR B 42 -26.80 15.58 -2.90
N PRO B 43 -26.35 16.83 -3.04
CA PRO B 43 -27.13 17.96 -2.49
C PRO B 43 -28.52 18.13 -3.11
N GLU B 44 -28.70 17.86 -4.40
CA GLU B 44 -30.01 18.09 -5.02
C GLU B 44 -31.00 17.01 -4.59
N LEU B 45 -30.55 15.76 -4.53
CA LEU B 45 -31.38 14.69 -3.99
C LEU B 45 -31.67 14.91 -2.52
N ASP B 46 -30.64 15.28 -1.73
CA ASP B 46 -30.86 15.59 -0.33
C ASP B 46 -31.92 16.67 -0.18
N ASN B 47 -31.87 17.70 -1.04
CA ASN B 47 -32.82 18.81 -0.96
C ASN B 47 -34.26 18.31 -1.16
N LEU B 48 -34.47 17.48 -2.17
CA LEU B 48 -35.78 16.89 -2.37
C LEU B 48 -36.18 16.00 -1.20
N ALA B 49 -35.26 15.16 -0.73
CA ALA B 49 -35.61 14.25 0.35
C ALA B 49 -36.06 15.02 1.59
N GLN B 50 -35.34 16.07 1.97
CA GLN B 50 -35.73 16.71 3.20
C GLN B 50 -36.98 17.57 3.03
N ASN B 51 -37.38 17.83 1.79
CA ASN B 51 -38.63 18.53 1.52
C ASN B 51 -39.76 17.56 1.18
N GLY B 52 -39.57 16.27 1.42
CA GLY B 52 -40.65 15.30 1.31
C GLY B 52 -40.53 14.23 2.38
N SER B 53 -40.81 12.98 2.01
CA SER B 53 -40.80 11.85 2.95
C SER B 53 -39.67 10.89 2.60
N ILE B 54 -38.80 10.62 3.56
CA ILE B 54 -37.72 9.64 3.43
C ILE B 54 -38.22 8.29 3.96
N PHE B 55 -38.13 7.23 3.15
CA PHE B 55 -38.58 5.91 3.56
C PHE B 55 -37.39 5.13 4.12
N THR B 56 -37.46 4.84 5.41
CA THR B 56 -36.33 4.19 6.08
C THR B 56 -36.38 2.68 6.03
N SER B 57 -37.50 2.09 5.59
CA SER B 57 -37.60 0.64 5.36
C SER B 57 -38.27 0.38 3.99
N ALA B 58 -37.61 0.79 2.91
CA ALA B 58 -38.13 0.59 1.57
C ALA B 58 -37.47 -0.62 0.93
N TYR B 59 -38.28 -1.49 0.30
CA TYR B 59 -37.82 -2.75 -0.27
C TYR B 59 -38.21 -2.86 -1.75
N VAL B 60 -37.30 -3.40 -2.56
CA VAL B 60 -37.66 -3.85 -3.90
C VAL B 60 -38.01 -5.32 -3.83
N ALA B 61 -38.72 -5.82 -4.85
CA ALA B 61 -39.29 -7.15 -4.84
C ALA B 61 -38.29 -8.25 -5.20
N HIS B 62 -37.06 -7.91 -5.59
CA HIS B 62 -36.03 -8.90 -5.87
C HIS B 62 -34.68 -8.21 -5.70
N PRO B 63 -33.63 -8.92 -5.24
CA PRO B 63 -32.35 -8.25 -5.01
C PRO B 63 -31.48 -8.05 -6.25
N PHE B 64 -32.06 -8.17 -7.46
CA PHE B 64 -31.29 -7.85 -8.71
C PHE B 64 -32.20 -7.20 -9.78
N OSE B 65 -31.62 -6.52 -10.78
CA OSE B 65 -32.37 -5.67 -11.76
CB OSE B 65 -31.40 -5.17 -12.82
OG OSE B 65 -30.62 -6.25 -13.19
C OSE B 65 -33.58 -6.25 -12.49
O OSE B 65 -34.67 -5.70 -12.30
S OSE B 65 -29.16 -6.12 -12.69
O1S OSE B 65 -28.75 -7.50 -12.61
O2S OSE B 65 -28.64 -5.35 -13.78
O3S OSE B 65 -29.14 -5.44 -11.43
N GLY B 66 -33.38 -7.26 -13.33
CA GLY B 66 -34.43 -7.71 -14.24
C GLY B 66 -35.73 -8.01 -13.53
N PRO B 67 -35.67 -8.92 -12.55
CA PRO B 67 -36.88 -9.22 -11.75
C PRO B 67 -37.40 -8.04 -10.97
N SER B 68 -36.51 -7.18 -10.47
CA SER B 68 -36.96 -5.99 -9.75
C SER B 68 -37.71 -5.04 -10.68
N ARG B 69 -37.12 -4.77 -11.84
CA ARG B 69 -37.77 -3.85 -12.81
C ARG B 69 -39.10 -4.48 -13.29
N SER B 70 -39.09 -5.77 -13.59
CA SER B 70 -40.33 -6.48 -13.94
C SER B 70 -41.42 -6.22 -12.90
N ALA B 71 -41.05 -6.34 -11.63
CA ALA B 71 -42.00 -6.14 -10.53
C ALA B 71 -42.49 -4.70 -10.47
N ILE B 72 -41.60 -3.74 -10.72
CA ILE B 72 -42.00 -2.33 -10.66
C ILE B 72 -43.07 -2.04 -11.71
N LEU B 73 -42.85 -2.49 -12.94
CA LEU B 73 -43.79 -2.09 -13.99
CA LEU B 73 -43.79 -2.09 -14.00
C LEU B 73 -45.04 -2.97 -14.01
N THR B 74 -44.93 -4.26 -13.69
CA THR B 74 -46.11 -5.12 -13.62
C THR B 74 -46.84 -5.03 -12.27
N GLY B 75 -46.18 -4.57 -11.21
CA GLY B 75 -46.80 -4.59 -9.91
C GLY B 75 -46.97 -5.96 -9.29
N ARG B 76 -46.29 -6.98 -9.79
CA ARG B 76 -46.34 -8.30 -9.19
C ARG B 76 -44.92 -8.82 -8.92
N TYR B 77 -44.81 -9.65 -7.89
CA TYR B 77 -43.55 -10.37 -7.65
C TYR B 77 -43.13 -11.14 -8.91
N PRO B 78 -41.84 -11.21 -9.21
CA PRO B 78 -41.41 -11.87 -10.45
C PRO B 78 -41.63 -13.37 -10.43
N HIS B 79 -41.80 -13.95 -9.24
CA HIS B 79 -42.09 -15.38 -9.11
C HIS B 79 -43.50 -15.72 -9.58
N LEU B 80 -44.35 -14.71 -9.76
CA LEU B 80 -45.73 -14.89 -10.22
C LEU B 80 -45.88 -14.60 -11.70
N THR B 81 -44.92 -13.92 -12.31
CA THR B 81 -44.94 -13.59 -13.73
C THR B 81 -43.94 -14.40 -14.54
N GLY B 82 -43.12 -15.23 -13.88
CA GLY B 82 -42.13 -16.03 -14.57
C GLY B 82 -40.82 -15.35 -14.87
N THR B 83 -40.53 -14.22 -14.21
CA THR B 83 -39.42 -13.35 -14.61
C THR B 83 -38.41 -13.16 -13.48
N ALA B 84 -38.16 -14.21 -12.69
CA ALA B 84 -37.26 -14.14 -11.56
C ALA B 84 -35.79 -14.33 -11.92
N TYR B 85 -35.45 -14.57 -13.18
CA TYR B 85 -34.06 -14.56 -13.63
C TYR B 85 -33.82 -13.39 -14.57
N ASN B 86 -32.59 -12.90 -14.62
CA ASN B 86 -32.23 -11.92 -15.64
C ASN B 86 -32.30 -12.54 -17.03
N LEU B 87 -32.71 -11.73 -18.01
CA LEU B 87 -32.39 -12.05 -19.38
C LEU B 87 -30.88 -12.00 -19.57
N PHE B 88 -30.36 -12.88 -20.42
CA PHE B 88 -28.93 -12.93 -20.65
C PHE B 88 -28.49 -11.75 -21.51
N HIS B 89 -27.19 -11.48 -21.51
CA HIS B 89 -26.60 -10.51 -22.45
C HIS B 89 -27.08 -10.80 -23.87
N ASN B 90 -27.42 -9.74 -24.61
CA ASN B 90 -27.78 -9.86 -26.03
C ASN B 90 -28.92 -10.87 -26.25
N SER B 91 -29.93 -10.82 -25.39
CA SER B 91 -31.01 -11.78 -25.47
C SER B 91 -31.82 -11.57 -26.77
N SER B 92 -32.57 -12.60 -27.13
CA SER B 92 -33.12 -12.69 -28.48
C SER B 92 -34.05 -11.53 -28.79
N GLU B 93 -33.85 -10.93 -29.96
CA GLU B 93 -34.70 -9.85 -30.45
C GLU B 93 -35.83 -10.34 -31.36
N ASP B 94 -36.10 -11.64 -31.37
CA ASP B 94 -37.22 -12.20 -32.14
C ASP B 94 -38.41 -12.46 -31.24
N ASP B 95 -39.58 -11.93 -31.62
CA ASP B 95 -40.79 -12.17 -30.86
C ASP B 95 -41.06 -13.65 -30.63
N LYS B 96 -40.60 -14.50 -31.55
CA LYS B 96 -40.91 -15.92 -31.45
C LYS B 96 -40.29 -16.53 -30.21
N ASP B 97 -39.19 -15.95 -29.73
CA ASP B 97 -38.45 -16.53 -28.62
C ASP B 97 -38.99 -16.12 -27.25
N ASN B 98 -39.89 -15.14 -27.18
CA ASN B 98 -40.59 -14.79 -25.95
C ASN B 98 -39.63 -14.44 -24.81
N MET B 99 -38.55 -13.76 -25.15
CA MET B 99 -37.51 -13.46 -24.18
C MET B 99 -37.79 -12.05 -23.66
N GLY B 100 -38.84 -11.94 -22.85
CA GLY B 100 -39.25 -10.67 -22.29
C GLY B 100 -40.42 -10.88 -21.35
N VAL B 101 -40.80 -9.81 -20.65
CA VAL B 101 -41.86 -9.92 -19.64
C VAL B 101 -43.19 -10.18 -20.34
N PRO B 102 -44.00 -11.14 -19.91
CA PRO B 102 -45.24 -11.49 -20.64
C PRO B 102 -46.06 -10.28 -21.05
N VAL B 103 -46.38 -10.21 -22.34
CA VAL B 103 -47.13 -9.07 -22.88
C VAL B 103 -48.48 -8.92 -22.21
N GLU B 104 -49.06 -10.00 -21.71
CA GLU B 104 -50.39 -9.94 -21.11
C GLU B 104 -50.39 -9.33 -19.73
N GLU B 105 -49.22 -9.10 -19.12
CA GLU B 105 -49.12 -8.49 -17.80
C GLU B 105 -49.00 -6.98 -17.97
N THR B 106 -50.13 -6.29 -17.97
CA THR B 106 -50.15 -4.86 -18.31
C THR B 106 -49.35 -4.01 -17.34
N TYR B 107 -48.39 -3.23 -17.87
CA TYR B 107 -47.56 -2.32 -17.09
C TYR B 107 -48.35 -1.09 -16.64
N MET B 108 -47.91 -0.46 -15.54
CA MET B 108 -48.58 0.78 -15.09
C MET B 108 -48.50 1.83 -16.22
N SER B 109 -47.43 1.80 -17.02
CA SER B 109 -47.27 2.82 -18.04
C SER B 109 -48.48 2.84 -18.98
N LYS B 110 -48.89 1.67 -19.47
CA LYS B 110 -50.06 1.61 -20.34
C LYS B 110 -51.33 2.05 -19.62
N VAL B 111 -51.48 1.67 -18.35
CA VAL B 111 -52.64 2.09 -17.58
C VAL B 111 -52.69 3.62 -17.46
N LEU B 112 -51.53 4.26 -17.20
CA LEU B 112 -51.55 5.72 -17.10
C LEU B 112 -51.74 6.36 -18.47
N GLN B 113 -51.07 5.83 -19.50
CA GLN B 113 -51.29 6.28 -20.87
C GLN B 113 -52.77 6.28 -21.20
N ASN B 114 -53.43 5.17 -20.89
CA ASN B 114 -54.84 4.97 -21.19
C ASN B 114 -55.70 5.97 -20.44
N ALA B 115 -55.21 6.50 -19.33
CA ALA B 115 -55.90 7.48 -18.51
C ALA B 115 -55.52 8.92 -18.85
N GLY B 116 -54.80 9.13 -19.95
CA GLY B 116 -54.52 10.48 -20.39
C GLY B 116 -53.15 11.02 -20.06
N TYR B 117 -52.24 10.20 -19.50
CA TYR B 117 -50.91 10.69 -19.23
C TYR B 117 -50.07 10.63 -20.49
N TYR B 118 -49.19 11.62 -20.65
CA TYR B 118 -48.06 11.51 -21.56
C TYR B 118 -46.96 10.70 -20.89
N THR B 119 -46.56 9.60 -21.53
CA THR B 119 -45.67 8.64 -20.88
C THR B 119 -44.31 8.58 -21.57
N SER B 120 -43.26 8.43 -20.78
CA SER B 120 -41.91 8.54 -21.30
C SER B 120 -40.98 7.65 -20.47
N ALA B 121 -40.21 6.81 -21.15
CA ALA B 121 -39.19 5.97 -20.54
C ALA B 121 -37.84 6.40 -21.06
N ILE B 122 -36.83 6.40 -20.17
CA ILE B 122 -35.50 6.93 -20.46
C ILE B 122 -34.48 6.03 -19.78
N GLY B 123 -33.43 5.67 -20.51
CA GLY B 123 -32.31 4.91 -19.92
C GLY B 123 -32.46 3.43 -20.13
N LYS B 124 -32.32 2.66 -19.04
CA LYS B 124 -32.26 1.21 -19.06
C LYS B 124 -33.65 0.57 -19.10
N TRP B 125 -33.77 -0.49 -19.88
CA TRP B 125 -35.03 -1.24 -19.96
C TRP B 125 -34.93 -2.58 -19.25
N HIS B 126 -34.26 -3.54 -19.90
CA HIS B 126 -34.00 -4.88 -19.29
C HIS B 126 -35.29 -5.73 -19.14
N LEU B 127 -36.31 -5.46 -19.96
CA LEU B 127 -37.56 -6.22 -19.86
C LEU B 127 -37.94 -6.87 -21.19
N GLY B 128 -36.99 -7.02 -22.11
CA GLY B 128 -37.25 -7.67 -23.38
C GLY B 128 -36.71 -6.85 -24.53
N ALA B 129 -35.90 -7.45 -25.39
CA ALA B 129 -35.35 -6.73 -26.52
C ALA B 129 -36.02 -7.06 -27.86
N ALA B 130 -37.07 -7.90 -27.87
CA ALA B 130 -37.83 -8.19 -29.07
C ALA B 130 -38.94 -7.16 -29.25
N PRO B 131 -39.46 -6.98 -30.48
CA PRO B 131 -40.42 -5.90 -30.72
C PRO B 131 -41.63 -5.89 -29.81
N LYS B 132 -42.24 -7.05 -29.52
CA LYS B 132 -43.43 -7.06 -28.69
C LYS B 132 -43.16 -6.55 -27.27
N PHE B 133 -41.88 -6.55 -26.84
CA PHE B 133 -41.48 -6.13 -25.50
C PHE B 133 -41.03 -4.68 -25.45
N HIS B 134 -41.14 -3.96 -26.57
CA HIS B 134 -40.56 -2.63 -26.65
C HIS B 134 -41.36 -1.64 -25.81
N PRO B 135 -40.68 -0.66 -25.19
CA PRO B 135 -41.40 0.39 -24.46
C PRO B 135 -42.57 1.01 -25.20
N ASN B 136 -42.43 1.30 -26.51
CA ASN B 136 -43.50 1.93 -27.27
C ASN B 136 -44.73 1.04 -27.38
N LYS B 137 -44.57 -0.27 -27.24
CA LYS B 137 -45.69 -1.20 -27.21
C LYS B 137 -46.17 -1.50 -25.79
N ARG B 138 -45.42 -1.03 -24.78
CA ARG B 138 -45.77 -1.34 -23.37
C ARG B 138 -46.36 -0.10 -22.68
N GLY B 139 -46.86 0.88 -23.45
CA GLY B 139 -47.47 2.04 -22.84
C GLY B 139 -46.63 3.29 -22.75
N PHE B 140 -45.48 3.36 -23.41
CA PHE B 140 -44.66 4.59 -23.40
C PHE B 140 -44.80 5.35 -24.72
N ASP B 141 -45.23 6.61 -24.64
CA ASP B 141 -45.28 7.46 -25.83
C ASP B 141 -43.89 7.68 -26.42
N ASP B 142 -42.90 7.94 -25.56
CA ASP B 142 -41.51 8.17 -25.93
C ASP B 142 -40.60 7.18 -25.18
N PHE B 143 -39.57 6.68 -25.88
CA PHE B 143 -38.51 5.91 -25.26
C PHE B 143 -37.17 6.44 -25.78
N TYR B 144 -36.27 6.78 -24.88
CA TYR B 144 -34.89 7.11 -25.22
C TYR B 144 -33.97 6.27 -24.34
N GLY B 145 -33.25 5.33 -24.92
CA GLY B 145 -32.30 4.55 -24.12
C GLY B 145 -31.82 3.27 -24.78
N PHE B 146 -31.62 2.23 -23.97
CA PHE B 146 -31.12 0.95 -24.46
C PHE B 146 -32.00 -0.15 -23.86
N LEU B 147 -32.11 -1.26 -24.58
CA LEU B 147 -33.11 -2.27 -24.23
C LEU B 147 -32.59 -3.31 -23.25
N GLY B 148 -31.29 -3.50 -23.16
CA GLY B 148 -30.70 -4.53 -22.33
C GLY B 148 -30.37 -4.06 -20.92
N GLY B 149 -29.40 -4.76 -20.32
CA GLY B 149 -29.11 -4.60 -18.91
C GLY B 149 -28.02 -3.61 -18.53
N GLY B 150 -27.30 -3.02 -19.49
CA GLY B 150 -26.24 -2.08 -19.17
C GLY B 150 -25.74 -1.37 -20.41
N HIS B 151 -24.89 -0.36 -20.19
CA HIS B 151 -24.32 0.37 -21.33
C HIS B 151 -23.04 1.09 -20.92
N ASP B 152 -22.05 1.11 -21.81
CA ASP B 152 -20.90 1.98 -21.59
C ASP B 152 -21.35 3.45 -21.62
N TYR B 153 -20.61 4.30 -20.91
CA TYR B 153 -21.12 5.64 -20.62
C TYR B 153 -20.67 6.73 -21.59
N PHE B 154 -19.56 6.57 -22.30
CA PHE B 154 -19.05 7.65 -23.16
C PHE B 154 -19.30 7.38 -24.64
N PRO B 155 -20.20 8.10 -25.31
CA PRO B 155 -20.45 7.82 -26.74
C PRO B 155 -19.21 7.94 -27.61
N SER B 156 -18.27 8.84 -27.31
CA SER B 156 -17.06 8.89 -28.12
C SER B 156 -16.26 7.61 -28.01
N GLU B 157 -16.44 6.84 -26.93
CA GLU B 157 -15.74 5.59 -26.83
C GLU B 157 -16.56 4.44 -27.42
N TYR B 158 -17.81 4.28 -26.98
CA TYR B 158 -18.54 3.09 -27.41
C TYR B 158 -18.97 3.14 -28.88
N GLN B 159 -19.24 4.34 -29.44
CA GLN B 159 -19.59 4.42 -30.84
C GLN B 159 -18.40 4.08 -31.72
N LYS B 160 -17.20 4.52 -31.33
CA LYS B 160 -15.96 4.11 -31.98
C LYS B 160 -15.79 2.59 -31.97
N THR B 161 -15.97 1.98 -30.80
CA THR B 161 -15.82 0.53 -30.72
C THR B 161 -16.85 -0.17 -31.59
N TYR B 162 -18.11 0.21 -31.47
CA TYR B 162 -19.16 -0.42 -32.25
C TYR B 162 -18.85 -0.36 -33.75
N LYS B 163 -18.53 0.85 -34.24
CA LYS B 163 -18.29 1.01 -35.68
C LYS B 163 -17.14 0.14 -36.15
N ALA B 164 -16.04 0.08 -35.39
CA ALA B 164 -14.90 -0.73 -35.79
C ALA B 164 -15.25 -2.21 -35.76
N GLN B 165 -16.01 -2.64 -34.77
CA GLN B 165 -16.38 -4.05 -34.67
C GLN B 165 -17.38 -4.43 -35.75
N LYS B 166 -18.29 -3.51 -36.09
CA LYS B 166 -19.24 -3.79 -37.16
C LYS B 166 -18.53 -3.85 -38.51
N LYS B 167 -17.57 -2.93 -38.71
CA LYS B 167 -16.74 -2.95 -39.91
C LYS B 167 -15.94 -4.25 -40.02
N ALA B 168 -15.51 -4.79 -38.90
CA ALA B 168 -14.73 -6.02 -38.94
C ALA B 168 -15.61 -7.25 -38.99
N GLY B 169 -16.93 -7.10 -39.02
CA GLY B 169 -17.82 -8.24 -39.06
C GLY B 169 -17.82 -9.07 -37.80
N ASN B 170 -17.61 -8.46 -36.64
CA ASN B 170 -17.61 -9.16 -35.36
C ASN B 170 -19.01 -9.72 -35.13
N PRO B 171 -19.18 -11.03 -35.00
CA PRO B 171 -20.52 -11.57 -34.78
C PRO B 171 -20.94 -11.56 -33.33
N ASN B 172 -20.04 -11.21 -32.40
CA ASN B 172 -20.39 -11.20 -30.98
C ASN B 172 -20.17 -9.83 -30.36
N ILE B 173 -20.74 -8.78 -30.94
CA ILE B 173 -20.61 -7.45 -30.37
C ILE B 173 -21.46 -7.36 -29.11
N ARG B 174 -20.85 -6.84 -28.03
CA ARG B 174 -21.54 -6.73 -26.75
C ARG B 174 -22.62 -5.65 -26.83
N ASP B 175 -23.78 -5.94 -26.24
CA ASP B 175 -24.83 -4.94 -26.35
C ASP B 175 -24.50 -3.67 -25.56
N TYR B 176 -23.49 -3.71 -24.68
CA TYR B 176 -23.07 -2.51 -23.95
C TYR B 176 -22.53 -1.43 -24.87
N VAL B 177 -22.19 -1.74 -26.12
CA VAL B 177 -21.71 -0.72 -27.06
C VAL B 177 -22.69 -0.48 -28.21
N PHE B 178 -23.85 -1.14 -28.22
CA PHE B 178 -24.82 -0.89 -29.29
C PHE B 178 -25.25 0.57 -29.29
N PRO B 179 -25.52 1.14 -30.47
CA PRO B 179 -26.16 2.46 -30.52
C PRO B 179 -27.40 2.49 -29.63
N MET B 180 -27.60 3.60 -28.97
CA MET B 180 -28.75 3.82 -28.13
C MET B 180 -29.89 4.18 -29.10
N GLU B 181 -31.15 4.13 -28.66
CA GLU B 181 -32.23 4.40 -29.60
C GLU B 181 -33.19 5.45 -29.05
N HIS B 182 -33.89 6.09 -29.99
CA HIS B 182 -34.99 7.02 -29.71
C HIS B 182 -36.20 6.55 -30.50
N ASN B 183 -37.15 5.95 -29.81
CA ASN B 183 -38.37 5.46 -30.45
C ASN B 183 -38.06 4.60 -31.66
N GLY B 184 -37.09 3.69 -31.49
CA GLY B 184 -36.70 2.78 -32.56
C GLY B 184 -35.68 3.33 -33.54
N LYS B 185 -35.32 4.60 -33.44
CA LYS B 185 -34.36 5.24 -34.33
C LYS B 185 -33.03 5.45 -33.61
N PRO B 186 -31.93 5.60 -34.35
CA PRO B 186 -30.64 5.92 -33.73
C PRO B 186 -30.71 7.16 -32.84
N ALA B 187 -30.17 7.03 -31.63
CA ALA B 187 -30.19 8.15 -30.69
C ALA B 187 -29.17 9.21 -31.05
N ASN B 188 -28.05 8.82 -31.66
CA ASN B 188 -26.93 9.72 -31.95
C ASN B 188 -26.52 10.51 -30.71
N GLU B 189 -26.27 9.79 -29.62
CA GLU B 189 -25.99 10.44 -28.35
C GLU B 189 -24.62 11.09 -28.44
N THR B 190 -24.51 12.29 -27.89
CA THR B 190 -23.23 13.00 -27.90
C THR B 190 -22.65 13.23 -26.52
N GLU B 191 -23.41 12.98 -25.45
CA GLU B 191 -22.99 13.29 -24.09
C GLU B 191 -22.77 12.01 -23.29
N TYR B 192 -21.89 12.09 -22.28
CA TYR B 192 -21.88 11.13 -21.18
C TYR B 192 -23.32 10.75 -20.87
N ILE B 193 -23.65 9.46 -20.95
CA ILE B 193 -25.06 9.12 -21.14
C ILE B 193 -25.89 9.46 -19.91
N THR B 194 -25.29 9.57 -18.73
CA THR B 194 -26.07 10.10 -17.60
C THR B 194 -26.55 11.52 -17.89
N ASP B 195 -25.67 12.38 -18.42
CA ASP B 195 -26.09 13.72 -18.84
C ASP B 195 -27.11 13.66 -19.96
N GLY B 196 -26.97 12.71 -20.90
CA GLY B 196 -27.94 12.61 -21.96
C GLY B 196 -29.33 12.24 -21.46
N PHE B 197 -29.40 11.30 -20.52
CA PHE B 197 -30.69 10.89 -19.95
C PHE B 197 -31.35 12.05 -19.19
N SER B 198 -30.55 12.86 -18.49
CA SER B 198 -31.10 14.04 -17.82
C SER B 198 -31.62 15.04 -18.84
N ARG B 199 -30.86 15.25 -19.92
CA ARG B 199 -31.31 16.15 -20.97
C ARG B 199 -32.65 15.70 -21.56
N GLU B 200 -32.78 14.39 -21.80
CA GLU B 200 -34.02 13.86 -22.34
C GLU B 200 -35.18 13.99 -21.36
N ALA B 201 -34.90 13.85 -20.06
CA ALA B 201 -35.96 14.05 -19.06
C ALA B 201 -36.47 15.47 -19.11
N ILE B 202 -35.54 16.42 -19.19
CA ILE B 202 -35.92 17.82 -19.27
C ILE B 202 -36.74 18.07 -20.54
N LYS B 203 -36.33 17.44 -21.65
CA LYS B 203 -37.06 17.60 -22.91
C LYS B 203 -38.49 17.12 -22.78
N ASN B 204 -38.67 15.94 -22.18
CA ASN B 204 -40.01 15.37 -22.05
C ASN B 204 -40.89 16.13 -21.07
N ILE B 205 -40.31 16.66 -19.99
CA ILE B 205 -41.07 17.55 -19.10
C ILE B 205 -41.63 18.73 -19.88
N LYS B 206 -40.80 19.32 -20.75
CA LYS B 206 -41.24 20.47 -21.54
C LYS B 206 -42.28 20.07 -22.58
N ILE B 207 -42.14 18.89 -23.18
CA ILE B 207 -43.16 18.40 -24.09
C ILE B 207 -44.49 18.27 -23.38
N ALA B 208 -44.49 17.71 -22.17
CA ALA B 208 -45.73 17.57 -21.41
C ALA B 208 -46.32 18.92 -21.07
N ALA B 209 -45.47 19.89 -20.73
CA ALA B 209 -45.99 21.23 -20.44
C ALA B 209 -46.62 21.84 -21.69
N ALA B 210 -45.97 21.69 -22.84
CA ALA B 210 -46.52 22.24 -24.09
C ALA B 210 -47.84 21.56 -24.45
N LYS B 211 -47.93 20.25 -24.19
CA LYS B 211 -49.13 19.47 -24.45
C LYS B 211 -50.22 19.75 -23.43
N LYS B 212 -49.89 20.39 -22.31
CA LYS B 212 -50.80 20.62 -21.18
C LYS B 212 -51.40 19.29 -20.73
N GLN B 213 -50.53 18.31 -20.54
CA GLN B 213 -50.97 16.97 -20.21
C GLN B 213 -50.17 16.49 -18.99
N PRO B 214 -50.78 15.75 -18.06
CA PRO B 214 -49.98 15.16 -16.98
C PRO B 214 -48.98 14.16 -17.54
N PHE B 215 -47.82 14.07 -16.89
CA PHE B 215 -46.76 13.21 -17.39
C PHE B 215 -46.44 12.09 -16.39
N PHE B 216 -46.01 10.98 -16.97
CA PHE B 216 -45.36 9.89 -16.23
C PHE B 216 -44.02 9.66 -16.92
N ILE B 217 -42.93 9.95 -16.22
CA ILE B 217 -41.58 9.72 -16.75
C ILE B 217 -40.90 8.67 -15.89
N TYR B 218 -40.44 7.61 -16.53
CA TYR B 218 -39.74 6.52 -15.89
C TYR B 218 -38.28 6.71 -16.29
N LEU B 219 -37.51 7.39 -15.41
CA LEU B 219 -36.14 7.82 -15.68
C LEU B 219 -35.20 6.80 -15.03
N ALA B 220 -34.74 5.84 -15.83
CA ALA B 220 -34.01 4.66 -15.36
C ALA B 220 -32.53 4.83 -15.70
N TYR B 221 -31.83 5.63 -14.90
CA TYR B 221 -30.40 5.75 -15.07
C TYR B 221 -29.71 4.40 -14.93
N ASN B 222 -28.70 4.15 -15.78
CA ASN B 222 -27.88 2.98 -15.46
C ASN B 222 -26.84 3.26 -14.38
N ALA B 223 -26.57 4.52 -14.04
CA ALA B 223 -25.63 4.81 -12.96
C ALA B 223 -26.23 4.38 -11.61
N PRO B 224 -25.41 3.91 -10.69
CA PRO B 224 -23.95 3.74 -10.81
C PRO B 224 -23.52 2.30 -11.14
N HIS B 225 -24.30 1.60 -11.97
CA HIS B 225 -23.96 0.23 -12.38
C HIS B 225 -22.69 0.23 -13.25
N VAL B 226 -21.86 -0.80 -13.09
CA VAL B 226 -20.66 -1.01 -13.91
C VAL B 226 -21.00 -0.88 -15.40
N PRO B 227 -20.03 -0.48 -16.25
CA PRO B 227 -18.63 -0.18 -15.89
C PRO B 227 -18.49 1.15 -15.14
N LEU B 228 -17.55 1.23 -14.21
CA LEU B 228 -17.26 2.46 -13.46
C LEU B 228 -16.57 3.44 -14.39
N GLN B 229 -17.32 4.40 -14.90
CA GLN B 229 -16.85 5.36 -15.89
C GLN B 229 -17.46 6.70 -15.53
N ALA B 230 -16.62 7.73 -15.35
CA ALA B 230 -17.13 9.02 -14.91
C ALA B 230 -16.40 10.16 -15.60
N LYS B 231 -17.04 11.31 -15.61
CA LYS B 231 -16.47 12.52 -16.19
C LYS B 231 -15.36 13.09 -15.30
N ALA B 232 -14.33 13.64 -15.94
CA ALA B 232 -13.20 14.19 -15.19
C ALA B 232 -13.65 15.29 -14.24
N GLU B 233 -14.57 16.15 -14.68
CA GLU B 233 -15.05 17.23 -13.82
C GLU B 233 -15.76 16.71 -12.59
N ASP B 234 -16.46 15.58 -12.71
CA ASP B 234 -17.13 15.00 -11.56
C ASP B 234 -16.13 14.30 -10.63
N VAL B 235 -15.16 13.58 -11.20
CA VAL B 235 -14.12 12.94 -10.39
C VAL B 235 -13.35 13.97 -9.58
N ALA B 236 -13.20 15.19 -10.11
CA ALA B 236 -12.44 16.22 -9.41
C ALA B 236 -13.08 16.59 -8.08
N LYS B 237 -14.41 16.55 -7.98
CA LYS B 237 -15.10 16.84 -6.72
C LYS B 237 -14.86 15.78 -5.65
N PHE B 238 -14.28 14.64 -6.00
CA PHE B 238 -14.10 13.56 -5.04
C PHE B 238 -12.64 13.17 -4.93
N ALA B 239 -11.76 14.07 -5.35
CA ALA B 239 -10.33 13.76 -5.35
C ALA B 239 -9.81 13.44 -3.96
N HIS B 240 -10.57 13.76 -2.90
CA HIS B 240 -10.14 13.29 -1.59
C HIS B 240 -10.24 11.78 -1.49
N ILE B 241 -11.33 11.18 -1.99
CA ILE B 241 -11.55 9.74 -1.89
C ILE B 241 -10.37 9.00 -2.53
N LYS B 242 -9.65 8.24 -1.70
CA LYS B 242 -8.40 7.63 -2.14
C LYS B 242 -8.63 6.39 -2.99
N ASP B 243 -9.62 5.57 -2.64
CA ASP B 243 -9.90 4.35 -3.39
C ASP B 243 -10.46 4.70 -4.76
N LYS B 244 -9.81 4.20 -5.82
CA LYS B 244 -10.18 4.57 -7.19
C LYS B 244 -11.61 4.18 -7.53
N ASP B 245 -12.00 2.95 -7.20
CA ASP B 245 -13.37 2.53 -7.51
C ASP B 245 -14.40 3.39 -6.77
N ARG B 246 -14.17 3.60 -5.47
CA ARG B 246 -15.10 4.44 -4.71
C ARG B 246 -15.16 5.85 -5.28
N ARG B 247 -14.01 6.41 -5.67
CA ARG B 247 -14.00 7.77 -6.21
C ARG B 247 -14.75 7.86 -7.55
N THR B 248 -14.56 6.89 -8.44
CA THR B 248 -15.26 6.89 -9.71
C THR B 248 -16.76 6.68 -9.51
N TYR B 249 -17.12 5.72 -8.65
CA TYR B 249 -18.52 5.48 -8.31
C TYR B 249 -19.16 6.73 -7.73
N ALA B 250 -18.50 7.38 -6.77
CA ALA B 250 -19.03 8.63 -6.23
C ALA B 250 -19.31 9.63 -7.35
N ALA B 251 -18.37 9.75 -8.30
CA ALA B 251 -18.55 10.69 -9.39
C ALA B 251 -19.75 10.33 -10.25
N MET B 252 -20.00 9.02 -10.45
CA MET B 252 -21.17 8.64 -11.22
C MET B 252 -22.48 8.97 -10.52
N VAL B 253 -22.54 8.76 -9.20
CA VAL B 253 -23.72 9.17 -8.45
C VAL B 253 -23.89 10.68 -8.52
N TYR B 254 -22.79 11.42 -8.37
CA TYR B 254 -22.85 12.89 -8.43
C TYR B 254 -23.45 13.37 -9.75
N ALA B 255 -23.13 12.69 -10.87
CA ALA B 255 -23.69 13.11 -12.16
C ALA B 255 -25.20 12.95 -12.18
N VAL B 256 -25.72 11.86 -11.61
CA VAL B 256 -27.17 11.74 -11.43
C VAL B 256 -27.69 12.92 -10.61
N ASP B 257 -27.04 13.23 -9.47
CA ASP B 257 -27.48 14.37 -8.68
C ASP B 257 -27.52 15.66 -9.50
N ARG B 258 -26.49 15.93 -10.31
CA ARG B 258 -26.53 17.14 -11.13
C ARG B 258 -27.75 17.16 -12.04
N GLY B 259 -28.04 16.00 -12.65
CA GLY B 259 -29.17 15.95 -13.57
C GLY B 259 -30.49 16.16 -12.85
N VAL B 260 -30.59 15.65 -11.64
CA VAL B 260 -31.80 15.88 -10.84
C VAL B 260 -31.98 17.36 -10.55
N GLY B 261 -30.87 18.06 -10.25
CA GLY B 261 -30.95 19.50 -10.08
C GLY B 261 -31.49 20.22 -11.31
N LYS B 262 -31.04 19.79 -12.50
CA LYS B 262 -31.53 20.44 -13.73
C LYS B 262 -33.00 20.11 -13.97
N ILE B 263 -33.39 18.87 -13.68
CA ILE B 263 -34.79 18.48 -13.80
C ILE B 263 -35.65 19.31 -12.86
N VAL B 264 -35.21 19.46 -11.62
CA VAL B 264 -35.97 20.24 -10.65
C VAL B 264 -36.14 21.69 -11.13
N GLN B 265 -35.08 22.27 -11.68
CA GLN B 265 -35.20 23.67 -12.10
C GLN B 265 -36.16 23.79 -13.28
N THR B 266 -36.12 22.82 -14.20
CA THR B 266 -37.10 22.78 -15.28
C THR B 266 -38.52 22.69 -14.74
N LEU B 267 -38.73 21.83 -13.74
CA LEU B 267 -40.07 21.69 -13.17
C LEU B 267 -40.57 22.99 -12.57
N LYS B 268 -39.66 23.78 -11.99
CA LYS B 268 -40.08 25.06 -11.41
C LYS B 268 -40.37 26.06 -12.51
N GLU B 269 -39.53 26.09 -13.55
CA GLU B 269 -39.74 27.02 -14.67
C GLU B 269 -41.05 26.73 -15.41
N THR B 270 -41.39 25.46 -15.60
CA THR B 270 -42.64 25.15 -16.27
C THR B 270 -43.83 25.15 -15.33
N LYS B 271 -43.63 25.47 -14.05
CA LYS B 271 -44.69 25.51 -13.05
C LYS B 271 -45.32 24.14 -12.81
N GLN B 272 -44.59 23.05 -13.08
CA GLN B 272 -45.07 21.70 -12.80
C GLN B 272 -44.55 21.15 -11.46
N PHE B 273 -43.69 21.88 -10.76
CA PHE B 273 -42.98 21.35 -9.59
C PHE B 273 -43.92 20.99 -8.44
N ASP B 274 -44.88 21.87 -8.13
CA ASP B 274 -45.67 21.73 -6.91
C ASP B 274 -46.60 20.53 -6.96
N ASN B 275 -47.08 20.18 -8.15
CA ASN B 275 -47.99 19.05 -8.35
C ASN B 275 -47.33 17.94 -9.17
N THR B 276 -46.04 17.72 -8.93
CA THR B 276 -45.34 16.54 -9.43
C THR B 276 -44.93 15.72 -8.21
N LEU B 277 -45.27 14.43 -8.24
CA LEU B 277 -44.77 13.49 -7.25
C LEU B 277 -43.48 12.89 -7.80
N ILE B 278 -42.38 13.13 -7.10
CA ILE B 278 -41.08 12.57 -7.48
C ILE B 278 -40.79 11.41 -6.54
N VAL B 279 -40.50 10.25 -7.12
CA VAL B 279 -40.14 9.05 -6.37
C VAL B 279 -38.74 8.67 -6.81
N PHE B 280 -37.82 8.60 -5.86
CA PHE B 280 -36.43 8.26 -6.14
C PHE B 280 -36.14 6.95 -5.41
N LEU B 281 -35.51 5.99 -6.11
CA LEU B 281 -35.09 4.76 -5.44
C LEU B 281 -34.03 4.06 -6.28
N SER B 282 -33.52 2.95 -5.76
CA SER B 282 -32.60 2.07 -6.46
C SER B 282 -33.35 0.80 -6.83
N ASP B 283 -32.93 0.16 -7.91
CA ASP B 283 -33.59 -1.11 -8.34
C ASP B 283 -33.22 -2.26 -7.39
N ASN B 284 -32.08 -2.15 -6.69
CA ASN B 284 -31.62 -3.22 -5.75
C ASN B 284 -30.42 -2.69 -4.94
N GLY B 285 -29.88 -3.51 -4.04
CA GLY B 285 -28.81 -3.03 -3.19
C GLY B 285 -27.53 -2.84 -3.98
N GLY B 286 -26.59 -2.11 -3.37
CA GLY B 286 -25.31 -1.88 -4.02
C GLY B 286 -24.50 -3.16 -4.12
N ASN B 287 -23.63 -3.23 -5.14
CA ASN B 287 -22.65 -4.32 -5.26
C ASN B 287 -21.37 -3.84 -4.60
N PHE B 288 -21.05 -4.39 -3.42
CA PHE B 288 -19.89 -3.83 -2.74
C PHE B 288 -18.57 -4.29 -3.35
N ASN B 289 -18.60 -5.06 -4.42
CA ASN B 289 -17.40 -5.31 -5.22
C ASN B 289 -17.06 -4.17 -6.17
N HIS B 290 -17.99 -3.28 -6.47
CA HIS B 290 -17.78 -2.25 -7.49
C HIS B 290 -18.17 -0.88 -6.97
N GLY B 291 -17.65 -0.53 -5.79
CA GLY B 291 -17.68 0.84 -5.30
C GLY B 291 -18.81 1.15 -4.33
N ALA B 292 -19.82 0.31 -4.21
CA ALA B 292 -20.99 0.63 -3.40
C ALA B 292 -20.79 0.33 -1.92
N ASN B 293 -21.60 0.98 -1.10
CA ASN B 293 -21.59 0.83 0.35
C ASN B 293 -23.03 0.72 0.86
N ASN B 294 -23.38 -0.39 1.50
CA ASN B 294 -24.74 -0.61 1.99
C ASN B 294 -24.87 -0.42 3.51
N TYR B 295 -23.91 0.25 4.15
CA TYR B 295 -23.97 0.44 5.60
C TYR B 295 -25.32 1.03 5.99
N PRO B 296 -25.95 0.57 7.10
CA PRO B 296 -25.48 -0.44 8.08
C PRO B 296 -26.01 -1.84 7.79
N LEU B 297 -26.46 -2.09 6.57
CA LEU B 297 -27.04 -3.36 6.22
C LEU B 297 -25.97 -4.39 5.92
N LYS B 298 -26.29 -5.66 6.20
CA LYS B 298 -25.44 -6.79 5.82
C LYS B 298 -25.63 -7.12 4.34
N GLY B 299 -24.55 -7.46 3.66
CA GLY B 299 -24.69 -8.09 2.36
C GLY B 299 -24.61 -7.13 1.18
N THR B 300 -24.91 -7.68 0.01
CA THR B 300 -24.61 -7.07 -1.27
C THR B 300 -25.73 -7.40 -2.25
N LYS B 301 -25.69 -6.72 -3.40
CA LYS B 301 -26.65 -6.98 -4.51
C LYS B 301 -26.82 -8.48 -4.68
N GLY B 302 -28.05 -8.89 -4.86
CA GLY B 302 -28.38 -10.29 -5.05
C GLY B 302 -28.64 -11.08 -3.77
N ASP B 303 -28.27 -10.57 -2.59
CA ASP B 303 -28.53 -11.27 -1.34
C ASP B 303 -29.97 -11.10 -0.88
N THR B 304 -30.43 -11.98 0.02
CA THR B 304 -31.66 -11.74 0.78
C THR B 304 -31.38 -11.24 2.19
N TRP B 305 -30.12 -10.99 2.53
CA TRP B 305 -29.85 -10.02 3.57
C TRP B 305 -30.46 -8.69 3.16
N GLU B 306 -30.69 -7.80 4.15
CA GLU B 306 -31.27 -6.47 3.88
C GLU B 306 -30.50 -5.76 2.77
N GLY B 307 -29.18 -5.94 2.75
CA GLY B 307 -28.39 -5.18 1.80
C GLY B 307 -28.69 -5.49 0.35
N GLY B 308 -29.34 -6.62 0.06
CA GLY B 308 -29.67 -6.95 -1.30
C GLY B 308 -30.88 -6.22 -1.85
N TYR B 309 -31.85 -5.89 -1.00
CA TYR B 309 -33.11 -5.38 -1.55
C TYR B 309 -33.78 -4.29 -0.72
N ARG B 310 -33.15 -3.81 0.33
CA ARG B 310 -33.59 -2.61 1.01
C ARG B 310 -32.82 -1.45 0.43
N VAL B 311 -33.54 -0.42 -0.03
CA VAL B 311 -32.97 0.60 -0.91
C VAL B 311 -33.35 1.98 -0.38
N PRO B 312 -32.58 3.02 -0.72
CA PRO B 312 -33.04 4.37 -0.36
C PRO B 312 -34.25 4.70 -1.22
N MET B 313 -35.16 5.49 -0.65
CA MET B 313 -36.37 5.93 -1.35
C MET B 313 -36.83 7.22 -0.70
N PHE B 314 -37.32 8.17 -1.52
CA PHE B 314 -38.09 9.29 -0.99
C PHE B 314 -39.26 9.55 -1.93
N PHE B 315 -40.32 10.10 -1.36
CA PHE B 315 -41.44 10.72 -2.09
C PHE B 315 -41.37 12.23 -1.89
N HIS B 316 -41.47 13.00 -2.98
CA HIS B 316 -41.45 14.46 -2.90
C HIS B 316 -42.62 15.01 -3.73
N TRP B 317 -43.50 15.78 -3.09
CA TRP B 317 -44.73 16.25 -3.73
C TRP B 317 -45.26 17.42 -2.91
N PRO B 318 -44.80 18.65 -3.22
CA PRO B 318 -45.06 19.78 -2.33
C PRO B 318 -46.52 20.01 -2.01
N LYS B 319 -47.42 19.74 -2.95
CA LYS B 319 -48.84 20.03 -2.74
C LYS B 319 -49.40 19.28 -1.54
N LYS B 320 -48.86 18.08 -1.26
CA LYS B 320 -49.53 17.18 -0.33
C LYS B 320 -48.60 16.61 0.73
N ILE B 321 -47.35 16.32 0.39
CA ILE B 321 -46.44 15.66 1.33
C ILE B 321 -45.65 16.72 2.08
N LYS B 322 -45.72 16.68 3.41
CA LYS B 322 -45.03 17.66 4.24
C LYS B 322 -43.52 17.45 4.19
N LYS B 323 -42.79 18.54 4.49
CA LYS B 323 -41.34 18.51 4.54
C LYS B 323 -40.85 17.75 5.76
N ASP B 324 -39.62 17.25 5.66
CA ASP B 324 -38.88 16.67 6.80
C ASP B 324 -39.57 15.47 7.41
N GLN B 325 -40.29 14.71 6.59
CA GLN B 325 -40.97 13.52 7.07
C GLN B 325 -40.03 12.32 6.91
N ARG B 326 -40.08 11.42 7.89
CA ARG B 326 -39.44 10.11 7.85
C ARG B 326 -40.54 9.07 8.01
N PHE B 327 -40.72 8.23 7.00
CA PHE B 327 -41.72 7.17 7.06
C PHE B 327 -40.98 5.87 7.37
N ASP B 328 -41.24 5.30 8.56
CA ASP B 328 -40.48 4.18 9.10
C ASP B 328 -41.19 2.84 8.95
N PHE B 329 -42.41 2.83 8.47
CA PHE B 329 -43.05 1.55 8.26
C PHE B 329 -42.57 0.93 6.95
N PRO B 330 -42.40 -0.39 6.91
CA PRO B 330 -41.89 -1.00 5.67
C PRO B 330 -42.87 -0.84 4.51
N VAL B 331 -42.32 -0.57 3.32
CA VAL B 331 -43.07 -0.46 2.08
C VAL B 331 -42.33 -1.21 0.99
N SER B 332 -43.00 -1.38 -0.16
CA SER B 332 -42.47 -2.16 -1.27
C SER B 332 -42.56 -1.36 -2.57
N SER B 333 -41.60 -1.63 -3.48
CA SER B 333 -41.69 -1.04 -4.81
C SER B 333 -42.93 -1.55 -5.54
N LEU B 334 -43.49 -2.68 -5.10
CA LEU B 334 -44.78 -3.15 -5.59
C LEU B 334 -45.89 -2.13 -5.34
N ASP B 335 -45.70 -1.24 -4.36
CA ASP B 335 -46.72 -0.24 -4.07
C ASP B 335 -46.80 0.84 -5.13
N LEU B 336 -45.76 1.01 -5.96
CA LEU B 336 -45.82 2.14 -6.90
C LEU B 336 -46.97 1.99 -7.89
N TYR B 337 -47.19 0.78 -8.40
CA TYR B 337 -48.25 0.57 -9.39
C TYR B 337 -49.62 0.98 -8.87
N PRO B 338 -50.15 0.41 -7.78
CA PRO B 338 -51.47 0.87 -7.31
C PRO B 338 -51.44 2.28 -6.75
N THR B 339 -50.31 2.76 -6.23
CA THR B 339 -50.28 4.14 -5.76
C THR B 339 -50.41 5.09 -6.93
N PHE B 340 -49.61 4.88 -7.98
CA PHE B 340 -49.66 5.77 -9.14
C PHE B 340 -51.03 5.74 -9.83
N THR B 341 -51.57 4.53 -10.07
CA THR B 341 -52.85 4.45 -10.77
C THR B 341 -53.97 5.04 -9.91
N GLY B 342 -53.85 4.90 -8.60
CA GLY B 342 -54.74 5.64 -7.71
C GLY B 342 -54.69 7.14 -7.97
N LEU B 343 -53.48 7.71 -7.99
CA LEU B 343 -53.37 9.16 -8.18
C LEU B 343 -53.84 9.59 -9.56
N ALA B 344 -53.69 8.72 -10.56
CA ALA B 344 -54.15 8.99 -11.90
C ALA B 344 -55.64 8.76 -12.07
N GLU B 345 -56.30 8.23 -11.05
CA GLU B 345 -57.73 7.99 -11.12
C GLU B 345 -58.01 7.04 -12.29
N ALA B 346 -57.14 6.07 -12.48
CA ALA B 346 -57.12 5.25 -13.68
C ALA B 346 -57.70 3.88 -13.37
N LYS B 347 -58.66 3.46 -14.19
CA LYS B 347 -59.27 2.15 -14.02
C LYS B 347 -58.26 1.06 -14.33
N LEU B 348 -58.31 0.01 -13.59
CA LEU B 348 -57.41 -1.10 -13.82
C LEU B 348 -57.97 -2.05 -14.87
N PRO B 349 -57.11 -2.67 -15.69
CA PRO B 349 -57.61 -3.64 -16.67
C PRO B 349 -58.26 -4.83 -15.99
N LYS B 350 -59.35 -5.33 -16.58
CA LYS B 350 -60.05 -6.48 -15.99
C LYS B 350 -59.10 -7.65 -15.78
N GLY B 351 -59.18 -8.26 -14.60
CA GLY B 351 -58.34 -9.40 -14.28
C GLY B 351 -56.96 -9.06 -13.77
N LYS B 352 -56.52 -7.81 -13.88
CA LYS B 352 -55.19 -7.41 -13.42
C LYS B 352 -55.01 -7.68 -11.93
N GLN B 353 -53.95 -8.41 -11.58
CA GLN B 353 -53.58 -8.73 -10.21
C GLN B 353 -52.37 -7.92 -9.76
N LEU B 354 -52.40 -7.42 -8.52
CA LEU B 354 -51.38 -6.54 -7.98
C LEU B 354 -50.96 -7.06 -6.62
N ASP B 355 -49.65 -7.14 -6.38
CA ASP B 355 -49.15 -7.62 -5.10
C ASP B 355 -48.90 -6.51 -4.09
N GLY B 356 -48.89 -5.25 -4.52
CA GLY B 356 -48.64 -4.13 -3.64
C GLY B 356 -49.90 -3.40 -3.20
N LYS B 357 -49.70 -2.22 -2.61
CA LYS B 357 -50.78 -1.46 -2.01
C LYS B 357 -50.69 0.00 -2.42
N ASN B 358 -51.85 0.63 -2.58
CA ASN B 358 -51.89 2.07 -2.70
C ASN B 358 -51.60 2.68 -1.33
N ILE B 359 -50.42 3.29 -1.15
CA ILE B 359 -49.96 3.70 0.18
C ILE B 359 -49.98 5.20 0.40
N MET B 360 -50.50 6.01 -0.53
CA MET B 360 -50.40 7.45 -0.34
C MET B 360 -51.10 7.90 0.93
N ASP B 361 -52.28 7.35 1.19
CA ASP B 361 -53.02 7.70 2.44
C ASP B 361 -52.15 7.39 3.66
N ASP B 362 -51.57 6.19 3.70
CA ASP B 362 -50.73 5.88 4.85
C ASP B 362 -49.58 6.85 4.95
N VAL B 363 -48.99 7.22 3.81
CA VAL B 363 -47.88 8.16 3.83
C VAL B 363 -48.34 9.49 4.43
N LEU B 364 -49.50 9.97 3.99
CA LEU B 364 -49.96 11.32 4.43
C LEU B 364 -50.41 11.30 5.89
N LYS B 365 -50.88 10.15 6.35
CA LYS B 365 -51.38 10.07 7.75
C LYS B 365 -50.37 9.36 8.67
N ASN B 366 -49.26 8.85 8.14
CA ASN B 366 -48.25 8.13 8.93
C ASN B 366 -48.84 6.88 9.58
N THR B 367 -49.53 6.07 8.78
CA THR B 367 -50.05 4.80 9.26
C THR B 367 -49.35 3.66 8.53
N GLU B 368 -49.53 2.47 9.07
CA GLU B 368 -48.70 1.32 8.73
C GLU B 368 -49.37 0.46 7.66
N PRO B 369 -48.95 0.55 6.38
CA PRO B 369 -49.69 -0.16 5.32
C PRO B 369 -49.55 -1.67 5.38
N TYR B 370 -48.44 -2.21 5.89
CA TYR B 370 -48.23 -3.64 5.87
C TYR B 370 -48.40 -4.26 7.26
N LYS B 371 -49.23 -3.63 8.10
CA LYS B 371 -49.45 -4.12 9.45
C LYS B 371 -49.94 -5.56 9.39
N ASP B 372 -49.23 -6.43 10.10
CA ASP B 372 -49.51 -7.88 10.13
C ASP B 372 -49.49 -8.52 8.74
N GLU B 373 -48.78 -7.90 7.79
CA GLU B 373 -48.61 -8.50 6.48
C GLU B 373 -47.13 -8.53 6.12
N MET B 374 -46.80 -9.36 5.14
CA MET B 374 -45.44 -9.74 4.84
C MET B 374 -44.92 -8.96 3.62
N ILE B 375 -43.65 -8.62 3.66
CA ILE B 375 -42.88 -8.23 2.49
C ILE B 375 -41.77 -9.27 2.36
N TYR B 376 -41.56 -9.77 1.13
CA TYR B 376 -40.83 -11.00 0.85
C TYR B 376 -39.69 -10.79 -0.15
N SER B 377 -38.72 -11.69 -0.09
CA SER B 377 -37.83 -11.89 -1.24
C SER B 377 -37.43 -13.36 -1.32
N LEU B 378 -37.37 -13.89 -2.53
CA LEU B 378 -36.84 -15.24 -2.73
C LEU B 378 -35.95 -15.19 -3.96
N ARG B 379 -34.70 -15.61 -3.81
CA ARG B 379 -33.74 -15.52 -4.91
C ARG B 379 -33.17 -16.92 -5.15
N TYR B 380 -33.29 -17.39 -6.39
CA TYR B 380 -32.82 -18.70 -6.76
C TYR B 380 -31.30 -18.72 -6.81
N ARG B 381 -30.71 -19.77 -6.23
CA ARG B 381 -29.27 -20.03 -6.29
C ARG B 381 -29.03 -21.35 -7.03
N GLU B 382 -27.78 -21.76 -7.08
CA GLU B 382 -27.43 -22.99 -7.79
C GLU B 382 -27.72 -24.19 -6.90
N GLY B 383 -29.00 -24.55 -6.81
CA GLY B 383 -29.41 -25.73 -6.08
C GLY B 383 -30.07 -25.48 -4.75
N TYR B 384 -30.33 -24.22 -4.38
CA TYR B 384 -31.05 -23.88 -3.15
C TYR B 384 -31.63 -22.49 -3.35
N ASN B 385 -32.33 -22.00 -2.33
CA ASN B 385 -32.96 -20.69 -2.41
C ASN B 385 -32.56 -19.82 -1.22
N ASP B 386 -32.23 -18.56 -1.50
CA ASP B 386 -32.07 -17.55 -0.47
C ASP B 386 -33.44 -16.92 -0.23
N VAL B 387 -33.76 -16.65 1.04
CA VAL B 387 -35.10 -16.15 1.39
C VAL B 387 -34.99 -15.00 2.38
N GLY B 388 -35.91 -14.05 2.28
CA GLY B 388 -36.11 -13.08 3.35
C GLY B 388 -37.58 -12.75 3.47
N ALA B 389 -38.03 -12.49 4.70
CA ALA B 389 -39.44 -12.15 4.88
C ALA B 389 -39.60 -11.30 6.12
N ARG B 390 -40.27 -10.15 5.98
CA ARG B 390 -40.43 -9.23 7.09
C ARG B 390 -41.89 -8.98 7.43
N MET B 391 -42.21 -9.02 8.72
CA MET B 391 -43.49 -8.56 9.21
C MET B 391 -43.25 -7.69 10.44
N GLY B 392 -43.65 -6.43 10.36
CA GLY B 392 -43.44 -5.52 11.47
C GLY B 392 -41.96 -5.44 11.80
N ASP B 393 -41.63 -5.64 13.07
CA ASP B 393 -40.26 -5.52 13.55
C ASP B 393 -39.40 -6.75 13.28
N TRP B 394 -39.96 -7.81 12.69
CA TRP B 394 -39.30 -9.10 12.63
C TRP B 394 -39.01 -9.51 11.20
N LYS B 395 -37.87 -10.14 10.98
CA LYS B 395 -37.53 -10.67 9.67
C LYS B 395 -36.97 -12.08 9.80
N ILE B 396 -37.32 -12.97 8.87
CA ILE B 396 -36.63 -14.27 8.78
C ILE B 396 -35.73 -14.24 7.56
N THR B 397 -34.56 -14.87 7.67
CA THR B 397 -33.60 -14.86 6.58
C THR B 397 -33.03 -16.26 6.45
N ARG B 398 -32.92 -16.74 5.21
CA ARG B 398 -32.05 -17.88 4.95
C ARG B 398 -31.10 -17.52 3.81
N MET B 399 -29.81 -17.68 4.06
CA MET B 399 -28.73 -17.30 3.16
C MET B 399 -27.73 -18.44 3.07
N GLY B 400 -27.27 -18.76 1.84
CA GLY B 400 -26.28 -19.80 1.63
C GLY B 400 -26.74 -21.20 2.02
N ASN B 401 -28.05 -21.38 2.19
CA ASN B 401 -28.70 -22.62 2.66
C ASN B 401 -28.33 -22.97 4.12
N GLU B 402 -27.84 -22.00 4.89
CA GLU B 402 -27.54 -22.14 6.29
C GLU B 402 -28.83 -22.29 7.11
N PRO B 403 -28.71 -22.56 8.42
CA PRO B 403 -29.91 -22.55 9.28
C PRO B 403 -30.66 -21.22 9.25
N TRP B 404 -31.97 -21.31 9.43
CA TRP B 404 -32.82 -20.13 9.40
C TRP B 404 -32.47 -19.12 10.49
N ARG B 405 -32.67 -17.86 10.18
CA ARG B 405 -32.42 -16.78 11.11
C ARG B 405 -33.72 -16.04 11.37
N LEU B 406 -33.85 -15.57 12.59
CA LEU B 406 -34.91 -14.68 13.03
C LEU B 406 -34.25 -13.46 13.64
N HIS B 407 -34.59 -12.28 13.11
CA HIS B 407 -34.00 -11.03 13.57
C HIS B 407 -35.10 -10.08 13.97
N ASN B 408 -34.87 -9.36 15.06
CA ASN B 408 -35.62 -8.13 15.28
C ASN B 408 -34.89 -7.08 14.45
N ILE B 409 -35.42 -6.81 13.26
CA ILE B 409 -34.70 -5.98 12.29
C ILE B 409 -34.72 -4.52 12.74
N THR B 410 -35.64 -4.15 13.60
CA THR B 410 -35.63 -2.80 14.15
C THR B 410 -34.50 -2.62 15.15
N GLN B 411 -34.26 -3.62 16.00
N GLN B 411 -34.24 -3.62 15.97
CA GLN B 411 -33.17 -3.57 16.96
CA GLN B 411 -33.17 -3.56 16.95
C GLN B 411 -31.83 -3.99 16.37
C GLN B 411 -31.84 -4.09 16.43
N ASP B 412 -31.84 -4.79 15.30
CA ASP B 412 -30.65 -5.48 14.81
C ASP B 412 -30.67 -5.37 13.29
N ILE B 413 -30.52 -4.14 12.79
CA ILE B 413 -30.67 -3.90 11.35
C ILE B 413 -29.59 -4.60 10.53
N GLY B 414 -28.44 -4.90 11.15
CA GLY B 414 -27.35 -5.62 10.51
C GLY B 414 -27.50 -7.13 10.49
N GLU B 415 -28.59 -7.67 11.05
CA GLU B 415 -28.86 -9.11 11.05
C GLU B 415 -27.70 -9.91 11.68
N LYS B 416 -27.25 -9.46 12.84
CA LYS B 416 -26.12 -10.08 13.54
C LYS B 416 -26.51 -11.08 14.60
N LYS B 417 -27.70 -10.94 15.21
CA LYS B 417 -28.11 -11.73 16.38
C LYS B 417 -29.27 -12.64 16.01
N ASN B 418 -28.99 -13.91 15.81
CA ASN B 418 -30.05 -14.85 15.42
C ASN B 418 -30.88 -15.23 16.64
N LEU B 419 -32.17 -14.92 16.61
CA LEU B 419 -33.09 -15.20 17.72
C LEU B 419 -33.96 -16.43 17.48
N ALA B 420 -33.62 -17.23 16.46
CA ALA B 420 -34.43 -18.39 16.11
C ALA B 420 -34.58 -19.34 17.29
N GLY B 421 -33.50 -19.53 18.05
CA GLY B 421 -33.56 -20.39 19.22
C GLY B 421 -34.43 -19.83 20.33
N ARG B 422 -34.50 -18.50 20.43
CA ARG B 422 -35.22 -17.86 21.53
C ARG B 422 -36.71 -17.81 21.28
N TYR B 423 -37.14 -17.65 20.01
CA TYR B 423 -38.54 -17.51 19.66
C TYR B 423 -38.88 -18.46 18.51
N PRO B 424 -38.83 -19.77 18.77
CA PRO B 424 -39.11 -20.72 17.68
C PRO B 424 -40.52 -20.60 17.15
N ASP B 425 -41.49 -20.23 18.00
CA ASP B 425 -42.87 -20.10 17.52
C ASP B 425 -43.00 -18.98 16.49
N ARG B 426 -42.37 -17.83 16.73
CA ARG B 426 -42.45 -16.76 15.74
C ARG B 426 -41.80 -17.17 14.43
N LEU B 427 -40.63 -17.82 14.51
CA LEU B 427 -39.92 -18.28 13.33
C LEU B 427 -40.80 -19.21 12.48
N LYS B 428 -41.36 -20.24 13.12
CA LYS B 428 -42.22 -21.18 12.41
C LYS B 428 -43.46 -20.54 11.84
N GLU B 429 -44.04 -19.56 12.56
CA GLU B 429 -45.17 -18.80 12.03
C GLU B 429 -44.80 -18.08 10.74
N MET B 430 -43.66 -17.38 10.75
CA MET B 430 -43.24 -16.64 9.56
C MET B 430 -42.87 -17.60 8.45
N ILE B 431 -42.24 -18.72 8.80
CA ILE B 431 -41.88 -19.75 7.83
C ILE B 431 -43.13 -20.27 7.12
N ALA B 432 -44.16 -20.64 7.90
CA ALA B 432 -45.40 -21.14 7.32
C ALA B 432 -46.02 -20.12 6.37
N LYS B 433 -46.07 -18.86 6.79
CA LYS B 433 -46.62 -17.83 5.92
C LYS B 433 -45.81 -17.72 4.63
N THR B 434 -44.48 -17.72 4.74
CA THR B 434 -43.65 -17.60 3.55
C THR B 434 -43.80 -18.81 2.64
N GLN B 435 -43.84 -20.01 3.23
CA GLN B 435 -44.02 -21.22 2.42
C GLN B 435 -45.32 -21.16 1.63
N GLU B 436 -46.38 -20.65 2.27
CA GLU B 436 -47.67 -20.54 1.61
C GLU B 436 -47.61 -19.59 0.42
N TRP B 437 -46.85 -18.50 0.55
CA TRP B 437 -46.64 -17.61 -0.58
C TRP B 437 -46.06 -18.38 -1.77
N THR B 438 -45.04 -19.22 -1.52
CA THR B 438 -44.39 -19.94 -2.60
C THR B 438 -45.33 -20.91 -3.31
N LYS B 439 -46.45 -21.28 -2.69
CA LYS B 439 -47.39 -22.21 -3.32
C LYS B 439 -48.02 -21.59 -4.57
N SER B 440 -48.07 -20.27 -4.66
CA SER B 440 -48.66 -19.59 -5.82
C SER B 440 -47.68 -19.36 -6.96
N PHE B 441 -46.41 -19.77 -6.81
CA PHE B 441 -45.40 -19.43 -7.80
C PHE B 441 -45.63 -20.17 -9.12
N VAL B 442 -45.18 -19.56 -10.21
CA VAL B 442 -45.16 -20.20 -11.52
C VAL B 442 -43.74 -20.67 -11.81
N LYS B 443 -43.56 -21.37 -12.91
CA LYS B 443 -42.22 -21.73 -13.34
C LYS B 443 -41.55 -20.53 -14.03
N PRO B 444 -40.24 -20.39 -13.90
CA PRO B 444 -39.55 -19.34 -14.64
C PRO B 444 -39.74 -19.55 -16.13
N LEU B 445 -39.95 -18.44 -16.86
CA LEU B 445 -40.01 -18.54 -18.32
C LEU B 445 -38.65 -18.79 -18.93
N TRP B 446 -37.59 -18.37 -18.25
CA TRP B 446 -36.22 -18.62 -18.67
C TRP B 446 -35.39 -18.70 -17.39
N VAL B 447 -34.23 -19.35 -17.48
CA VAL B 447 -33.31 -19.34 -16.35
C VAL B 447 -32.06 -18.61 -16.83
N TYR B 448 -31.00 -18.57 -16.02
CA TYR B 448 -29.83 -17.80 -16.41
C TYR B 448 -28.68 -18.64 -16.95
N SER B 449 -28.30 -19.75 -16.30
CA SER B 449 -27.17 -20.56 -16.72
C SER B 449 -27.62 -21.95 -17.14
N VAL B 450 -26.71 -22.65 -17.81
CA VAL B 450 -26.93 -24.05 -18.16
C VAL B 450 -27.11 -24.89 -16.90
N LYS B 451 -26.32 -24.60 -15.85
CA LYS B 451 -26.52 -25.25 -14.57
C LYS B 451 -27.94 -25.07 -14.07
N ASP B 452 -28.49 -23.85 -14.17
CA ASP B 452 -29.89 -23.62 -13.80
C ASP B 452 -30.81 -24.59 -14.54
N LYS B 453 -30.69 -24.63 -15.87
CA LYS B 453 -31.57 -25.49 -16.67
C LYS B 453 -31.53 -26.94 -16.19
N GLU B 454 -30.33 -27.46 -15.95
CA GLU B 454 -30.22 -28.86 -15.51
C GLU B 454 -30.93 -29.05 -14.17
N LEU B 455 -30.74 -28.11 -13.25
CA LEU B 455 -31.33 -28.22 -11.92
C LEU B 455 -32.86 -28.18 -11.97
N TRP B 456 -33.42 -27.26 -12.75
CA TRP B 456 -34.88 -27.20 -12.89
C TRP B 456 -35.42 -28.42 -13.63
N GLU B 457 -34.71 -28.90 -14.65
CA GLU B 457 -35.19 -30.04 -15.42
C GLU B 457 -35.13 -31.32 -14.61
N SER B 458 -34.11 -31.48 -13.75
CA SER B 458 -34.02 -32.62 -12.84
C SER B 458 -34.93 -32.52 -11.62
N GLY B 459 -35.60 -31.38 -11.43
CA GLY B 459 -36.38 -31.18 -10.22
C GLY B 459 -35.57 -30.91 -8.97
N GLN B 460 -34.24 -30.82 -9.10
CA GLN B 460 -33.39 -30.35 -8.00
C GLN B 460 -33.73 -28.91 -7.61
N MET B 461 -34.14 -28.08 -8.57
CA MET B 461 -34.83 -26.85 -8.24
C MET B 461 -36.29 -26.95 -8.66
N PRO B 462 -37.19 -26.20 -8.01
CA PRO B 462 -36.94 -25.23 -6.93
C PRO B 462 -36.84 -25.85 -5.53
N ASN B 463 -37.40 -27.04 -5.30
CA ASN B 463 -37.44 -27.70 -3.98
C ASN B 463 -37.73 -26.70 -2.86
N TYR B 464 -38.90 -26.05 -2.97
CA TYR B 464 -39.33 -25.17 -1.88
C TYR B 464 -39.48 -25.92 -0.58
N GLU B 465 -39.80 -27.22 -0.65
CA GLU B 465 -39.96 -28.00 0.57
C GLU B 465 -38.65 -28.02 1.36
N ALA B 466 -37.52 -28.25 0.69
CA ALA B 466 -36.25 -28.24 1.41
C ALA B 466 -35.93 -26.85 1.95
N THR B 467 -36.40 -25.82 1.24
CA THR B 467 -36.10 -24.45 1.63
C THR B 467 -36.68 -24.13 3.00
N PHE B 468 -37.86 -24.66 3.31
CA PHE B 468 -38.53 -24.36 4.56
C PHE B 468 -38.36 -25.45 5.61
N GLU B 469 -37.38 -26.34 5.43
CA GLU B 469 -36.89 -27.17 6.53
C GLU B 469 -36.32 -26.28 7.63
N VAL B 470 -36.47 -26.71 8.87
CA VAL B 470 -36.02 -25.88 9.98
C VAL B 470 -35.24 -26.73 10.99
N ASP B 471 -35.92 -27.66 11.66
CA ASP B 471 -35.31 -28.35 12.81
C ASP B 471 -34.09 -29.16 12.40
N LYS B 472 -34.14 -29.83 11.26
CA LYS B 472 -33.02 -30.69 10.87
C LYS B 472 -31.77 -29.89 10.58
N LEU B 473 -31.89 -28.57 10.39
CA LEU B 473 -30.72 -27.73 10.11
C LEU B 473 -29.91 -27.45 11.37
N VAL B 474 -30.53 -27.53 12.54
CA VAL B 474 -29.84 -27.23 13.79
C VAL B 474 -29.70 -28.43 14.73
N ASP B 475 -30.54 -29.46 14.61
CA ASP B 475 -30.47 -30.59 15.53
C ASP B 475 -29.25 -31.44 15.22
N SER B 476 -28.62 -31.97 16.28
CA SER B 476 -27.49 -32.86 16.12
C SER B 476 -27.99 -34.29 15.87
N PRO B 477 -27.30 -35.07 15.02
CA PRO B 477 -27.71 -36.47 14.83
C PRO B 477 -27.43 -37.35 16.03
N TYR B 478 -26.64 -36.86 17.00
CA TYR B 478 -26.11 -37.69 18.08
C TYR B 478 -26.75 -37.41 19.43
N HIS B 479 -27.73 -36.52 19.51
CA HIS B 479 -28.59 -36.38 20.70
C HIS B 479 -29.18 -37.72 21.14
N THR C 15 16.20 49.97 0.09
CA THR C 15 15.26 48.88 0.27
C THR C 15 15.53 48.10 1.56
N ARG C 16 14.56 48.16 2.47
CA ARG C 16 14.61 47.37 3.67
C ARG C 16 14.76 45.89 3.32
N PRO C 17 15.53 45.14 4.10
CA PRO C 17 15.78 43.74 3.75
C PRO C 17 14.62 42.83 4.14
N ASN C 18 14.49 41.75 3.39
CA ASN C 18 13.66 40.64 3.85
C ASN C 18 14.29 40.01 5.09
N ILE C 19 13.45 39.38 5.90
CA ILE C 19 13.90 38.75 7.14
C ILE C 19 13.33 37.34 7.18
N LEU C 20 14.20 36.35 7.28
CA LEU C 20 13.79 34.95 7.34
C LEU C 20 14.38 34.36 8.61
N VAL C 21 13.51 33.95 9.53
CA VAL C 21 13.91 33.28 10.77
C VAL C 21 13.74 31.79 10.55
N VAL C 22 14.83 31.04 10.68
CA VAL C 22 14.75 29.59 10.66
C VAL C 22 15.01 29.14 12.07
N LEU C 23 13.98 28.61 12.72
CA LEU C 23 14.01 28.23 14.13
C LEU C 23 13.74 26.74 14.21
N CYS C 24 14.75 25.98 14.64
CA CYS C 24 14.58 24.58 14.93
C CYS C 24 14.12 24.37 16.37
N ASP C 25 13.64 23.16 16.62
CA ASP C 25 13.05 22.85 17.93
C ASP C 25 13.90 21.78 18.63
N ASP C 26 14.52 22.13 19.76
CA ASP C 26 15.39 21.19 20.53
C ASP C 26 16.64 20.75 19.72
N LEU C 27 17.23 21.65 18.95
CA LEU C 27 18.47 21.34 18.24
C LEU C 27 19.65 21.48 19.19
N GLY C 28 20.45 20.40 19.30
CA GLY C 28 21.58 20.40 20.21
C GLY C 28 22.76 21.26 19.74
N TYR C 29 23.57 21.70 20.72
CA TYR C 29 24.61 22.69 20.41
C TYR C 29 25.58 22.18 19.36
N ALA C 30 25.91 20.89 19.41
CA ALA C 30 26.91 20.30 18.53
C ALA C 30 26.29 19.53 17.38
N ASP C 31 25.08 19.88 16.96
CA ASP C 31 24.35 19.09 15.97
C ASP C 31 24.20 19.78 14.62
N VAL C 32 24.94 20.84 14.36
CA VAL C 32 25.13 21.30 12.99
C VAL C 32 26.63 21.43 12.74
N GLY C 33 27.01 21.24 11.47
CA GLY C 33 28.42 21.27 11.11
C GLY C 33 29.11 22.53 11.59
N PHE C 34 28.51 23.69 11.32
CA PHE C 34 29.18 24.95 11.63
C PHE C 34 29.35 25.18 13.12
N ASN C 35 28.65 24.42 13.96
CA ASN C 35 28.80 24.59 15.38
C ASN C 35 29.52 23.41 16.03
N GLY C 36 30.17 22.57 15.23
CA GLY C 36 31.04 21.53 15.74
C GLY C 36 30.63 20.12 15.40
N SER C 37 29.56 19.85 14.66
CA SER C 37 29.18 18.45 14.48
C SER C 37 30.18 17.71 13.60
N THR C 38 30.53 16.50 14.02
CA THR C 38 31.36 15.63 13.22
C THR C 38 30.61 14.45 12.66
N ASP C 39 29.35 14.23 13.04
CA ASP C 39 28.57 13.16 12.44
C ASP C 39 27.31 13.63 11.71
N ILE C 40 26.73 14.77 12.07
CA ILE C 40 25.52 15.25 11.39
C ILE C 40 25.95 16.19 10.28
N LEU C 41 25.50 15.90 9.06
CA LEU C 41 25.89 16.68 7.88
C LEU C 41 24.82 17.72 7.57
N THR C 42 25.21 19.00 7.59
CA THR C 42 24.31 20.10 7.25
C THR C 42 25.00 21.07 6.28
N PRO C 43 25.29 20.61 5.07
CA PRO C 43 26.09 21.45 4.16
C PRO C 43 25.44 22.77 3.79
N GLU C 44 24.11 22.82 3.65
CA GLU C 44 23.48 24.08 3.25
C GLU C 44 23.54 25.10 4.38
N LEU C 45 23.21 24.66 5.61
CA LEU C 45 23.31 25.55 6.75
C LEU C 45 24.75 26.00 6.95
N ASP C 46 25.69 25.07 6.78
CA ASP C 46 27.10 25.45 6.94
C ASP C 46 27.52 26.47 5.91
N ASN C 47 27.11 26.27 4.65
CA ASN C 47 27.45 27.27 3.64
C ASN C 47 26.93 28.65 4.00
N LEU C 48 25.69 28.74 4.50
CA LEU C 48 25.16 30.04 4.88
C LEU C 48 25.98 30.64 6.02
N ALA C 49 26.24 29.83 7.06
CA ALA C 49 26.98 30.31 8.22
C ALA C 49 28.37 30.77 7.84
N GLN C 50 29.07 29.99 7.01
CA GLN C 50 30.39 30.38 6.51
C GLN C 50 30.37 31.74 5.84
N ASN C 51 29.25 32.11 5.20
CA ASN C 51 29.15 33.36 4.46
C ASN C 51 28.49 34.45 5.27
N GLY C 52 28.36 34.25 6.57
CA GLY C 52 27.86 35.28 7.44
C GLY C 52 28.56 35.27 8.76
N SER C 53 27.82 35.53 9.82
CA SER C 53 28.36 35.68 11.16
C SER C 53 27.85 34.54 12.04
N ILE C 54 28.76 33.69 12.52
CA ILE C 54 28.41 32.66 13.48
C ILE C 54 28.46 33.27 14.87
N PHE C 55 27.42 33.05 15.67
CA PHE C 55 27.36 33.57 17.05
C PHE C 55 27.76 32.44 18.00
N THR C 56 28.90 32.61 18.68
CA THR C 56 29.46 31.54 19.50
C THR C 56 28.97 31.60 20.94
N SER C 57 28.33 32.70 21.35
CA SER C 57 27.69 32.86 22.67
C SER C 57 26.26 33.43 22.50
N ALA C 58 25.40 32.68 21.82
CA ALA C 58 24.01 33.04 21.59
C ALA C 58 23.11 32.36 22.63
N TYR C 59 22.20 33.13 23.22
CA TYR C 59 21.34 32.63 24.27
C TYR C 59 19.88 32.89 23.94
N VAL C 60 19.02 31.92 24.22
CA VAL C 60 17.58 32.11 24.22
C VAL C 60 17.16 32.49 25.62
N ALA C 61 15.96 33.09 25.75
CA ALA C 61 15.53 33.65 27.03
C ALA C 61 15.05 32.60 28.04
N HIS C 62 14.84 31.35 27.62
CA HIS C 62 14.39 30.34 28.55
C HIS C 62 14.81 28.99 28.00
N PRO C 63 15.13 28.02 28.85
CA PRO C 63 15.66 26.74 28.35
C PRO C 63 14.61 25.76 27.87
N PHE C 64 13.35 26.14 27.65
CA PHE C 64 12.46 25.28 26.86
C PHE C 64 11.41 26.12 26.09
N OSE C 65 10.80 25.47 25.11
CA OSE C 65 10.02 26.11 24.02
CB OSE C 65 9.24 25.06 23.28
OG OSE C 65 8.72 24.17 24.19
C OSE C 65 9.06 27.25 24.33
O OSE C 65 9.35 28.35 23.90
S OSE C 65 9.43 22.78 24.16
O1S OSE C 65 10.83 22.99 23.86
O2S OSE C 65 9.19 22.27 25.48
O3S OSE C 65 8.69 22.16 23.09
N GLY C 66 7.96 26.93 24.96
CA GLY C 66 6.86 27.87 25.09
C GLY C 66 7.35 29.25 25.50
N PRO C 67 8.00 29.30 26.67
CA PRO C 67 8.52 30.59 27.15
C PRO C 67 9.62 31.15 26.27
N SER C 68 10.43 30.28 25.66
CA SER C 68 11.44 30.76 24.70
C SER C 68 10.77 31.43 23.50
N ARG C 69 9.79 30.75 22.90
CA ARG C 69 9.14 31.29 21.71
C ARG C 69 8.36 32.55 22.03
N SER C 70 7.74 32.57 23.22
CA SER C 70 7.08 33.77 23.74
C SER C 70 8.05 34.95 23.79
N ALA C 71 9.25 34.71 24.33
CA ALA C 71 10.24 35.78 24.41
C ALA C 71 10.68 36.25 23.02
N ILE C 72 10.76 35.34 22.06
CA ILE C 72 11.21 35.74 20.72
C ILE C 72 10.21 36.68 20.08
N LEU C 73 8.93 36.38 20.23
CA LEU C 73 7.95 37.16 19.50
C LEU C 73 7.50 38.40 20.27
N THR C 74 7.51 38.35 21.61
CA THR C 74 7.19 39.54 22.41
C THR C 74 8.41 40.42 22.66
N GLY C 75 9.61 39.87 22.62
CA GLY C 75 10.78 40.64 22.98
C GLY C 75 10.97 40.86 24.46
N ARG C 76 10.28 40.09 25.33
CA ARG C 76 10.41 40.21 26.77
C ARG C 76 10.64 38.84 27.41
N TYR C 77 11.38 38.85 28.52
CA TYR C 77 11.53 37.66 29.34
C TYR C 77 10.15 37.10 29.69
N PRO C 78 9.97 35.78 29.63
CA PRO C 78 8.66 35.21 29.95
C PRO C 78 8.23 35.47 31.37
N HIS C 79 9.19 35.72 32.28
CA HIS C 79 8.90 36.08 33.66
C HIS C 79 8.21 37.44 33.75
N LEU C 80 8.27 38.24 32.69
CA LEU C 80 7.63 39.55 32.64
C LEU C 80 6.26 39.51 31.96
N THR C 81 5.97 38.47 31.16
CA THR C 81 4.72 38.37 30.44
C THR C 81 3.79 37.31 31.03
N GLY C 82 4.24 36.58 32.05
CA GLY C 82 3.44 35.54 32.68
C GLY C 82 3.48 34.19 31.99
N THR C 83 4.43 33.97 31.07
CA THR C 83 4.44 32.81 30.18
C THR C 83 5.70 31.96 30.37
N ALA C 84 6.14 31.77 31.61
CA ALA C 84 7.36 31.01 31.90
C ALA C 84 7.13 29.51 32.09
N TYR C 85 5.90 29.04 31.93
CA TYR C 85 5.59 27.63 31.86
C TYR C 85 5.03 27.30 30.47
N ASN C 86 5.19 26.04 30.06
CA ASN C 86 4.54 25.58 28.83
C ASN C 86 3.02 25.53 29.02
N LEU C 87 2.30 25.82 27.94
CA LEU C 87 0.92 25.36 27.83
C LEU C 87 0.90 23.84 27.77
N PHE C 88 -0.10 23.22 28.41
CA PHE C 88 -0.19 21.76 28.40
C PHE C 88 -0.61 21.24 27.03
N HIS C 89 -0.45 19.93 26.82
CA HIS C 89 -0.99 19.30 25.61
C HIS C 89 -2.48 19.60 25.50
N ASN C 90 -2.94 19.88 24.28
CA ASN C 90 -4.37 20.12 24.03
C ASN C 90 -4.93 21.23 24.92
N SER C 91 -4.17 22.33 25.07
CA SER C 91 -4.64 23.45 25.89
C SER C 91 -5.89 24.08 25.30
N SER C 92 -6.61 24.83 26.13
CA SER C 92 -7.97 25.25 25.79
C SER C 92 -7.99 26.09 24.53
N GLU C 93 -8.85 25.71 23.60
CA GLU C 93 -9.10 26.46 22.39
C GLU C 93 -10.21 27.49 22.57
N ASP C 94 -10.64 27.77 23.79
CA ASP C 94 -11.72 28.72 24.02
C ASP C 94 -11.10 30.03 24.53
N ASP C 95 -11.50 31.14 23.91
CA ASP C 95 -10.91 32.44 24.27
C ASP C 95 -11.09 32.80 25.75
N LYS C 96 -12.18 32.35 26.39
CA LYS C 96 -12.39 32.74 27.78
C LYS C 96 -11.35 32.15 28.73
N ASP C 97 -10.63 31.12 28.32
CA ASP C 97 -9.68 30.50 29.23
C ASP C 97 -8.29 31.14 29.19
N ASN C 98 -8.06 32.07 28.27
CA ASN C 98 -6.81 32.84 28.18
C ASN C 98 -5.56 31.96 28.30
N MET C 99 -5.60 30.80 27.66
CA MET C 99 -4.44 29.89 27.62
C MET C 99 -3.58 30.28 26.43
N GLY C 100 -2.85 31.38 26.58
CA GLY C 100 -2.05 31.90 25.48
C GLY C 100 -1.32 33.15 25.92
N VAL C 101 -0.34 33.55 25.11
CA VAL C 101 0.43 34.74 25.46
C VAL C 101 -0.48 35.95 25.44
N PRO C 102 -0.46 36.82 26.48
CA PRO C 102 -1.33 38.01 26.50
C PRO C 102 -1.46 38.73 25.17
N VAL C 103 -2.70 38.96 24.72
CA VAL C 103 -2.90 39.61 23.43
C VAL C 103 -2.36 41.04 23.41
N GLU C 104 -2.17 41.64 24.57
CA GLU C 104 -1.71 43.02 24.60
C GLU C 104 -0.18 43.16 24.47
N GLU C 105 0.58 42.07 24.59
CA GLU C 105 2.02 42.10 24.28
C GLU C 105 2.18 41.99 22.77
N THR C 106 2.34 43.12 22.10
CA THR C 106 2.39 43.12 20.65
C THR C 106 3.60 42.37 20.12
N TYR C 107 3.36 41.42 19.21
CA TYR C 107 4.42 40.65 18.58
C TYR C 107 5.14 41.48 17.53
N MET C 108 6.41 41.13 17.30
CA MET C 108 7.17 41.81 16.25
C MET C 108 6.57 41.57 14.88
N SER C 109 5.91 40.43 14.67
CA SER C 109 5.21 40.19 13.42
C SER C 109 4.20 41.30 13.14
N LYS C 110 3.38 41.66 14.14
CA LYS C 110 2.38 42.70 13.94
C LYS C 110 3.05 44.04 13.63
N VAL C 111 4.14 44.34 14.34
CA VAL C 111 4.91 45.55 14.10
C VAL C 111 5.39 45.59 12.65
N LEU C 112 5.93 44.48 12.16
CA LEU C 112 6.48 44.50 10.80
C LEU C 112 5.36 44.56 9.77
N GLN C 113 4.26 43.86 10.05
CA GLN C 113 3.08 43.91 9.19
C GLN C 113 2.55 45.33 9.07
N ASN C 114 2.47 46.06 10.19
CA ASN C 114 2.04 47.45 10.15
C ASN C 114 3.02 48.36 9.43
N ALA C 115 4.28 47.96 9.33
CA ALA C 115 5.28 48.68 8.54
C ALA C 115 5.31 48.23 7.09
N GLY C 116 4.39 47.38 6.65
CA GLY C 116 4.31 47.00 5.25
C GLY C 116 5.00 45.72 4.85
N TYR C 117 5.48 44.92 5.79
CA TYR C 117 6.04 43.63 5.42
C TYR C 117 4.93 42.64 5.12
N TYR C 118 5.17 41.76 4.14
CA TYR C 118 4.41 40.54 4.00
C TYR C 118 4.88 39.53 5.07
N THR C 119 3.99 39.15 5.99
CA THR C 119 4.37 38.32 7.12
C THR C 119 3.79 36.91 6.97
N SER C 120 4.57 35.91 7.37
CA SER C 120 4.15 34.53 7.23
C SER C 120 4.76 33.72 8.36
N ALA C 121 4.02 32.74 8.87
CA ALA C 121 4.49 31.86 9.92
C ALA C 121 4.27 30.44 9.43
N ILE C 122 5.26 29.57 9.63
CA ILE C 122 5.19 28.20 9.15
C ILE C 122 5.67 27.28 10.27
N GLY C 123 4.96 26.17 10.45
CA GLY C 123 5.38 25.14 11.38
C GLY C 123 4.73 25.31 12.74
N LYS C 124 5.57 25.31 13.77
CA LYS C 124 5.13 25.20 15.16
C LYS C 124 4.81 26.58 15.71
N TRP C 125 3.75 26.65 16.53
CA TRP C 125 3.35 27.90 17.15
C TRP C 125 3.61 27.88 18.65
N HIS C 126 2.76 27.15 19.40
CA HIS C 126 2.92 26.95 20.84
C HIS C 126 2.71 28.23 21.64
N LEU C 127 1.92 29.18 21.12
CA LEU C 127 1.67 30.44 21.84
C LEU C 127 0.18 30.65 22.17
N GLY C 128 -0.62 29.59 22.16
CA GLY C 128 -2.06 29.70 22.39
C GLY C 128 -2.89 29.06 21.29
N ALA C 129 -3.80 28.18 21.65
CA ALA C 129 -4.59 27.46 20.66
C ALA C 129 -6.04 27.98 20.55
N ALA C 130 -6.40 29.05 21.26
CA ALA C 130 -7.69 29.73 21.13
C ALA C 130 -7.64 30.83 20.07
N PRO C 131 -8.79 31.18 19.46
CA PRO C 131 -8.79 32.15 18.34
C PRO C 131 -8.02 33.44 18.59
N LYS C 132 -8.17 34.09 19.74
CA LYS C 132 -7.50 35.37 19.98
C LYS C 132 -5.97 35.23 19.92
N PHE C 133 -5.44 34.02 20.11
CA PHE C 133 -4.01 33.79 20.12
C PHE C 133 -3.46 33.35 18.77
N HIS C 134 -4.32 33.28 17.76
CA HIS C 134 -3.97 32.71 16.46
C HIS C 134 -2.95 33.58 15.74
N PRO C 135 -1.98 32.98 15.04
CA PRO C 135 -1.06 33.77 14.19
C PRO C 135 -1.75 34.85 13.35
N ASN C 136 -2.89 34.55 12.71
CA ASN C 136 -3.53 35.53 11.82
C ASN C 136 -4.02 36.76 12.58
N LYS C 137 -4.31 36.61 13.86
CA LYS C 137 -4.68 37.73 14.71
C LYS C 137 -3.47 38.39 15.37
N ARG C 138 -2.29 37.80 15.15
CA ARG C 138 -1.06 38.30 15.85
C ARG C 138 -0.01 38.80 14.84
N GLY C 139 -0.44 39.31 13.69
CA GLY C 139 0.47 39.95 12.75
C GLY C 139 0.95 39.13 11.58
N PHE C 140 0.46 37.91 11.39
CA PHE C 140 0.89 37.07 10.27
C PHE C 140 -0.17 37.03 9.18
N ASP C 141 0.19 37.53 7.99
CA ASP C 141 -0.69 37.43 6.81
C ASP C 141 -1.01 35.98 6.48
N ASP C 142 0.00 35.11 6.49
CA ASP C 142 -0.16 33.70 6.21
C ASP C 142 0.29 32.86 7.39
N PHE C 143 -0.36 31.70 7.58
CA PHE C 143 0.06 30.72 8.57
C PHE C 143 -0.19 29.31 8.03
N TYR C 144 0.83 28.45 8.10
CA TYR C 144 0.68 27.06 7.72
C TYR C 144 1.38 26.22 8.79
N GLY C 145 0.63 25.48 9.58
CA GLY C 145 1.31 24.65 10.58
C GLY C 145 0.34 24.20 11.66
N PHE C 146 0.86 24.08 12.88
CA PHE C 146 0.05 23.58 13.97
C PHE C 146 0.22 24.50 15.16
N LEU C 147 -0.83 24.57 15.98
CA LEU C 147 -0.89 25.54 17.06
C LEU C 147 -0.22 25.08 18.35
N GLY C 148 -0.09 23.76 18.56
CA GLY C 148 0.43 23.21 19.80
C GLY C 148 1.95 23.06 19.82
N GLY C 149 2.41 22.15 20.70
CA GLY C 149 3.83 22.01 20.99
C GLY C 149 4.60 21.03 20.12
N GLY C 150 3.91 20.20 19.34
CA GLY C 150 4.62 19.26 18.51
C GLY C 150 3.66 18.55 17.59
N HIS C 151 4.21 17.70 16.72
CA HIS C 151 3.38 17.01 15.74
C HIS C 151 4.09 15.79 15.20
N ASP C 152 3.34 14.73 14.94
CA ASP C 152 3.86 13.60 14.19
C ASP C 152 4.22 14.02 12.77
N TYR C 153 5.20 13.34 12.17
CA TYR C 153 5.83 13.84 10.94
C TYR C 153 5.29 13.25 9.64
N PHE C 154 4.57 12.14 9.66
CA PHE C 154 4.13 11.55 8.38
C PHE C 154 2.62 11.61 8.25
N PRO C 155 2.10 12.45 7.35
CA PRO C 155 0.64 12.57 7.23
C PRO C 155 -0.06 11.26 6.87
N SER C 156 0.53 10.42 6.03
CA SER C 156 -0.09 9.11 5.81
C SER C 156 -0.31 8.39 7.12
N GLU C 157 0.55 8.63 8.13
CA GLU C 157 0.37 7.95 9.40
C GLU C 157 -0.59 8.71 10.31
N TYR C 158 -0.34 10.00 10.57
CA TYR C 158 -1.17 10.67 11.58
C TYR C 158 -2.60 10.93 11.08
N GLN C 159 -2.79 11.21 9.79
CA GLN C 159 -4.15 11.41 9.28
C GLN C 159 -4.99 10.14 9.41
N LYS C 160 -4.38 8.97 9.21
CA LYS C 160 -5.14 7.73 9.36
C LYS C 160 -5.56 7.53 10.81
N THR C 161 -4.67 7.84 11.75
CA THR C 161 -4.99 7.72 13.16
C THR C 161 -6.08 8.72 13.56
N TYR C 162 -5.90 9.98 13.19
CA TYR C 162 -6.88 11.01 13.53
C TYR C 162 -8.28 10.61 13.06
N LYS C 163 -8.40 10.26 11.78
CA LYS C 163 -9.73 9.99 11.21
C LYS C 163 -10.38 8.82 11.91
N ALA C 164 -9.59 7.79 12.25
CA ALA C 164 -10.17 6.62 12.91
C ALA C 164 -10.62 6.95 14.34
N GLN C 165 -9.81 7.69 15.10
CA GLN C 165 -10.20 8.04 16.46
C GLN C 165 -11.37 9.00 16.46
N LYS C 166 -11.37 9.97 15.54
CA LYS C 166 -12.48 10.92 15.53
C LYS C 166 -13.78 10.20 15.15
N LYS C 167 -13.71 9.23 14.24
CA LYS C 167 -14.90 8.48 13.88
C LYS C 167 -15.41 7.66 15.07
N ALA C 168 -14.50 7.04 15.83
CA ALA C 168 -14.88 6.26 17.00
C ALA C 168 -15.31 7.12 18.19
N GLY C 169 -15.19 8.44 18.10
CA GLY C 169 -15.58 9.31 19.21
C GLY C 169 -14.59 9.33 20.35
N ASN C 170 -13.33 9.08 20.08
CA ASN C 170 -12.28 9.13 21.11
C ASN C 170 -12.23 10.54 21.70
N PRO C 171 -12.43 10.69 23.01
CA PRO C 171 -12.37 12.03 23.63
C PRO C 171 -10.97 12.49 24.04
N ASN C 172 -9.93 11.75 23.69
CA ASN C 172 -8.59 12.05 24.19
C ASN C 172 -7.57 12.00 23.06
N ILE C 173 -7.97 12.44 21.87
CA ILE C 173 -7.08 12.43 20.72
C ILE C 173 -5.94 13.43 20.93
N ARG C 174 -4.72 12.99 20.65
CA ARG C 174 -3.55 13.81 20.94
C ARG C 174 -3.43 14.89 19.89
N ASP C 175 -3.07 16.10 20.33
CA ASP C 175 -2.94 17.15 19.32
C ASP C 175 -1.79 16.89 18.34
N TYR C 176 -0.91 15.93 18.65
CA TYR C 176 0.17 15.59 17.72
C TYR C 176 -0.34 14.95 16.43
N VAL C 177 -1.57 14.46 16.39
CA VAL C 177 -2.12 13.92 15.16
C VAL C 177 -3.23 14.79 14.57
N PHE C 178 -3.55 15.94 15.20
CA PHE C 178 -4.56 16.85 14.64
C PHE C 178 -4.16 17.26 13.22
N PRO C 179 -5.11 17.38 12.30
CA PRO C 179 -4.76 17.91 10.98
C PRO C 179 -4.14 19.30 11.11
N MET C 180 -3.15 19.57 10.27
CA MET C 180 -2.55 20.89 10.31
C MET C 180 -3.48 21.85 9.56
N GLU C 181 -3.14 23.14 9.58
CA GLU C 181 -4.08 24.12 9.04
C GLU C 181 -3.32 25.12 8.18
N HIS C 182 -4.10 25.79 7.32
CA HIS C 182 -3.61 26.89 6.50
C HIS C 182 -4.63 28.02 6.66
N ASN C 183 -4.26 29.06 7.40
CA ASN C 183 -5.14 30.17 7.73
C ASN C 183 -6.52 29.68 8.19
N GLY C 184 -6.52 28.77 9.16
CA GLY C 184 -7.76 28.27 9.71
C GLY C 184 -8.45 27.18 8.93
N LYS C 185 -7.99 26.85 7.72
CA LYS C 185 -8.57 25.78 6.92
C LYS C 185 -7.70 24.54 6.94
N PRO C 186 -8.23 23.37 6.60
CA PRO C 186 -7.41 22.16 6.57
C PRO C 186 -6.21 22.30 5.64
N ALA C 187 -5.05 21.80 6.09
CA ALA C 187 -3.84 21.87 5.29
C ALA C 187 -3.78 20.79 4.21
N ASN C 188 -4.31 19.60 4.49
CA ASN C 188 -4.22 18.47 3.55
C ASN C 188 -2.77 18.20 3.13
N GLU C 189 -1.88 18.17 4.13
CA GLU C 189 -0.48 17.90 3.88
C GLU C 189 -0.32 16.52 3.25
N THR C 190 0.63 16.39 2.33
CA THR C 190 0.92 15.08 1.75
C THR C 190 2.37 14.65 1.91
N GLU C 191 3.24 15.52 2.39
CA GLU C 191 4.65 15.18 2.57
C GLU C 191 5.02 15.09 4.03
N TYR C 192 6.11 14.37 4.29
CA TYR C 192 6.87 14.52 5.53
C TYR C 192 6.91 15.99 5.90
N ILE C 193 6.38 16.34 7.09
CA ILE C 193 5.98 17.73 7.32
C ILE C 193 7.15 18.70 7.25
N THR C 194 8.37 18.24 7.53
CA THR C 194 9.55 19.10 7.34
C THR C 194 9.66 19.52 5.87
N ASP C 195 9.45 18.57 4.95
CA ASP C 195 9.46 18.93 3.53
C ASP C 195 8.29 19.84 3.19
N GLY C 196 7.11 19.58 3.78
CA GLY C 196 5.98 20.47 3.56
C GLY C 196 6.22 21.87 4.08
N PHE C 197 6.87 22.01 5.25
CA PHE C 197 7.14 23.36 5.75
C PHE C 197 8.13 24.06 4.83
N SER C 198 9.14 23.32 4.37
CA SER C 198 10.09 23.87 3.41
C SER C 198 9.39 24.29 2.13
N ARG C 199 8.45 23.47 1.66
CA ARG C 199 7.69 23.78 0.46
C ARG C 199 6.87 25.06 0.62
N GLU C 200 6.24 25.23 1.78
CA GLU C 200 5.46 26.45 2.04
C GLU C 200 6.34 27.68 2.18
N ALA C 201 7.55 27.54 2.73
CA ALA C 201 8.43 28.71 2.82
C ALA C 201 8.83 29.17 1.43
N ILE C 202 9.07 28.21 0.53
CA ILE C 202 9.36 28.54 -0.85
C ILE C 202 8.19 29.31 -1.46
N LYS C 203 6.98 28.78 -1.30
CA LYS C 203 5.80 29.43 -1.85
C LYS C 203 5.69 30.87 -1.37
N ASN C 204 5.85 31.09 -0.07
CA ASN C 204 5.71 32.44 0.49
C ASN C 204 6.83 33.36 0.02
N ILE C 205 8.02 32.81 -0.23
CA ILE C 205 9.09 33.61 -0.84
C ILE C 205 8.69 34.05 -2.25
N LYS C 206 8.08 33.15 -3.02
CA LYS C 206 7.69 33.51 -4.38
C LYS C 206 6.55 34.53 -4.37
N ILE C 207 5.62 34.41 -3.40
CA ILE C 207 4.52 35.37 -3.27
C ILE C 207 5.05 36.77 -2.98
N ALA C 208 5.98 36.89 -2.03
CA ALA C 208 6.54 38.21 -1.72
C ALA C 208 7.30 38.78 -2.91
N ALA C 209 7.92 37.91 -3.72
CA ALA C 209 8.58 38.37 -4.94
C ALA C 209 7.57 38.98 -5.90
N ALA C 210 6.49 38.24 -6.19
CA ALA C 210 5.47 38.73 -7.12
C ALA C 210 4.82 40.00 -6.61
N LYS C 211 4.65 40.12 -5.29
CA LYS C 211 4.10 41.35 -4.73
C LYS C 211 5.11 42.48 -4.67
N LYS C 212 6.40 42.20 -4.89
CA LYS C 212 7.45 43.21 -4.74
C LYS C 212 7.35 43.86 -3.37
N GLN C 213 7.22 43.01 -2.35
CA GLN C 213 7.02 43.43 -0.98
C GLN C 213 8.06 42.75 -0.09
N PRO C 214 8.70 43.48 0.82
CA PRO C 214 9.65 42.83 1.73
C PRO C 214 8.91 41.84 2.62
N PHE C 215 9.56 40.70 2.93
CA PHE C 215 8.88 39.66 3.66
C PHE C 215 9.50 39.45 5.05
N PHE C 216 8.68 38.96 5.98
CA PHE C 216 9.13 38.41 7.25
C PHE C 216 8.56 37.01 7.35
N ILE C 217 9.44 36.01 7.37
CA ILE C 217 8.99 34.62 7.40
C ILE C 217 9.55 34.00 8.69
N TYR C 218 8.64 33.56 9.57
CA TYR C 218 8.94 32.89 10.83
C TYR C 218 8.77 31.40 10.56
N LEU C 219 9.89 30.74 10.21
CA LEU C 219 9.85 29.33 9.79
C LEU C 219 10.27 28.47 10.97
N ALA C 220 9.29 27.87 11.64
CA ALA C 220 9.47 27.20 12.93
C ALA C 220 9.30 25.70 12.73
N TYR C 221 10.35 25.08 12.18
CA TYR C 221 10.42 23.63 12.08
C TYR C 221 10.21 22.98 13.44
N ASN C 222 9.49 21.85 13.45
CA ASN C 222 9.45 21.11 14.71
C ASN C 222 10.62 20.15 14.83
N ALA C 223 11.28 19.81 13.72
CA ALA C 223 12.51 19.03 13.77
C ALA C 223 13.59 19.76 14.57
N PRO C 224 14.45 19.03 15.30
CA PRO C 224 14.46 17.59 15.54
C PRO C 224 13.74 17.19 16.81
N HIS C 225 12.66 17.88 17.16
CA HIS C 225 11.88 17.56 18.36
C HIS C 225 11.21 16.19 18.17
N VAL C 226 11.07 15.45 19.27
CA VAL C 226 10.38 14.17 19.25
C VAL C 226 8.99 14.34 18.67
N PRO C 227 8.39 13.29 18.07
CA PRO C 227 8.91 11.90 17.97
C PRO C 227 10.04 11.78 16.95
N LEU C 228 11.07 10.97 17.23
CA LEU C 228 12.14 10.76 16.25
C LEU C 228 11.54 9.99 15.09
N GLN C 229 11.24 10.71 14.00
CA GLN C 229 10.62 10.13 12.80
C GLN C 229 11.29 10.75 11.59
N ALA C 230 11.83 9.92 10.70
CA ALA C 230 12.61 10.41 9.57
C ALA C 230 12.33 9.58 8.33
N LYS C 231 12.63 10.15 7.17
CA LYS C 231 12.43 9.46 5.90
C LYS C 231 13.54 8.45 5.63
N ALA C 232 13.16 7.32 5.02
CA ALA C 232 14.14 6.28 4.73
C ALA C 232 15.32 6.86 3.97
N GLU C 233 15.05 7.77 3.05
CA GLU C 233 16.09 8.29 2.17
C GLU C 233 17.08 9.12 2.96
N ASP C 234 16.60 9.86 3.96
CA ASP C 234 17.50 10.65 4.79
C ASP C 234 18.27 9.75 5.76
N VAL C 235 17.63 8.69 6.26
CA VAL C 235 18.32 7.79 7.19
C VAL C 235 19.44 7.04 6.48
N ALA C 236 19.25 6.73 5.19
CA ALA C 236 20.29 6.06 4.40
C ALA C 236 21.59 6.85 4.36
N LYS C 237 21.52 8.18 4.38
CA LYS C 237 22.73 8.99 4.39
C LYS C 237 23.49 8.93 5.71
N PHE C 238 22.96 8.24 6.72
CA PHE C 238 23.61 8.18 8.03
C PHE C 238 23.75 6.75 8.54
N ALA C 239 23.94 5.81 7.61
CA ALA C 239 24.28 4.45 8.01
C ALA C 239 25.53 4.41 8.90
N HIS C 240 26.42 5.38 8.75
CA HIS C 240 27.63 5.43 9.57
C HIS C 240 27.37 5.82 11.02
N ILE C 241 26.13 5.97 11.46
CA ILE C 241 25.78 6.25 12.85
C ILE C 241 25.13 5.00 13.42
N LYS C 242 25.76 4.40 14.44
CA LYS C 242 25.30 3.10 14.89
C LYS C 242 24.12 3.22 15.86
N ASP C 243 24.10 4.26 16.69
CA ASP C 243 22.98 4.43 17.61
C ASP C 243 21.73 4.81 16.83
N LYS C 244 20.65 4.04 17.02
CA LYS C 244 19.43 4.24 16.23
C LYS C 244 18.81 5.62 16.44
N ASP C 245 18.75 6.07 17.70
CA ASP C 245 18.21 7.40 17.98
C ASP C 245 19.05 8.48 17.34
N ARG C 246 20.36 8.46 17.55
CA ARG C 246 21.23 9.47 16.96
C ARG C 246 21.14 9.47 15.44
N ARG C 247 20.95 8.29 14.85
CA ARG C 247 20.86 8.19 13.40
C ARG C 247 19.56 8.82 12.91
N THR C 248 18.43 8.42 13.52
CA THR C 248 17.15 9.00 13.15
C THR C 248 17.16 10.51 13.33
N TYR C 249 17.68 10.97 14.47
CA TYR C 249 17.78 12.40 14.73
C TYR C 249 18.64 13.10 13.67
N ALA C 250 19.77 12.48 13.30
CA ALA C 250 20.62 13.09 12.26
C ALA C 250 19.85 13.28 10.97
N ALA C 251 19.09 12.26 10.56
CA ALA C 251 18.30 12.35 9.33
C ALA C 251 17.24 13.43 9.42
N MET C 252 16.78 13.74 10.64
CA MET C 252 15.75 14.75 10.84
C MET C 252 16.33 16.14 10.60
N VAL C 253 17.53 16.40 11.15
CA VAL C 253 18.23 17.66 10.91
C VAL C 253 18.60 17.77 9.43
N TYR C 254 19.10 16.68 8.85
CA TYR C 254 19.44 16.70 7.42
C TYR C 254 18.24 17.14 6.58
N ALA C 255 17.05 16.65 6.95
CA ALA C 255 15.84 17.05 6.22
C ALA C 255 15.60 18.55 6.30
N VAL C 256 15.92 19.17 7.45
CA VAL C 256 15.85 20.62 7.55
C VAL C 256 16.88 21.26 6.63
N ASP C 257 18.09 20.69 6.61
CA ASP C 257 19.17 21.22 5.78
C ASP C 257 18.78 21.19 4.30
N ARG C 258 18.24 20.06 3.84
CA ARG C 258 17.75 19.97 2.46
C ARG C 258 16.77 21.11 2.15
N GLY C 259 15.83 21.35 3.07
CA GLY C 259 14.83 22.37 2.83
C GLY C 259 15.45 23.76 2.75
N VAL C 260 16.44 24.02 3.60
CA VAL C 260 17.13 25.30 3.57
C VAL C 260 17.89 25.46 2.26
N GLY C 261 18.41 24.35 1.70
CA GLY C 261 19.01 24.42 0.39
C GLY C 261 18.04 24.88 -0.68
N LYS C 262 16.85 24.26 -0.72
CA LYS C 262 15.86 24.64 -1.72
C LYS C 262 15.38 26.06 -1.49
N ILE C 263 15.26 26.48 -0.23
CA ILE C 263 14.91 27.86 0.09
C ILE C 263 15.96 28.81 -0.47
N VAL C 264 17.24 28.46 -0.26
CA VAL C 264 18.33 29.32 -0.73
C VAL C 264 18.30 29.42 -2.25
N GLN C 265 18.05 28.30 -2.94
CA GLN C 265 17.88 28.33 -4.39
C GLN C 265 16.77 29.28 -4.79
N THR C 266 15.66 29.30 -4.03
CA THR C 266 14.52 30.12 -4.39
C THR C 266 14.82 31.60 -4.16
N LEU C 267 15.49 31.92 -3.06
CA LEU C 267 15.92 33.29 -2.84
C LEU C 267 16.83 33.77 -3.96
N LYS C 268 17.65 32.87 -4.51
CA LYS C 268 18.55 33.27 -5.58
C LYS C 268 17.79 33.49 -6.88
N GLU C 269 16.84 32.60 -7.19
CA GLU C 269 16.12 32.72 -8.46
C GLU C 269 15.28 34.00 -8.48
N THR C 270 14.72 34.38 -7.34
CA THR C 270 13.90 35.58 -7.24
C THR C 270 14.69 36.84 -6.97
N LYS C 271 16.03 36.76 -6.94
CA LYS C 271 16.89 37.92 -6.68
C LYS C 271 16.59 38.57 -5.32
N GLN C 272 16.04 37.82 -4.37
CA GLN C 272 15.90 38.33 -3.03
C GLN C 272 17.07 37.92 -2.13
N PHE C 273 18.00 37.10 -2.66
CA PHE C 273 19.06 36.53 -1.82
C PHE C 273 19.86 37.62 -1.12
N ASP C 274 20.43 38.54 -1.90
CA ASP C 274 21.42 39.49 -1.38
C ASP C 274 20.87 40.35 -0.25
N ASN C 275 19.60 40.76 -0.34
CA ASN C 275 19.01 41.67 0.65
C ASN C 275 18.04 40.96 1.58
N THR C 276 18.31 39.70 1.91
CA THR C 276 17.54 38.97 2.91
C THR C 276 18.45 38.69 4.10
N LEU C 277 18.04 39.11 5.29
CA LEU C 277 18.73 38.70 6.51
C LEU C 277 18.14 37.36 6.95
N ILE C 278 18.97 36.32 6.94
CA ILE C 278 18.57 34.99 7.41
C ILE C 278 19.16 34.77 8.79
N VAL C 279 18.30 34.48 9.76
CA VAL C 279 18.70 34.20 11.14
C VAL C 279 18.33 32.75 11.45
N PHE C 280 19.30 31.95 11.84
CA PHE C 280 19.08 30.55 12.14
C PHE C 280 19.44 30.31 13.60
N LEU C 281 18.60 29.55 14.31
CA LEU C 281 18.84 29.24 15.70
C LEU C 281 17.92 28.10 16.14
N SER C 282 18.15 27.64 17.36
CA SER C 282 17.29 26.69 18.05
C SER C 282 16.54 27.46 19.14
N ASP C 283 15.34 26.98 19.47
CA ASP C 283 14.55 27.63 20.54
C ASP C 283 15.12 27.29 21.93
N ASN C 284 15.91 26.22 22.04
CA ASN C 284 16.53 25.85 23.34
C ASN C 284 17.61 24.78 23.10
N GLY C 285 18.31 24.41 24.17
CA GLY C 285 19.40 23.45 24.01
C GLY C 285 18.84 22.07 23.65
N GLY C 286 19.72 21.17 23.23
CA GLY C 286 19.28 19.84 22.86
C GLY C 286 18.85 18.98 24.04
N ASN C 287 17.92 18.05 23.81
CA ASN C 287 17.56 17.05 24.82
C ASN C 287 18.47 15.85 24.61
N PHE C 288 19.44 15.64 25.51
CA PHE C 288 20.35 14.55 25.21
C PHE C 288 19.74 13.18 25.52
N ASN C 289 18.47 13.12 25.92
CA ASN C 289 17.79 11.84 26.02
C ASN C 289 17.26 11.35 24.68
N HIS C 290 17.19 12.22 23.68
CA HIS C 290 16.51 11.91 22.42
C HIS C 290 17.33 12.38 21.23
N GLY C 291 18.59 11.96 21.19
CA GLY C 291 19.38 12.12 19.98
C GLY C 291 20.36 13.27 19.98
N ALA C 292 20.18 14.26 20.85
CA ALA C 292 20.93 15.51 20.72
C ALA C 292 22.29 15.42 21.41
N ASN C 293 23.15 16.36 21.05
CA ASN C 293 24.49 16.47 21.63
C ASN C 293 24.78 17.95 21.82
N ASN C 294 25.03 18.37 23.06
CA ASN C 294 25.28 19.77 23.38
C ASN C 294 26.76 20.08 23.58
N TYR C 295 27.64 19.18 23.18
CA TYR C 295 29.07 19.35 23.41
C TYR C 295 29.54 20.70 22.87
N PRO C 296 30.37 21.45 23.62
CA PRO C 296 31.05 21.11 24.89
C PRO C 296 30.33 21.63 26.13
N LEU C 297 29.05 21.95 26.01
CA LEU C 297 28.33 22.53 27.14
C LEU C 297 27.86 21.44 28.07
N LYS C 298 27.72 21.81 29.35
CA LYS C 298 27.11 20.93 30.33
C LYS C 298 25.59 21.01 30.22
N GLY C 299 24.93 19.88 30.38
CA GLY C 299 23.51 19.86 30.62
C GLY C 299 22.67 19.65 29.36
N THR C 300 21.36 19.89 29.54
CA THR C 300 20.39 19.45 28.54
C THR C 300 19.23 20.45 28.51
N LYS C 301 18.30 20.20 27.59
CA LYS C 301 17.09 21.06 27.45
C LYS C 301 16.51 21.25 28.85
N GLY C 302 16.15 22.48 29.17
CA GLY C 302 15.53 22.78 30.46
C GLY C 302 16.46 23.22 31.57
N ASP C 303 17.78 22.98 31.44
CA ASP C 303 18.72 23.38 32.47
C ASP C 303 19.09 24.86 32.37
N THR C 304 19.65 25.39 33.47
CA THR C 304 20.33 26.68 33.41
C THR C 304 21.85 26.55 33.39
N TRP C 305 22.38 25.32 33.30
CA TRP C 305 23.69 25.14 32.67
C TRP C 305 23.62 25.73 31.27
N GLU C 306 24.77 26.02 30.66
CA GLU C 306 24.79 26.52 29.28
C GLU C 306 24.00 25.63 28.33
N GLY C 307 24.12 24.31 28.50
CA GLY C 307 23.52 23.40 27.54
C GLY C 307 22.01 23.57 27.40
N GLY C 308 21.36 24.17 28.38
CA GLY C 308 19.92 24.33 28.35
C GLY C 308 19.45 25.48 27.49
N TYR C 309 20.25 26.57 27.37
CA TYR C 309 19.73 27.72 26.64
C TYR C 309 20.77 28.47 25.81
N ARG C 310 21.99 27.96 25.69
CA ARG C 310 22.96 28.49 24.73
C ARG C 310 22.80 27.72 23.44
N VAL C 311 22.62 28.43 22.33
CA VAL C 311 22.15 27.76 21.11
C VAL C 311 23.05 28.19 19.95
N PRO C 312 23.09 27.39 18.88
CA PRO C 312 23.75 27.88 17.67
C PRO C 312 22.90 28.98 17.06
N MET C 313 23.59 29.97 16.50
CA MET C 313 22.97 31.06 15.75
C MET C 313 23.91 31.49 14.64
N PHE C 314 23.33 31.90 13.51
CA PHE C 314 24.05 32.71 12.54
C PHE C 314 23.11 33.75 11.95
N PHE C 315 23.71 34.86 11.53
CA PHE C 315 23.10 35.85 10.66
C PHE C 315 23.73 35.71 9.29
N HIS C 316 22.91 35.79 8.25
CA HIS C 316 23.43 35.73 6.89
C HIS C 316 22.72 36.78 6.07
N TRP C 317 23.46 37.76 5.59
CA TRP C 317 22.88 38.91 4.93
C TRP C 317 23.94 39.48 3.99
N PRO C 318 24.00 39.00 2.75
CA PRO C 318 25.18 39.30 1.92
C PRO C 318 25.42 40.79 1.70
N LYS C 319 24.36 41.60 1.61
CA LYS C 319 24.56 43.02 1.38
C LYS C 319 25.44 43.67 2.45
N LYS C 320 25.38 43.18 3.69
CA LYS C 320 25.97 43.94 4.78
C LYS C 320 26.91 43.14 5.67
N ILE C 321 26.65 41.85 5.85
CA ILE C 321 27.44 41.05 6.78
C ILE C 321 28.56 40.39 6.01
N LYS C 322 29.81 40.64 6.44
CA LYS C 322 30.98 40.02 5.82
C LYS C 322 30.96 38.50 6.01
N LYS C 323 31.65 37.81 5.10
CA LYS C 323 31.75 36.36 5.17
C LYS C 323 32.71 35.93 6.28
N ASP C 324 32.59 34.65 6.64
CA ASP C 324 33.51 33.93 7.54
C ASP C 324 33.79 34.70 8.83
N GLN C 325 32.75 35.34 9.35
CA GLN C 325 32.85 36.13 10.58
C GLN C 325 32.38 35.31 11.77
N ARG C 326 33.01 35.56 12.92
CA ARG C 326 32.65 34.96 14.20
C ARG C 326 32.41 36.05 15.24
N PHE C 327 31.19 36.10 15.78
CA PHE C 327 30.82 37.10 16.78
C PHE C 327 30.76 36.43 18.14
N ASP C 328 31.75 36.72 19.00
CA ASP C 328 31.97 36.00 20.25
C ASP C 328 31.36 36.66 21.47
N PHE C 329 30.89 37.90 21.36
CA PHE C 329 30.26 38.51 22.54
C PHE C 329 28.87 37.92 22.76
N PRO C 330 28.37 37.95 24.00
CA PRO C 330 27.07 37.36 24.32
C PRO C 330 25.91 38.16 23.74
N VAL C 331 24.95 37.45 23.11
CA VAL C 331 23.72 38.06 22.61
C VAL C 331 22.53 37.20 23.03
N SER C 332 21.32 37.75 22.83
CA SER C 332 20.08 37.12 23.28
C SER C 332 19.06 37.05 22.16
N SER C 333 18.25 35.98 22.14
CA SER C 333 17.11 35.96 21.21
C SER C 333 16.17 37.13 21.46
N LEU C 334 16.21 37.71 22.65
CA LEU C 334 15.48 38.95 22.91
C LEU C 334 15.94 40.09 22.01
N ASP C 335 17.12 39.98 21.40
CA ASP C 335 17.60 41.04 20.53
C ASP C 335 16.89 41.06 19.18
N LEU C 336 16.27 39.94 18.78
CA LEU C 336 15.72 39.88 17.44
C LEU C 336 14.62 40.91 17.25
N TYR C 337 13.74 41.09 18.25
CA TYR C 337 12.64 42.04 18.13
C TYR C 337 13.14 43.47 17.86
N PRO C 338 14.00 44.06 18.69
CA PRO C 338 14.49 45.41 18.35
C PRO C 338 15.35 45.44 17.11
N THR C 339 16.15 44.41 16.85
CA THR C 339 16.97 44.37 15.64
C THR C 339 16.10 44.33 14.38
N PHE C 340 15.03 43.53 14.39
CA PHE C 340 14.21 43.42 13.19
C PHE C 340 13.40 44.69 12.95
N THR C 341 12.83 45.28 14.01
CA THR C 341 12.05 46.50 13.82
C THR C 341 12.94 47.65 13.38
N GLY C 342 14.16 47.73 13.91
CA GLY C 342 15.11 48.72 13.44
C GLY C 342 15.41 48.57 11.95
N LEU C 343 15.62 47.34 11.49
CA LEU C 343 15.91 47.14 10.08
C LEU C 343 14.71 47.53 9.20
N ALA C 344 13.51 47.32 9.71
CA ALA C 344 12.29 47.59 8.97
C ALA C 344 11.85 49.02 9.13
N GLU C 345 12.60 49.82 9.88
CA GLU C 345 12.31 51.23 10.06
C GLU C 345 10.93 51.42 10.69
N ALA C 346 10.52 50.46 11.51
CA ALA C 346 9.17 50.42 12.07
C ALA C 346 9.14 51.03 13.46
N LYS C 347 8.10 51.82 13.72
CA LYS C 347 7.92 52.41 15.03
C LYS C 347 7.20 51.45 15.95
N LEU C 348 7.63 51.42 17.22
CA LEU C 348 7.04 50.54 18.21
C LEU C 348 5.66 51.03 18.64
N PRO C 349 4.80 50.11 19.09
CA PRO C 349 3.55 50.53 19.73
C PRO C 349 3.85 51.39 20.94
N LYS C 350 2.99 52.38 21.16
CA LYS C 350 3.09 53.22 22.35
C LYS C 350 3.10 52.36 23.60
N GLY C 351 4.13 52.52 24.42
CA GLY C 351 4.23 51.79 25.67
C GLY C 351 4.88 50.42 25.59
N LYS C 352 5.32 49.99 24.41
CA LYS C 352 5.87 48.64 24.27
C LYS C 352 7.21 48.55 24.99
N GLN C 353 7.37 47.52 25.83
CA GLN C 353 8.60 47.26 26.56
C GLN C 353 9.41 46.17 25.86
N LEU C 354 10.73 46.35 25.81
CA LEU C 354 11.62 45.37 25.19
C LEU C 354 12.79 45.11 26.11
N ASP C 355 13.20 43.84 26.18
CA ASP C 355 14.26 43.41 27.09
C ASP C 355 15.60 43.24 26.39
N GLY C 356 15.62 43.12 25.06
CA GLY C 356 16.84 43.00 24.30
C GLY C 356 17.26 44.32 23.66
N LYS C 357 18.19 44.21 22.72
CA LYS C 357 18.83 45.37 22.11
C LYS C 357 18.93 45.18 20.61
N ASN C 358 18.87 46.29 19.87
CA ASN C 358 19.19 46.28 18.45
C ASN C 358 20.70 46.10 18.30
N ILE C 359 21.13 44.96 17.78
CA ILE C 359 22.54 44.59 17.79
C ILE C 359 23.18 44.65 16.41
N MET C 360 22.44 45.03 15.35
CA MET C 360 23.03 45.08 14.02
C MET C 360 24.34 45.85 13.98
N ASP C 361 24.36 47.05 14.55
CA ASP C 361 25.58 47.85 14.49
C ASP C 361 26.73 47.12 15.15
N ASP C 362 26.49 46.58 16.35
CA ASP C 362 27.52 45.83 17.04
C ASP C 362 28.02 44.68 16.19
N VAL C 363 27.13 43.99 15.49
CA VAL C 363 27.54 42.86 14.66
C VAL C 363 28.38 43.34 13.47
N LEU C 364 28.04 44.49 12.90
CA LEU C 364 28.80 45.01 11.78
C LEU C 364 30.14 45.60 12.21
N LYS C 365 30.21 46.12 13.44
CA LYS C 365 31.41 46.74 13.98
C LYS C 365 32.17 45.84 14.96
N ASN C 366 31.72 44.60 15.15
CA ASN C 366 32.32 43.67 16.13
C ASN C 366 32.53 44.35 17.47
N THR C 367 31.46 44.93 18.02
CA THR C 367 31.47 45.52 19.35
C THR C 367 30.54 44.73 20.26
N GLU C 368 30.57 45.08 21.56
CA GLU C 368 29.99 44.26 22.62
C GLU C 368 28.67 44.86 23.06
N PRO C 369 27.53 44.33 22.60
CA PRO C 369 26.24 44.95 22.97
C PRO C 369 25.91 44.85 24.45
N TYR C 370 26.30 43.77 25.13
CA TYR C 370 25.95 43.61 26.53
C TYR C 370 27.13 43.91 27.47
N LYS C 371 28.02 44.79 27.05
CA LYS C 371 29.08 45.28 27.93
C LYS C 371 28.48 45.75 29.24
N ASP C 372 28.93 45.15 30.33
CA ASP C 372 28.50 45.50 31.69
C ASP C 372 27.03 45.18 31.95
N GLU C 373 26.42 44.30 31.14
CA GLU C 373 25.00 43.98 31.24
C GLU C 373 24.79 42.47 31.31
N MET C 374 23.70 42.08 31.98
CA MET C 374 23.34 40.68 32.26
C MET C 374 22.49 40.07 31.16
N ILE C 375 22.76 38.82 30.85
CA ILE C 375 21.85 37.94 30.10
C ILE C 375 21.46 36.81 31.03
N TYR C 376 20.15 36.58 31.16
CA TYR C 376 19.61 35.83 32.29
C TYR C 376 18.88 34.57 31.88
N SER C 377 18.70 33.70 32.87
CA SER C 377 17.71 32.63 32.80
C SER C 377 17.31 32.22 34.22
N LEU C 378 16.02 32.00 34.41
CA LEU C 378 15.50 31.45 35.65
C LEU C 378 14.41 30.44 35.29
N ARG C 379 14.59 29.20 35.69
CA ARG C 379 13.66 28.15 35.34
C ARG C 379 13.06 27.58 36.62
N TYR C 380 11.73 27.56 36.69
CA TYR C 380 11.03 27.06 37.86
C TYR C 380 11.07 25.53 37.92
N ARG C 381 11.45 25.02 39.09
CA ARG C 381 11.45 23.58 39.41
C ARG C 381 10.36 23.31 40.44
N GLU C 382 10.29 22.07 40.91
CA GLU C 382 9.28 21.67 41.89
C GLU C 382 9.80 21.98 43.29
N GLY C 383 9.69 23.25 43.68
CA GLY C 383 10.06 23.69 45.00
C GLY C 383 11.25 24.60 45.08
N TYR C 384 11.87 24.93 43.95
CA TYR C 384 13.10 25.73 43.93
C TYR C 384 13.28 26.22 42.50
N ASN C 385 14.28 27.07 42.28
CA ASN C 385 14.53 27.66 40.97
C ASN C 385 15.93 27.35 40.47
N ASP C 386 16.06 27.07 39.17
CA ASP C 386 17.36 27.02 38.52
C ASP C 386 17.64 28.41 37.93
N VAL C 387 18.90 28.87 38.04
CA VAL C 387 19.27 30.21 37.63
C VAL C 387 20.57 30.19 36.85
N GLY C 388 20.65 31.01 35.82
CA GLY C 388 21.90 31.34 35.17
C GLY C 388 21.96 32.85 34.94
N ALA C 389 23.15 33.45 35.10
CA ALA C 389 23.30 34.87 34.80
C ALA C 389 24.73 35.13 34.32
N ARG C 390 24.84 35.74 33.14
CA ARG C 390 26.13 35.99 32.50
C ARG C 390 26.39 37.47 32.29
N MET C 391 27.57 37.93 32.70
CA MET C 391 28.07 39.24 32.32
C MET C 391 29.52 39.11 31.90
N GLY C 392 29.81 39.55 30.68
CA GLY C 392 31.16 39.46 30.15
C GLY C 392 31.67 38.02 30.23
N ASP C 393 32.83 37.83 30.85
CA ASP C 393 33.42 36.50 30.92
C ASP C 393 32.87 35.65 32.05
N TRP C 394 31.94 36.17 32.84
CA TRP C 394 31.57 35.54 34.09
C TRP C 394 30.11 35.10 34.07
N LYS C 395 29.85 33.93 34.65
CA LYS C 395 28.50 33.40 34.77
C LYS C 395 28.30 32.85 36.17
N ILE C 396 27.15 33.14 36.76
CA ILE C 396 26.72 32.48 37.98
C ILE C 396 25.64 31.49 37.62
N THR C 397 25.62 30.36 38.35
CA THR C 397 24.71 29.27 38.07
C THR C 397 24.27 28.61 39.37
N ARG C 398 22.97 28.35 39.49
CA ARG C 398 22.49 27.47 40.54
C ARG C 398 21.62 26.41 39.90
N MET C 399 21.99 25.14 40.11
CA MET C 399 21.21 24.02 39.58
C MET C 399 20.92 23.01 40.66
N GLY C 400 19.70 22.46 40.60
CA GLY C 400 19.27 21.51 41.61
C GLY C 400 19.20 22.08 43.01
N ASN C 401 19.21 23.41 43.14
CA ASN C 401 19.24 24.10 44.44
C ASN C 401 20.54 23.82 45.20
N GLU C 402 21.59 23.45 44.47
CA GLU C 402 22.91 23.23 45.05
C GLU C 402 23.54 24.59 45.39
N PRO C 403 24.69 24.58 46.08
CA PRO C 403 25.42 25.84 46.29
C PRO C 403 25.67 26.61 44.99
N TRP C 404 25.70 27.93 45.12
CA TRP C 404 25.91 28.81 43.97
C TRP C 404 27.28 28.56 43.34
N ARG C 405 27.34 28.71 42.01
CA ARG C 405 28.58 28.52 41.26
C ARG C 405 28.94 29.82 40.54
N LEU C 406 30.23 30.11 40.53
CA LEU C 406 30.79 31.18 39.72
C LEU C 406 31.76 30.56 38.73
N HIS C 407 31.59 30.89 37.45
CA HIS C 407 32.44 30.34 36.40
C HIS C 407 32.97 31.47 35.54
N ASN C 408 34.22 31.34 35.10
CA ASN C 408 34.68 32.19 34.00
C ASN C 408 34.30 31.37 32.78
N ILE C 409 33.14 31.69 32.20
CA ILE C 409 32.59 30.86 31.13
C ILE C 409 33.47 30.90 29.90
N THR C 410 34.32 31.92 29.78
CA THR C 410 35.20 32.00 28.62
C THR C 410 36.32 30.97 28.70
N GLN C 411 36.82 30.75 29.91
CA GLN C 411 37.92 29.81 30.15
C GLN C 411 37.41 28.41 30.44
N ASP C 412 36.18 28.30 30.92
CA ASP C 412 35.64 27.08 31.49
C ASP C 412 34.20 26.97 30.95
N ILE C 413 34.08 26.64 29.66
CA ILE C 413 32.78 26.66 29.00
C ILE C 413 31.90 25.50 29.48
N GLY C 414 32.49 24.45 30.05
CA GLY C 414 31.78 23.31 30.60
C GLY C 414 31.28 23.48 32.01
N GLU C 415 31.50 24.66 32.62
CA GLU C 415 31.09 24.95 33.98
C GLU C 415 31.57 23.88 34.97
N LYS C 416 32.86 23.58 34.90
CA LYS C 416 33.47 22.55 35.74
C LYS C 416 34.11 23.09 37.00
N LYS C 417 34.57 24.34 37.00
CA LYS C 417 35.47 24.84 38.04
C LYS C 417 34.78 25.97 38.79
N ASN C 418 34.14 25.63 39.90
CA ASN C 418 33.43 26.62 40.69
C ASN C 418 34.44 27.54 41.37
N LEU C 419 34.40 28.83 41.02
CA LEU C 419 35.29 29.86 41.55
C LEU C 419 34.64 30.69 42.64
N ALA C 420 33.51 30.23 43.19
CA ALA C 420 32.74 31.03 44.13
C ALA C 420 33.53 31.35 45.40
N GLY C 421 34.37 30.41 45.87
CA GLY C 421 35.19 30.69 47.03
C GLY C 421 36.35 31.62 46.74
N ARG C 422 36.87 31.58 45.51
CA ARG C 422 38.01 32.41 45.14
C ARG C 422 37.63 33.86 44.92
N TYR C 423 36.42 34.13 44.44
CA TYR C 423 35.96 35.49 44.13
C TYR C 423 34.59 35.75 44.72
N PRO C 424 34.45 35.70 46.04
CA PRO C 424 33.11 35.84 46.64
C PRO C 424 32.47 37.20 46.35
N ASP C 425 33.26 38.26 46.18
CA ASP C 425 32.68 39.58 45.94
C ASP C 425 32.01 39.64 44.57
N ARG C 426 32.66 39.11 43.55
CA ARG C 426 32.05 39.09 42.23
C ARG C 426 30.76 38.26 42.25
N LEU C 427 30.82 37.07 42.84
CA LEU C 427 29.61 36.26 42.94
C LEU C 427 28.48 37.03 43.62
N LYS C 428 28.77 37.64 44.77
CA LYS C 428 27.69 38.31 45.49
C LYS C 428 27.15 39.52 44.74
N GLU C 429 28.00 40.20 43.96
CA GLU C 429 27.51 41.30 43.12
C GLU C 429 26.61 40.78 42.02
N MET C 430 27.00 39.69 41.38
CA MET C 430 26.20 39.14 40.29
C MET C 430 24.86 38.63 40.80
N ILE C 431 24.85 38.06 42.01
CA ILE C 431 23.61 37.59 42.62
C ILE C 431 22.70 38.76 42.96
N ALA C 432 23.26 39.86 43.50
CA ALA C 432 22.45 41.03 43.83
C ALA C 432 21.72 41.56 42.60
N LYS C 433 22.45 41.69 41.49
CA LYS C 433 21.84 42.15 40.24
C LYS C 433 20.70 41.22 39.81
N THR C 434 20.95 39.91 39.85
CA THR C 434 19.95 38.92 39.45
C THR C 434 18.74 38.92 40.39
N GLN C 435 18.99 39.09 41.70
CA GLN C 435 17.88 39.20 42.63
C GLN C 435 17.03 40.44 42.33
N GLU C 436 17.69 41.55 42.00
CA GLU C 436 16.97 42.75 41.62
C GLU C 436 16.08 42.49 40.42
N TRP C 437 16.63 41.83 39.39
CA TRP C 437 15.87 41.46 38.21
C TRP C 437 14.57 40.75 38.56
N THR C 438 14.63 39.76 39.47
CA THR C 438 13.44 38.98 39.78
C THR C 438 12.35 39.84 40.42
N LYS C 439 12.71 40.95 41.05
CA LYS C 439 11.72 41.78 41.71
C LYS C 439 10.74 42.40 40.73
N SER C 440 11.05 42.38 39.43
CA SER C 440 10.18 42.89 38.41
C SER C 440 9.23 41.84 37.84
N PHE C 441 9.29 40.60 38.33
CA PHE C 441 8.52 39.52 37.71
C PHE C 441 7.05 39.62 38.05
N VAL C 442 6.23 39.07 37.15
CA VAL C 442 4.82 38.85 37.40
C VAL C 442 4.59 37.40 37.79
N LYS C 443 3.36 37.10 38.22
CA LYS C 443 3.01 35.70 38.47
C LYS C 443 2.70 35.00 37.15
N PRO C 444 2.97 33.70 37.05
CA PRO C 444 2.60 32.99 35.83
C PRO C 444 1.09 32.96 35.64
N LEU C 445 0.67 33.19 34.40
CA LEU C 445 -0.74 33.08 34.03
C LEU C 445 -1.23 31.64 34.18
N TRP C 446 -0.34 30.67 33.98
CA TRP C 446 -0.65 29.26 34.20
C TRP C 446 0.63 28.61 34.67
N VAL C 447 0.50 27.44 35.29
CA VAL C 447 1.65 26.59 35.63
C VAL C 447 1.50 25.27 34.88
N TYR C 448 2.35 24.30 35.14
CA TYR C 448 2.37 23.09 34.33
C TYR C 448 1.66 21.91 34.98
N SER C 449 1.96 21.64 36.25
CA SER C 449 1.47 20.47 36.95
C SER C 449 0.65 20.86 38.17
N VAL C 450 -0.11 19.89 38.66
CA VAL C 450 -0.83 20.06 39.92
C VAL C 450 0.14 20.36 41.05
N LYS C 451 1.32 19.73 41.04
CA LYS C 451 2.33 20.06 42.05
C LYS C 451 2.69 21.53 42.01
N ASP C 452 2.96 22.07 40.81
CA ASP C 452 3.14 23.50 40.64
C ASP C 452 2.01 24.31 41.29
N LYS C 453 0.76 23.96 41.02
CA LYS C 453 -0.35 24.73 41.55
C LYS C 453 -0.29 24.76 43.07
N GLU C 454 -0.09 23.60 43.68
CA GLU C 454 0.00 23.51 45.14
C GLU C 454 1.13 24.37 45.67
N LEU C 455 2.28 24.36 44.97
CA LEU C 455 3.45 25.08 45.49
C LEU C 455 3.22 26.58 45.44
N TRP C 456 2.70 27.06 44.30
CA TRP C 456 2.49 28.49 44.13
C TRP C 456 1.36 29.01 45.02
N GLU C 457 0.34 28.18 45.26
CA GLU C 457 -0.78 28.61 46.08
C GLU C 457 -0.40 28.66 47.56
N SER C 458 0.47 27.77 48.03
CA SER C 458 0.91 27.83 49.41
C SER C 458 2.08 28.78 49.62
N GLY C 459 2.62 29.36 48.55
CA GLY C 459 3.74 30.28 48.70
C GLY C 459 5.11 29.64 48.75
N GLN C 460 5.18 28.30 48.72
CA GLN C 460 6.49 27.58 48.64
C GLN C 460 7.21 28.10 47.40
N MET C 461 6.50 28.24 46.28
CA MET C 461 7.01 28.95 45.11
C MET C 461 6.42 30.35 45.04
N PRO C 462 7.17 31.31 44.49
CA PRO C 462 8.51 31.15 43.89
C PRO C 462 9.66 31.19 44.89
N ASN C 463 9.45 31.73 46.09
CA ASN C 463 10.50 31.93 47.11
C ASN C 463 11.83 32.37 46.48
N TYR C 464 11.79 33.54 45.84
CA TYR C 464 13.02 34.09 45.27
C TYR C 464 14.07 34.39 46.34
N GLU C 465 13.63 34.73 47.56
CA GLU C 465 14.57 35.04 48.62
C GLU C 465 15.49 33.85 48.91
N ALA C 466 14.89 32.66 49.07
CA ALA C 466 15.68 31.47 49.36
C ALA C 466 16.60 31.15 48.19
N THR C 467 16.14 31.39 46.96
CA THR C 467 16.98 31.14 45.79
C THR C 467 18.31 31.88 45.89
N PHE C 468 18.31 33.10 46.43
CA PHE C 468 19.51 33.90 46.42
C PHE C 468 20.27 33.85 47.75
N GLU C 469 19.95 32.88 48.62
CA GLU C 469 20.83 32.53 49.72
C GLU C 469 22.19 32.10 49.17
N VAL C 470 23.25 32.38 49.93
CA VAL C 470 24.60 32.00 49.52
C VAL C 470 25.33 31.30 50.68
N ASP C 471 25.62 32.06 51.75
CA ASP C 471 26.55 31.57 52.77
C ASP C 471 26.02 30.30 53.44
N LYS C 472 24.71 30.23 53.73
CA LYS C 472 24.22 29.08 54.47
C LYS C 472 24.32 27.78 53.68
N LEU C 473 24.45 27.88 52.35
CA LEU C 473 24.60 26.70 51.51
C LEU C 473 25.97 26.05 51.62
N VAL C 474 26.99 26.81 52.03
CA VAL C 474 28.35 26.28 52.13
C VAL C 474 28.90 26.25 53.56
N ASP C 475 28.37 27.04 54.48
CA ASP C 475 28.90 27.07 55.84
C ASP C 475 28.55 25.79 56.58
N SER C 476 29.49 25.30 57.36
CA SER C 476 29.14 24.22 58.26
C SER C 476 28.46 24.78 59.49
N PRO C 477 27.44 24.11 60.02
CA PRO C 477 26.84 24.54 61.29
C PRO C 477 27.66 24.16 62.52
N TYR C 478 28.83 23.57 62.32
CA TYR C 478 29.68 23.16 63.44
C TYR C 478 30.94 24.01 63.45
N GLU D 14 40.19 -33.22 -16.45
CA GLU D 14 39.54 -31.94 -16.66
C GLU D 14 39.23 -31.67 -18.14
N THR D 15 38.00 -31.93 -18.53
CA THR D 15 37.57 -31.79 -19.92
C THR D 15 36.84 -30.47 -20.19
N ARG D 16 36.59 -29.66 -19.15
CA ARG D 16 35.79 -28.44 -19.30
C ARG D 16 36.54 -27.41 -20.14
N PRO D 17 35.89 -26.79 -21.14
CA PRO D 17 36.64 -25.91 -22.05
C PRO D 17 37.07 -24.60 -21.42
N ASN D 18 38.16 -24.06 -21.95
CA ASN D 18 38.46 -22.65 -21.77
C ASN D 18 37.44 -21.83 -22.53
N ILE D 19 37.25 -20.58 -22.10
CA ILE D 19 36.31 -19.66 -22.72
C ILE D 19 37.00 -18.32 -22.88
N LEU D 20 37.13 -17.87 -24.12
CA LEU D 20 37.70 -16.58 -24.46
C LEU D 20 36.62 -15.75 -25.15
N VAL D 21 36.17 -14.68 -24.48
CA VAL D 21 35.24 -13.72 -25.09
C VAL D 21 36.05 -12.56 -25.64
N VAL D 22 36.02 -12.37 -26.95
CA VAL D 22 36.60 -11.19 -27.58
C VAL D 22 35.45 -10.24 -27.91
N LEU D 23 35.35 -9.15 -27.16
CA LEU D 23 34.24 -8.20 -27.26
C LEU D 23 34.79 -6.90 -27.81
N CYS D 24 34.37 -6.52 -29.01
CA CYS D 24 34.74 -5.22 -29.55
C CYS D 24 33.70 -4.17 -29.15
N ASP D 25 34.08 -2.91 -29.37
CA ASP D 25 33.25 -1.77 -28.91
C ASP D 25 32.85 -0.93 -30.11
N ASP D 26 31.53 -0.85 -30.37
CA ASP D 26 31.03 -0.05 -31.53
C ASP D 26 31.59 -0.58 -32.85
N LEU D 27 31.75 -1.89 -32.99
CA LEU D 27 32.16 -2.49 -34.26
C LEU D 27 30.96 -2.65 -35.19
N GLY D 28 31.05 -2.08 -36.40
CA GLY D 28 29.93 -2.12 -37.33
C GLY D 28 29.73 -3.50 -37.96
N TYR D 29 28.52 -3.69 -38.47
CA TYR D 29 28.07 -5.00 -38.91
C TYR D 29 28.81 -5.49 -40.16
N ALA D 30 29.22 -4.57 -41.03
CA ALA D 30 29.95 -4.90 -42.25
C ALA D 30 31.45 -4.65 -42.10
N ASP D 31 31.97 -4.70 -40.89
CA ASP D 31 33.32 -4.20 -40.65
C ASP D 31 34.30 -5.30 -40.28
N VAL D 32 33.93 -6.56 -40.54
CA VAL D 32 34.85 -7.68 -40.46
C VAL D 32 34.63 -8.55 -41.69
N GLY D 33 35.73 -9.08 -42.24
CA GLY D 33 35.67 -9.84 -43.48
C GLY D 33 34.60 -10.91 -43.49
N PHE D 34 34.51 -11.70 -42.41
CA PHE D 34 33.56 -12.81 -42.39
C PHE D 34 32.10 -12.35 -42.34
N ASN D 35 31.82 -11.10 -41.99
CA ASN D 35 30.44 -10.65 -41.95
C ASN D 35 30.11 -9.70 -43.10
N GLY D 36 30.95 -9.67 -44.13
CA GLY D 36 30.67 -8.98 -45.38
C GLY D 36 31.59 -7.82 -45.72
N SER D 37 32.64 -7.51 -44.97
CA SER D 37 33.46 -6.34 -45.29
C SER D 37 34.26 -6.55 -46.56
N THR D 38 34.26 -5.54 -47.43
CA THR D 38 35.08 -5.58 -48.63
C THR D 38 36.28 -4.64 -48.58
N ASP D 39 36.42 -3.78 -47.55
CA ASP D 39 37.60 -2.93 -47.44
C ASP D 39 38.42 -3.14 -46.17
N ILE D 40 37.84 -3.64 -45.09
CA ILE D 40 38.57 -3.87 -43.86
C ILE D 40 39.04 -5.31 -43.85
N LEU D 41 40.32 -5.52 -43.55
CA LEU D 41 40.95 -6.83 -43.65
C LEU D 41 41.09 -7.43 -42.25
N THR D 42 40.47 -8.57 -42.02
CA THR D 42 40.49 -9.24 -40.72
C THR D 42 40.80 -10.72 -40.92
N PRO D 43 41.98 -11.03 -41.50
CA PRO D 43 42.26 -12.44 -41.85
C PRO D 43 42.26 -13.40 -40.67
N GLU D 44 42.76 -12.98 -39.51
CA GLU D 44 42.80 -13.86 -38.34
C GLU D 44 41.39 -14.13 -37.82
N LEU D 45 40.57 -13.09 -37.69
CA LEU D 45 39.19 -13.28 -37.27
C LEU D 45 38.44 -14.13 -38.29
N ASP D 46 38.68 -13.89 -39.58
CA ASP D 46 37.97 -14.66 -40.61
C ASP D 46 38.35 -16.13 -40.56
N ASN D 47 39.61 -16.42 -40.25
CA ASN D 47 40.01 -17.83 -40.19
C ASN D 47 39.30 -18.56 -39.05
N LEU D 48 39.20 -17.93 -37.87
CA LEU D 48 38.45 -18.52 -36.77
C LEU D 48 37.00 -18.74 -37.16
N ALA D 49 36.38 -17.70 -37.72
CA ALA D 49 34.97 -17.78 -38.12
C ALA D 49 34.75 -18.90 -39.14
N GLN D 50 35.62 -18.97 -40.16
CA GLN D 50 35.53 -20.03 -41.16
C GLN D 50 35.67 -21.42 -40.55
N ASN D 51 36.33 -21.52 -39.41
CA ASN D 51 36.57 -22.81 -38.76
C ASN D 51 35.64 -23.05 -37.60
N GLY D 52 34.57 -22.26 -37.48
CA GLY D 52 33.51 -22.53 -36.52
C GLY D 52 32.17 -22.12 -37.08
N SER D 53 31.34 -21.51 -36.23
CA SER D 53 29.96 -21.20 -36.56
C SER D 53 29.78 -19.70 -36.61
N ILE D 54 29.38 -19.17 -37.78
CA ILE D 54 29.03 -17.76 -37.93
C ILE D 54 27.54 -17.59 -37.63
N PHE D 55 27.21 -16.63 -36.76
CA PHE D 55 25.82 -16.36 -36.39
C PHE D 55 25.29 -15.17 -37.21
N THR D 56 24.34 -15.44 -38.09
CA THR D 56 23.88 -14.41 -39.01
C THR D 56 22.76 -13.55 -38.42
N SER D 57 22.22 -13.92 -37.27
CA SER D 57 21.18 -13.14 -36.59
C SER D 57 21.49 -13.08 -35.09
N ALA D 58 22.64 -12.50 -34.75
CA ALA D 58 23.10 -12.36 -33.37
C ALA D 58 22.76 -10.98 -32.82
N TYR D 59 22.16 -10.94 -31.64
CA TYR D 59 21.73 -9.67 -31.05
C TYR D 59 22.33 -9.43 -29.68
N VAL D 60 22.61 -8.16 -29.38
CA VAL D 60 22.92 -7.77 -28.00
C VAL D 60 21.63 -7.26 -27.37
N ALA D 61 21.63 -7.14 -26.04
CA ALA D 61 20.42 -6.83 -25.28
C ALA D 61 20.08 -5.36 -25.25
N HIS D 62 20.98 -4.48 -25.66
CA HIS D 62 20.73 -3.05 -25.71
C HIS D 62 21.62 -2.44 -26.78
N PRO D 63 21.14 -1.40 -27.50
CA PRO D 63 21.94 -0.87 -28.62
C PRO D 63 23.04 0.14 -28.25
N PHE D 64 23.53 0.08 -27.00
CA PHE D 64 24.71 0.92 -26.60
C PHE D 64 25.47 0.26 -25.40
N OSE D 65 26.77 0.56 -25.20
CA OSE D 65 27.69 -0.07 -24.20
CB OSE D 65 28.88 0.81 -24.00
OG OSE D 65 28.40 2.10 -24.04
C OSE D 65 27.15 -0.41 -22.82
O OSE D 65 27.02 -1.61 -22.56
S OSE D 65 28.84 2.87 -25.30
O1S OSE D 65 28.91 1.94 -26.40
O2S OSE D 65 27.86 3.90 -25.44
O3S OSE D 65 30.13 3.26 -24.80
N GLY D 66 27.07 0.58 -21.91
CA GLY D 66 26.69 0.31 -20.51
C GLY D 66 25.70 -0.82 -20.37
N PRO D 67 24.44 -0.62 -20.83
CA PRO D 67 23.41 -1.66 -20.66
C PRO D 67 23.74 -2.94 -21.37
N SER D 68 24.37 -2.87 -22.54
CA SER D 68 24.72 -4.10 -23.24
C SER D 68 25.73 -4.91 -22.43
N ARG D 69 26.73 -4.24 -21.87
CA ARG D 69 27.74 -4.99 -21.11
C ARG D 69 27.17 -5.48 -19.78
N SER D 70 26.30 -4.68 -19.17
CA SER D 70 25.56 -5.14 -17.99
C SER D 70 24.82 -6.44 -18.28
N ALA D 71 24.13 -6.50 -19.43
CA ALA D 71 23.41 -7.71 -19.79
C ALA D 71 24.34 -8.90 -20.04
N ILE D 72 25.49 -8.68 -20.65
CA ILE D 72 26.38 -9.81 -20.91
C ILE D 72 26.81 -10.44 -19.59
N LEU D 73 27.21 -9.62 -18.63
CA LEU D 73 27.80 -10.20 -17.42
C LEU D 73 26.73 -10.64 -16.41
N THR D 74 25.58 -9.97 -16.38
CA THR D 74 24.49 -10.40 -15.49
C THR D 74 23.57 -11.44 -16.11
N GLY D 75 23.51 -11.54 -17.44
CA GLY D 75 22.57 -12.46 -18.05
C GLY D 75 21.13 -11.99 -18.05
N ARG D 76 20.87 -10.72 -17.75
CA ARG D 76 19.52 -10.17 -17.69
C ARG D 76 19.44 -8.89 -18.53
N TYR D 77 18.26 -8.66 -19.10
CA TYR D 77 18.02 -7.39 -19.78
C TYR D 77 18.27 -6.25 -18.79
N PRO D 78 18.84 -5.13 -19.25
CA PRO D 78 19.15 -4.05 -18.31
C PRO D 78 17.93 -3.39 -17.72
N HIS D 79 16.76 -3.55 -18.35
CA HIS D 79 15.53 -2.99 -17.81
C HIS D 79 15.07 -3.75 -16.58
N LEU D 80 15.66 -4.91 -16.32
CA LEU D 80 15.34 -5.72 -15.15
C LEU D 80 16.31 -5.48 -14.01
N THR D 81 17.48 -4.89 -14.28
CA THR D 81 18.51 -4.66 -13.28
C THR D 81 18.71 -3.19 -12.98
N GLY D 82 17.95 -2.31 -13.63
CA GLY D 82 18.04 -0.89 -13.41
C GLY D 82 19.18 -0.18 -14.12
N THR D 83 19.79 -0.82 -15.12
CA THR D 83 21.03 -0.33 -15.71
C THR D 83 20.87 -0.04 -17.20
N ALA D 84 19.70 0.44 -17.62
CA ALA D 84 19.42 0.67 -19.04
C ALA D 84 19.95 2.01 -19.56
N TYR D 85 20.61 2.81 -18.71
CA TYR D 85 21.29 4.03 -19.12
C TYR D 85 22.79 3.89 -18.85
N ASN D 86 23.57 4.60 -19.66
CA ASN D 86 25.04 4.58 -19.39
C ASN D 86 25.40 5.42 -18.17
N LEU D 87 26.37 4.97 -17.40
CA LEU D 87 27.01 5.83 -16.41
C LEU D 87 27.62 7.02 -17.12
N PHE D 88 27.63 8.16 -16.45
CA PHE D 88 28.21 9.34 -17.06
C PHE D 88 29.74 9.27 -16.97
N HIS D 89 30.39 10.08 -17.82
CA HIS D 89 31.83 10.28 -17.70
C HIS D 89 32.19 10.57 -16.26
N ASN D 90 33.24 9.91 -15.77
CA ASN D 90 33.77 10.18 -14.43
C ASN D 90 32.73 9.97 -13.35
N SER D 91 31.94 8.90 -13.50
CA SER D 91 30.90 8.61 -12.52
C SER D 91 31.53 8.29 -11.16
N SER D 92 30.73 8.43 -10.10
CA SER D 92 31.28 8.47 -8.76
C SER D 92 32.04 7.20 -8.41
N GLU D 93 33.20 7.40 -7.79
CA GLU D 93 34.02 6.28 -7.33
C GLU D 93 33.80 5.96 -5.84
N ASP D 94 32.74 6.51 -5.23
CA ASP D 94 32.42 6.25 -3.85
C ASP D 94 31.31 5.20 -3.76
N ASP D 95 31.56 4.11 -3.02
CA ASP D 95 30.55 3.07 -2.85
C ASP D 95 29.19 3.64 -2.43
N LYS D 96 29.19 4.76 -1.70
CA LYS D 96 27.94 5.30 -1.17
C LYS D 96 26.99 5.77 -2.26
N ASP D 97 27.51 6.15 -3.42
CA ASP D 97 26.66 6.67 -4.49
C ASP D 97 26.06 5.59 -5.37
N ASN D 98 26.52 4.34 -5.24
CA ASN D 98 25.90 3.18 -5.93
C ASN D 98 25.80 3.38 -7.45
N MET D 99 26.83 3.99 -8.04
CA MET D 99 26.86 4.19 -9.49
C MET D 99 27.58 3.00 -10.15
N GLY D 100 26.85 1.89 -10.26
CA GLY D 100 27.37 0.68 -10.87
C GLY D 100 26.29 -0.39 -10.86
N VAL D 101 26.59 -1.50 -11.54
CA VAL D 101 25.61 -2.58 -11.66
C VAL D 101 25.38 -3.20 -10.28
N PRO D 102 24.12 -3.42 -9.86
CA PRO D 102 23.84 -3.91 -8.50
C PRO D 102 24.70 -5.11 -8.09
N VAL D 103 25.33 -5.00 -6.92
CA VAL D 103 26.26 -6.06 -6.49
C VAL D 103 25.54 -7.38 -6.28
N GLU D 104 24.23 -7.34 -6.04
CA GLU D 104 23.46 -8.55 -5.81
C GLU D 104 23.27 -9.38 -7.07
N GLU D 105 23.41 -8.77 -8.25
CA GLU D 105 23.23 -9.46 -9.53
C GLU D 105 24.54 -10.15 -9.89
N THR D 106 24.65 -11.41 -9.50
CA THR D 106 25.92 -12.13 -9.59
C THR D 106 26.38 -12.25 -11.05
N TYR D 107 27.62 -11.86 -11.31
CA TYR D 107 28.20 -11.97 -12.64
C TYR D 107 28.58 -13.40 -12.96
N MET D 108 28.54 -13.71 -14.26
CA MET D 108 28.96 -15.01 -14.75
C MET D 108 30.43 -15.30 -14.43
N SER D 109 31.26 -14.25 -14.40
CA SER D 109 32.66 -14.41 -14.00
C SER D 109 32.76 -15.00 -12.60
N LYS D 110 31.96 -14.51 -11.66
CA LYS D 110 32.02 -15.05 -10.31
C LYS D 110 31.56 -16.50 -10.29
N VAL D 111 30.51 -16.81 -11.05
CA VAL D 111 30.02 -18.19 -11.13
C VAL D 111 31.11 -19.12 -11.66
N LEU D 112 31.84 -18.68 -12.69
CA LEU D 112 32.93 -19.51 -13.22
C LEU D 112 34.11 -19.57 -12.24
N GLN D 113 34.38 -18.46 -11.54
CA GLN D 113 35.44 -18.48 -10.52
C GLN D 113 35.13 -19.55 -9.47
N ASN D 114 33.91 -19.53 -8.92
CA ASN D 114 33.52 -20.51 -7.90
C ASN D 114 33.59 -21.93 -8.44
N ALA D 115 33.43 -22.10 -9.74
CA ALA D 115 33.52 -23.40 -10.40
C ALA D 115 34.95 -23.76 -10.79
N GLY D 116 35.94 -22.94 -10.45
CA GLY D 116 37.32 -23.36 -10.60
C GLY D 116 38.03 -22.83 -11.82
N TYR D 117 37.44 -21.90 -12.55
CA TYR D 117 38.10 -21.25 -13.67
C TYR D 117 39.05 -20.18 -13.16
N TYR D 118 40.19 -20.02 -13.83
CA TYR D 118 40.99 -18.82 -13.68
C TYR D 118 40.37 -17.70 -14.51
N THR D 119 40.06 -16.58 -13.91
CA THR D 119 39.24 -15.56 -14.58
C THR D 119 40.01 -14.25 -14.72
N SER D 120 39.83 -13.59 -15.86
CA SER D 120 40.62 -12.43 -16.21
C SER D 120 39.79 -11.50 -17.07
N ALA D 121 39.78 -10.21 -16.74
CA ALA D 121 39.14 -9.18 -17.54
C ALA D 121 40.19 -8.20 -18.03
N ILE D 122 40.05 -7.76 -19.27
CA ILE D 122 41.05 -6.93 -19.92
C ILE D 122 40.33 -5.85 -20.71
N GLY D 123 40.81 -4.62 -20.60
CA GLY D 123 40.28 -3.53 -21.41
C GLY D 123 39.21 -2.75 -20.67
N LYS D 124 38.08 -2.55 -21.35
CA LYS D 124 37.01 -1.69 -20.88
C LYS D 124 36.07 -2.39 -19.90
N TRP D 125 35.68 -1.66 -18.85
CA TRP D 125 34.71 -2.15 -17.87
C TRP D 125 33.34 -1.51 -18.08
N HIS D 126 33.15 -0.28 -17.57
CA HIS D 126 31.94 0.53 -17.74
C HIS D 126 30.78 -0.01 -16.92
N LEU D 127 31.07 -0.74 -15.85
CA LEU D 127 30.05 -1.31 -14.99
C LEU D 127 30.14 -0.78 -13.57
N GLY D 128 30.83 0.35 -13.39
CA GLY D 128 30.93 0.98 -12.09
C GLY D 128 32.39 1.26 -11.75
N ALA D 129 32.67 2.47 -11.26
CA ALA D 129 34.05 2.86 -10.95
C ALA D 129 34.31 2.94 -9.45
N ALA D 130 33.38 2.52 -8.62
CA ALA D 130 33.57 2.49 -7.18
C ALA D 130 34.07 1.11 -6.75
N PRO D 131 34.71 1.03 -5.59
CA PRO D 131 35.38 -0.24 -5.19
C PRO D 131 34.49 -1.48 -5.22
N LYS D 132 33.28 -1.40 -4.69
CA LYS D 132 32.44 -2.60 -4.71
C LYS D 132 31.98 -2.99 -6.12
N PHE D 133 32.15 -2.14 -7.13
CA PHE D 133 31.85 -2.55 -8.51
C PHE D 133 33.08 -3.03 -9.27
N HIS D 134 34.20 -3.20 -8.58
CA HIS D 134 35.46 -3.47 -9.26
C HIS D 134 35.50 -4.91 -9.78
N PRO D 135 36.13 -5.13 -10.94
CA PRO D 135 36.26 -6.50 -11.44
C PRO D 135 36.78 -7.50 -10.40
N ASN D 136 37.80 -7.12 -9.62
CA ASN D 136 38.37 -8.07 -8.66
C ASN D 136 37.33 -8.51 -7.63
N LYS D 137 36.34 -7.65 -7.36
CA LYS D 137 35.21 -7.96 -6.48
C LYS D 137 34.06 -8.65 -7.21
N ARG D 138 34.10 -8.75 -8.54
CA ARG D 138 33.01 -9.29 -9.34
C ARG D 138 33.41 -10.59 -10.04
N GLY D 139 34.33 -11.34 -9.44
CA GLY D 139 34.67 -12.65 -9.96
C GLY D 139 35.89 -12.74 -10.86
N PHE D 140 36.68 -11.67 -10.99
CA PHE D 140 37.83 -11.68 -11.88
C PHE D 140 39.11 -11.79 -11.06
N ASP D 141 39.84 -12.88 -11.26
CA ASP D 141 41.15 -13.02 -10.62
C ASP D 141 42.08 -11.88 -11.02
N ASP D 142 42.21 -11.63 -12.33
CA ASP D 142 43.03 -10.55 -12.84
C ASP D 142 42.18 -9.53 -13.60
N PHE D 143 42.51 -8.25 -13.46
CA PHE D 143 41.92 -7.19 -14.30
C PHE D 143 43.00 -6.24 -14.78
N TYR D 144 43.02 -5.96 -16.08
CA TYR D 144 43.94 -4.99 -16.66
C TYR D 144 43.16 -4.10 -17.63
N GLY D 145 43.04 -2.81 -17.33
CA GLY D 145 42.29 -1.93 -18.22
C GLY D 145 41.85 -0.67 -17.51
N PHE D 146 40.65 -0.21 -17.88
CA PHE D 146 40.08 1.03 -17.32
C PHE D 146 38.62 0.79 -16.94
N LEU D 147 38.17 1.55 -15.95
CA LEU D 147 36.86 1.31 -15.35
C LEU D 147 35.72 1.98 -16.11
N GLY D 148 36.01 3.03 -16.90
CA GLY D 148 34.99 3.85 -17.52
C GLY D 148 34.61 3.39 -18.92
N GLY D 149 34.06 4.34 -19.70
CA GLY D 149 33.47 4.05 -21.01
C GLY D 149 34.40 4.12 -22.22
N GLY D 150 35.62 4.61 -22.06
CA GLY D 150 36.50 4.80 -23.20
C GLY D 150 37.88 5.21 -22.75
N HIS D 151 38.81 5.22 -23.71
CA HIS D 151 40.16 5.61 -23.37
C HIS D 151 40.91 6.02 -24.62
N ASP D 152 41.76 7.02 -24.48
CA ASP D 152 42.72 7.34 -25.53
C ASP D 152 43.73 6.21 -25.68
N TYR D 153 44.24 6.05 -26.90
CA TYR D 153 44.92 4.82 -27.28
C TYR D 153 46.44 4.87 -27.13
N PHE D 154 47.05 6.04 -27.10
CA PHE D 154 48.52 6.13 -27.10
C PHE D 154 49.02 6.57 -25.74
N PRO D 155 49.72 5.69 -24.99
CA PRO D 155 50.21 6.10 -23.66
C PRO D 155 51.11 7.31 -23.69
N SER D 156 52.01 7.42 -24.69
CA SER D 156 52.91 8.56 -24.75
C SER D 156 52.14 9.87 -24.79
N GLU D 157 50.93 9.86 -25.32
CA GLU D 157 50.12 11.07 -25.39
C GLU D 157 49.28 11.25 -24.12
N TYR D 158 48.53 10.22 -23.71
CA TYR D 158 47.60 10.46 -22.60
C TYR D 158 48.32 10.53 -21.27
N GLN D 159 49.43 9.80 -21.09
CA GLN D 159 50.19 9.95 -19.84
C GLN D 159 50.79 11.35 -19.71
N LYS D 160 51.34 11.87 -20.82
CA LYS D 160 51.79 13.25 -20.86
C LYS D 160 50.68 14.21 -20.46
N THR D 161 49.51 14.08 -21.11
CA THR D 161 48.38 14.96 -20.81
C THR D 161 47.92 14.81 -19.36
N TYR D 162 47.82 13.58 -18.86
CA TYR D 162 47.36 13.37 -17.49
C TYR D 162 48.33 13.96 -16.47
N LYS D 163 49.62 13.72 -16.66
CA LYS D 163 50.59 14.23 -15.69
C LYS D 163 50.60 15.76 -15.67
N ALA D 164 50.50 16.38 -16.85
CA ALA D 164 50.47 17.84 -16.92
C ALA D 164 49.24 18.40 -16.22
N GLN D 165 48.08 17.77 -16.44
CA GLN D 165 46.85 18.28 -15.85
C GLN D 165 46.78 17.98 -14.37
N LYS D 166 47.37 16.85 -13.94
CA LYS D 166 47.49 16.59 -12.51
C LYS D 166 48.43 17.60 -11.85
N LYS D 167 49.57 17.90 -12.48
CA LYS D 167 50.48 18.89 -11.93
C LYS D 167 49.80 20.26 -11.81
N ALA D 168 48.99 20.64 -12.81
CA ALA D 168 48.28 21.92 -12.80
C ALA D 168 47.09 21.94 -11.83
N GLY D 169 46.74 20.81 -11.22
CA GLY D 169 45.58 20.77 -10.36
C GLY D 169 44.26 20.89 -11.11
N ASN D 170 44.20 20.47 -12.38
CA ASN D 170 42.96 20.41 -13.13
C ASN D 170 41.93 19.60 -12.36
N PRO D 171 40.81 20.20 -11.95
CA PRO D 171 39.81 19.48 -11.15
C PRO D 171 38.83 18.65 -11.98
N ASN D 172 38.90 18.67 -13.30
CA ASN D 172 38.02 17.86 -14.14
C ASN D 172 38.84 17.20 -15.24
N ILE D 173 39.83 16.41 -14.81
CA ILE D 173 40.57 15.55 -15.72
C ILE D 173 39.65 14.45 -16.26
N ARG D 174 39.62 14.32 -17.60
CA ARG D 174 38.76 13.33 -18.24
C ARG D 174 39.22 11.92 -17.93
N ASP D 175 38.28 11.01 -17.67
CA ASP D 175 38.73 9.66 -17.38
C ASP D 175 39.35 8.99 -18.60
N TYR D 176 39.15 9.54 -19.80
CA TYR D 176 39.79 8.99 -21.02
C TYR D 176 41.32 9.05 -20.98
N VAL D 177 41.91 9.83 -20.09
CA VAL D 177 43.36 9.91 -19.98
C VAL D 177 43.87 9.41 -18.65
N PHE D 178 42.99 8.98 -17.74
CA PHE D 178 43.41 8.39 -16.48
C PHE D 178 44.42 7.28 -16.75
N PRO D 179 45.41 7.10 -15.88
CA PRO D 179 46.26 5.92 -15.99
C PRO D 179 45.41 4.65 -15.87
N MET D 180 45.72 3.68 -16.71
CA MET D 180 45.13 2.36 -16.68
C MET D 180 45.60 1.63 -15.41
N GLU D 181 44.87 0.58 -15.01
CA GLU D 181 45.20 -0.13 -13.77
C GLU D 181 45.37 -1.61 -14.03
N HIS D 182 46.10 -2.24 -13.13
CA HIS D 182 46.28 -3.69 -13.10
C HIS D 182 45.99 -4.12 -11.67
N ASN D 183 44.86 -4.80 -11.47
CA ASN D 183 44.41 -5.20 -10.13
C ASN D 183 44.58 -4.06 -9.11
N GLY D 184 44.15 -2.87 -9.50
CA GLY D 184 44.15 -1.75 -8.59
C GLY D 184 45.42 -0.92 -8.55
N LYS D 185 46.48 -1.34 -9.24
CA LYS D 185 47.75 -0.64 -9.26
C LYS D 185 47.99 -0.03 -10.64
N PRO D 186 48.91 0.93 -10.77
CA PRO D 186 49.16 1.55 -12.07
C PRO D 186 49.61 0.54 -13.13
N ALA D 187 49.01 0.64 -14.32
CA ALA D 187 49.35 -0.29 -15.39
C ALA D 187 50.72 -0.03 -15.97
N ASN D 188 51.17 1.22 -15.97
CA ASN D 188 52.40 1.63 -16.67
C ASN D 188 52.44 1.10 -18.10
N GLU D 189 51.32 1.29 -18.82
CA GLU D 189 51.25 0.82 -20.20
C GLU D 189 52.29 1.53 -21.05
N THR D 190 52.85 0.81 -22.03
CA THR D 190 53.83 1.39 -22.92
C THR D 190 53.46 1.27 -24.38
N GLU D 191 52.46 0.46 -24.71
CA GLU D 191 52.06 0.21 -26.10
C GLU D 191 50.71 0.85 -26.38
N TYR D 192 50.48 1.13 -27.66
CA TYR D 192 49.12 1.34 -28.17
C TYR D 192 48.18 0.35 -27.51
N ILE D 193 47.13 0.85 -26.84
CA ILE D 193 46.51 0.03 -25.80
C ILE D 193 45.87 -1.22 -26.37
N THR D 194 45.47 -1.19 -27.65
CA THR D 194 44.98 -2.43 -28.26
C THR D 194 46.06 -3.50 -28.24
N ASP D 195 47.30 -3.11 -28.52
CA ASP D 195 48.41 -4.08 -28.47
C ASP D 195 48.68 -4.52 -27.05
N GLY D 196 48.58 -3.58 -26.09
CA GLY D 196 48.79 -3.96 -24.70
C GLY D 196 47.72 -4.94 -24.21
N PHE D 197 46.47 -4.71 -24.60
CA PHE D 197 45.40 -5.60 -24.18
C PHE D 197 45.63 -7.00 -24.72
N SER D 198 46.05 -7.10 -25.99
CA SER D 198 46.38 -8.38 -26.57
C SER D 198 47.56 -9.03 -25.85
N ARG D 199 48.56 -8.24 -25.50
CA ARG D 199 49.69 -8.76 -24.73
C ARG D 199 49.20 -9.36 -23.42
N GLU D 200 48.33 -8.64 -22.72
CA GLU D 200 47.83 -9.13 -21.44
C GLU D 200 46.99 -10.39 -21.60
N ALA D 201 46.27 -10.52 -22.72
CA ALA D 201 45.54 -11.76 -22.97
C ALA D 201 46.49 -12.93 -23.13
N ILE D 202 47.56 -12.72 -23.90
CA ILE D 202 48.58 -13.76 -24.06
C ILE D 202 49.17 -14.14 -22.70
N LYS D 203 49.48 -13.14 -21.88
CA LYS D 203 50.02 -13.39 -20.55
C LYS D 203 49.07 -14.22 -19.71
N ASN D 204 47.79 -13.88 -19.72
CA ASN D 204 46.83 -14.57 -18.86
C ASN D 204 46.54 -15.97 -19.37
N ILE D 205 46.61 -16.17 -20.69
CA ILE D 205 46.51 -17.52 -21.25
C ILE D 205 47.67 -18.38 -20.75
N LYS D 206 48.86 -17.78 -20.63
CA LYS D 206 50.02 -18.56 -20.20
C LYS D 206 49.94 -18.86 -18.70
N ILE D 207 49.38 -17.94 -17.92
CA ILE D 207 49.17 -18.15 -16.50
C ILE D 207 48.23 -19.32 -16.29
N ALA D 208 47.14 -19.37 -17.07
CA ALA D 208 46.20 -20.47 -16.95
C ALA D 208 46.85 -21.79 -17.34
N ALA D 209 47.69 -21.77 -18.37
CA ALA D 209 48.38 -23.00 -18.76
C ALA D 209 49.31 -23.46 -17.65
N ALA D 210 49.90 -22.52 -16.90
CA ALA D 210 50.82 -22.90 -15.84
C ALA D 210 50.08 -23.42 -14.62
N LYS D 211 48.92 -22.84 -14.32
CA LYS D 211 48.08 -23.32 -13.23
C LYS D 211 47.35 -24.61 -13.57
N LYS D 212 47.34 -25.02 -14.83
CA LYS D 212 46.58 -26.19 -15.28
C LYS D 212 45.12 -26.07 -14.84
N GLN D 213 44.51 -24.92 -15.19
CA GLN D 213 43.20 -24.54 -14.70
C GLN D 213 42.45 -23.97 -15.91
N PRO D 214 41.19 -24.33 -16.12
CA PRO D 214 40.44 -23.72 -17.22
C PRO D 214 40.39 -22.23 -17.01
N PHE D 215 40.43 -21.47 -18.10
CA PHE D 215 40.40 -20.01 -18.01
C PHE D 215 39.09 -19.48 -18.57
N PHE D 216 38.67 -18.34 -18.02
CA PHE D 216 37.64 -17.50 -18.62
C PHE D 216 38.26 -16.12 -18.77
N ILE D 217 38.41 -15.66 -20.00
CA ILE D 217 39.04 -14.38 -20.30
C ILE D 217 38.02 -13.51 -21.01
N TYR D 218 37.71 -12.36 -20.40
CA TYR D 218 36.78 -11.36 -20.93
C TYR D 218 37.65 -10.25 -21.51
N LEU D 219 37.91 -10.35 -22.80
CA LEU D 219 38.82 -9.44 -23.51
C LEU D 219 37.99 -8.35 -24.18
N ALA D 220 37.86 -7.20 -23.52
CA ALA D 220 36.95 -6.13 -23.94
C ALA D 220 37.77 -4.98 -24.55
N TYR D 221 38.18 -5.16 -25.81
CA TYR D 221 38.85 -4.07 -26.54
C TYR D 221 37.95 -2.84 -26.59
N ASN D 222 38.55 -1.65 -26.42
CA ASN D 222 37.75 -0.47 -26.71
C ASN D 222 37.74 -0.13 -28.19
N ALA D 223 38.64 -0.71 -28.98
CA ALA D 223 38.59 -0.53 -30.41
C ALA D 223 37.33 -1.17 -30.98
N PRO D 224 36.74 -0.57 -32.03
CA PRO D 224 37.11 0.71 -32.66
C PRO D 224 36.28 1.89 -32.17
N HIS D 225 35.96 1.94 -30.88
CA HIS D 225 35.29 3.10 -30.30
C HIS D 225 36.19 4.32 -30.37
N VAL D 226 35.57 5.49 -30.49
CA VAL D 226 36.29 6.77 -30.58
C VAL D 226 37.14 6.92 -29.33
N PRO D 227 38.24 7.69 -29.37
CA PRO D 227 38.72 8.52 -30.49
C PRO D 227 39.37 7.66 -31.57
N LEU D 228 39.23 8.04 -32.83
CA LEU D 228 39.77 7.28 -33.95
C LEU D 228 41.27 7.52 -33.98
N GLN D 229 42.02 6.65 -33.28
CA GLN D 229 43.46 6.77 -33.12
C GLN D 229 44.10 5.42 -33.46
N ALA D 230 45.06 5.43 -34.38
CA ALA D 230 45.59 4.19 -34.96
C ALA D 230 47.11 4.30 -35.17
N LYS D 231 47.76 3.13 -35.22
CA LYS D 231 49.19 3.07 -35.49
C LYS D 231 49.47 3.28 -36.97
N ALA D 232 50.53 4.05 -37.25
CA ALA D 232 50.88 4.37 -38.63
C ALA D 232 51.08 3.11 -39.46
N GLU D 233 51.72 2.10 -38.87
CA GLU D 233 51.96 0.86 -39.61
C GLU D 233 50.66 0.15 -39.97
N ASP D 234 49.61 0.33 -39.16
CA ASP D 234 48.32 -0.26 -39.49
C ASP D 234 47.60 0.55 -40.55
N VAL D 235 47.60 1.88 -40.40
CA VAL D 235 46.98 2.76 -41.40
C VAL D 235 47.54 2.49 -42.78
N ALA D 236 48.87 2.24 -42.84
CA ALA D 236 49.54 1.98 -44.10
C ALA D 236 48.92 0.82 -44.85
N LYS D 237 48.37 -0.18 -44.15
CA LYS D 237 47.70 -1.28 -44.84
C LYS D 237 46.42 -0.84 -45.53
N PHE D 238 45.93 0.37 -45.23
CA PHE D 238 44.62 0.79 -45.73
C PHE D 238 44.70 2.12 -46.46
N ALA D 239 45.83 2.39 -47.12
CA ALA D 239 45.93 3.55 -48.01
C ALA D 239 44.93 3.48 -49.16
N HIS D 240 44.44 2.28 -49.52
CA HIS D 240 43.39 2.27 -50.55
C HIS D 240 42.06 2.78 -50.04
N ILE D 241 41.94 3.28 -48.81
CA ILE D 241 40.69 3.83 -48.31
C ILE D 241 40.84 5.35 -48.29
N LYS D 242 40.03 6.02 -49.11
CA LYS D 242 40.18 7.46 -49.29
C LYS D 242 39.69 8.22 -48.06
N ASP D 243 38.56 7.82 -47.51
CA ASP D 243 37.99 8.57 -46.39
C ASP D 243 38.85 8.38 -45.15
N LYS D 244 39.34 9.48 -44.59
CA LYS D 244 40.29 9.39 -43.45
C LYS D 244 39.67 8.59 -42.31
N ASP D 245 38.50 9.02 -41.85
CA ASP D 245 37.90 8.32 -40.72
C ASP D 245 37.78 6.83 -41.00
N ARG D 246 37.25 6.46 -42.16
CA ARG D 246 37.13 5.03 -42.46
C ARG D 246 38.50 4.36 -42.44
N ARG D 247 39.51 5.04 -43.00
CA ARG D 247 40.86 4.47 -43.02
C ARG D 247 41.39 4.23 -41.61
N THR D 248 41.31 5.25 -40.75
CA THR D 248 41.78 5.12 -39.37
C THR D 248 41.02 4.02 -38.65
N TYR D 249 39.69 4.05 -38.75
CA TYR D 249 38.83 3.02 -38.15
C TYR D 249 39.24 1.63 -38.63
N ALA D 250 39.39 1.46 -39.95
CA ALA D 250 39.85 0.18 -40.48
C ALA D 250 41.15 -0.25 -39.82
N ALA D 251 42.07 0.70 -39.65
CA ALA D 251 43.33 0.38 -39.00
C ALA D 251 43.12 -0.03 -37.55
N MET D 252 42.13 0.54 -36.84
CA MET D 252 41.95 0.12 -35.46
C MET D 252 41.43 -1.30 -35.39
N VAL D 253 40.53 -1.66 -36.31
CA VAL D 253 40.00 -3.03 -36.33
C VAL D 253 41.12 -4.00 -36.66
N TYR D 254 42.02 -3.60 -37.53
CA TYR D 254 43.11 -4.48 -37.95
C TYR D 254 44.06 -4.77 -36.80
N ALA D 255 44.33 -3.78 -35.96
CA ALA D 255 45.14 -4.02 -34.78
C ALA D 255 44.50 -5.09 -33.89
N VAL D 256 43.17 -5.07 -33.77
CA VAL D 256 42.47 -6.13 -33.05
C VAL D 256 42.71 -7.47 -33.71
N ASP D 257 42.61 -7.50 -35.03
CA ASP D 257 42.85 -8.75 -35.75
C ASP D 257 44.26 -9.28 -35.50
N ARG D 258 45.26 -8.40 -35.57
CA ARG D 258 46.63 -8.79 -35.26
C ARG D 258 46.73 -9.45 -33.89
N GLY D 259 46.18 -8.78 -32.87
CA GLY D 259 46.21 -9.33 -31.53
C GLY D 259 45.53 -10.68 -31.44
N VAL D 260 44.39 -10.82 -32.10
CA VAL D 260 43.70 -12.11 -32.11
C VAL D 260 44.61 -13.18 -32.70
N GLY D 261 45.37 -12.84 -33.75
CA GLY D 261 46.29 -13.80 -34.36
C GLY D 261 47.40 -14.26 -33.42
N LYS D 262 47.97 -13.33 -32.64
CA LYS D 262 48.97 -13.73 -31.66
C LYS D 262 48.35 -14.55 -30.53
N ILE D 263 47.14 -14.19 -30.11
CA ILE D 263 46.43 -15.01 -29.13
C ILE D 263 46.28 -16.44 -29.64
N VAL D 264 45.84 -16.58 -30.90
CA VAL D 264 45.64 -17.91 -31.48
C VAL D 264 46.94 -18.72 -31.48
N GLN D 265 48.04 -18.09 -31.89
CA GLN D 265 49.34 -18.77 -31.84
C GLN D 265 49.68 -19.23 -30.42
N THR D 266 49.46 -18.36 -29.42
CA THR D 266 49.75 -18.73 -28.03
C THR D 266 48.91 -19.91 -27.58
N LEU D 267 47.64 -19.93 -27.98
CA LEU D 267 46.76 -21.05 -27.63
C LEU D 267 47.23 -22.34 -28.27
N LYS D 268 47.75 -22.26 -29.50
CA LYS D 268 48.25 -23.46 -30.16
C LYS D 268 49.52 -23.95 -29.48
N GLU D 269 50.38 -23.02 -29.07
CA GLU D 269 51.64 -23.38 -28.44
C GLU D 269 51.39 -24.03 -27.10
N THR D 270 50.50 -23.46 -26.29
CA THR D 270 50.19 -23.99 -24.98
C THR D 270 49.29 -25.20 -25.04
N LYS D 271 48.90 -25.65 -26.23
CA LYS D 271 48.01 -26.81 -26.41
C LYS D 271 46.63 -26.57 -25.82
N GLN D 272 46.21 -25.30 -25.72
CA GLN D 272 44.87 -24.97 -25.23
C GLN D 272 43.88 -24.68 -26.35
N PHE D 273 44.37 -24.55 -27.58
CA PHE D 273 43.55 -24.07 -28.69
C PHE D 273 42.34 -24.97 -28.96
N ASP D 274 42.53 -26.28 -28.95
CA ASP D 274 41.50 -27.17 -29.45
C ASP D 274 40.31 -27.25 -28.49
N ASN D 275 40.55 -27.11 -27.20
CA ASN D 275 39.47 -27.13 -26.22
C ASN D 275 39.27 -25.75 -25.61
N THR D 276 39.37 -24.72 -26.44
CA THR D 276 38.96 -23.37 -26.07
C THR D 276 37.76 -22.98 -26.90
N LEU D 277 36.71 -22.50 -26.28
CA LEU D 277 35.62 -21.87 -27.02
C LEU D 277 35.93 -20.38 -27.14
N ILE D 278 36.13 -19.91 -28.36
CA ILE D 278 36.32 -18.49 -28.64
C ILE D 278 35.00 -17.91 -29.12
N VAL D 279 34.50 -16.90 -28.42
CA VAL D 279 33.30 -16.16 -28.82
C VAL D 279 33.73 -14.73 -29.16
N PHE D 280 33.45 -14.30 -30.38
CA PHE D 280 33.75 -12.94 -30.81
C PHE D 280 32.46 -12.22 -31.16
N LEU D 281 32.29 -10.98 -30.68
CA LEU D 281 31.14 -10.15 -31.00
C LEU D 281 31.43 -8.68 -30.69
N SER D 282 30.51 -7.80 -31.12
CA SER D 282 30.52 -6.39 -30.76
C SER D 282 29.51 -6.14 -29.64
N ASP D 283 29.75 -5.10 -28.84
CA ASP D 283 28.81 -4.76 -27.73
C ASP D 283 27.52 -4.14 -28.29
N ASN D 284 27.57 -3.60 -29.51
CA ASN D 284 26.40 -2.93 -30.14
C ASN D 284 26.77 -2.56 -31.59
N GLY D 285 25.80 -2.01 -32.32
CA GLY D 285 26.05 -1.66 -33.73
C GLY D 285 27.08 -0.55 -33.87
N GLY D 286 27.64 -0.41 -35.07
CA GLY D 286 28.62 0.66 -35.32
C GLY D 286 28.01 2.05 -35.31
N ASN D 287 28.82 3.04 -35.00
CA ASN D 287 28.36 4.44 -35.06
C ASN D 287 28.72 4.91 -36.46
N PHE D 288 27.75 5.03 -37.36
CA PHE D 288 28.16 5.37 -38.72
C PHE D 288 28.56 6.82 -38.86
N ASN D 289 28.60 7.59 -37.77
CA ASN D 289 29.23 8.90 -37.81
C ASN D 289 30.73 8.84 -37.58
N HIS D 290 31.27 7.70 -37.17
CA HIS D 290 32.68 7.64 -36.80
C HIS D 290 33.33 6.40 -37.39
N GLY D 291 33.22 6.25 -38.70
CA GLY D 291 33.92 5.23 -39.45
C GLY D 291 33.16 3.94 -39.72
N ALA D 292 32.12 3.63 -38.93
CA ALA D 292 31.54 2.30 -39.04
C ALA D 292 30.56 2.18 -40.20
N ASN D 293 30.31 0.93 -40.59
CA ASN D 293 29.36 0.56 -41.64
C ASN D 293 28.54 -0.63 -41.16
N ASN D 294 27.22 -0.52 -41.24
CA ASN D 294 26.34 -1.57 -40.73
C ASN D 294 25.60 -2.30 -41.83
N TYR D 295 26.02 -2.10 -43.08
CA TYR D 295 25.39 -2.76 -44.22
C TYR D 295 25.21 -4.25 -43.96
N PRO D 296 24.07 -4.84 -44.35
CA PRO D 296 22.92 -4.24 -45.03
C PRO D 296 21.82 -3.77 -44.09
N LEU D 297 22.16 -3.55 -42.82
CA LEU D 297 21.19 -3.13 -41.83
C LEU D 297 20.92 -1.63 -41.91
N LYS D 298 19.72 -1.25 -41.47
CA LYS D 298 19.38 0.15 -41.36
C LYS D 298 19.86 0.70 -40.01
N GLY D 299 20.35 1.92 -40.01
CA GLY D 299 20.55 2.63 -38.77
C GLY D 299 21.92 2.45 -38.16
N THR D 300 22.05 3.00 -36.94
CA THR D 300 23.36 3.06 -36.28
C THR D 300 23.26 2.77 -34.80
N LYS D 301 24.39 2.80 -34.11
CA LYS D 301 24.49 2.58 -32.65
C LYS D 301 23.39 3.35 -31.91
N GLY D 302 22.67 2.67 -31.03
CA GLY D 302 21.65 3.29 -30.22
C GLY D 302 20.23 3.19 -30.77
N ASP D 303 20.10 2.82 -32.04
CA ASP D 303 18.77 2.62 -32.66
C ASP D 303 18.17 1.24 -32.38
N THR D 304 16.85 1.10 -32.46
CA THR D 304 16.22 -0.22 -32.42
C THR D 304 15.91 -0.75 -33.80
N TRP D 305 16.31 -0.04 -34.87
CA TRP D 305 16.59 -0.69 -36.14
C TRP D 305 17.62 -1.79 -35.90
N GLU D 306 17.69 -2.75 -36.84
CA GLU D 306 18.67 -3.83 -36.67
C GLU D 306 20.08 -3.28 -36.51
N GLY D 307 20.38 -2.14 -37.14
CA GLY D 307 21.74 -1.61 -37.11
C GLY D 307 22.24 -1.28 -35.72
N GLY D 308 21.32 -1.05 -34.77
CA GLY D 308 21.73 -0.67 -33.43
C GLY D 308 22.20 -1.81 -32.56
N TYR D 309 21.69 -3.03 -32.80
CA TYR D 309 21.96 -4.09 -31.83
C TYR D 309 22.07 -5.49 -32.45
N ARG D 310 22.07 -5.62 -33.77
CA ARG D 310 22.48 -6.84 -34.45
C ARG D 310 23.97 -6.76 -34.76
N VAL D 311 24.73 -7.76 -34.34
CA VAL D 311 26.19 -7.62 -34.33
C VAL D 311 26.80 -8.86 -35.00
N PRO D 312 28.02 -8.74 -35.51
CA PRO D 312 28.70 -9.97 -35.95
C PRO D 312 29.05 -10.82 -34.73
N MET D 313 29.06 -12.13 -34.94
CA MET D 313 29.40 -13.05 -33.85
C MET D 313 29.78 -14.39 -34.46
N PHE D 314 30.80 -15.02 -33.88
CA PHE D 314 31.09 -16.40 -34.22
C PHE D 314 31.46 -17.13 -32.93
N PHE D 315 31.30 -18.46 -32.96
CA PHE D 315 31.79 -19.41 -31.97
C PHE D 315 32.87 -20.25 -32.63
N HIS D 316 34.00 -20.42 -31.97
CA HIS D 316 35.07 -21.25 -32.51
C HIS D 316 35.55 -22.17 -31.39
N TRP D 317 35.45 -23.48 -31.62
CA TRP D 317 35.73 -24.50 -30.61
C TRP D 317 35.99 -25.82 -31.34
N PRO D 318 37.24 -26.08 -31.73
CA PRO D 318 37.50 -27.22 -32.63
C PRO D 318 37.03 -28.56 -32.09
N LYS D 319 37.08 -28.75 -30.78
CA LYS D 319 36.66 -30.02 -30.19
C LYS D 319 35.25 -30.41 -30.63
N LYS D 320 34.34 -29.43 -30.71
CA LYS D 320 32.92 -29.75 -30.85
C LYS D 320 32.20 -29.04 -31.97
N ILE D 321 32.64 -27.85 -32.38
CA ILE D 321 31.93 -27.06 -33.38
C ILE D 321 32.58 -27.30 -34.73
N LYS D 322 31.78 -27.78 -35.69
CA LYS D 322 32.28 -28.08 -37.02
C LYS D 322 32.66 -26.79 -37.76
N LYS D 323 33.52 -26.94 -38.76
CA LYS D 323 33.92 -25.81 -39.58
C LYS D 323 32.82 -25.42 -40.56
N ASP D 324 32.99 -24.23 -41.15
CA ASP D 324 32.12 -23.68 -42.21
C ASP D 324 30.65 -23.68 -41.83
N GLN D 325 30.34 -23.61 -40.54
CA GLN D 325 28.96 -23.65 -40.11
C GLN D 325 28.38 -22.23 -40.15
N ARG D 326 27.11 -22.10 -40.54
CA ARG D 326 26.38 -20.84 -40.45
C ARG D 326 25.11 -21.10 -39.65
N PHE D 327 24.96 -20.37 -38.54
CA PHE D 327 23.82 -20.52 -37.65
C PHE D 327 22.89 -19.35 -37.92
N ASP D 328 21.71 -19.63 -38.47
CA ASP D 328 20.84 -18.56 -38.97
C ASP D 328 19.67 -18.24 -38.04
N PHE D 329 19.42 -19.06 -37.03
CA PHE D 329 18.36 -18.72 -36.08
C PHE D 329 18.82 -17.58 -35.18
N PRO D 330 17.93 -16.66 -34.80
CA PRO D 330 18.32 -15.57 -33.90
C PRO D 330 18.78 -16.06 -32.53
N VAL D 331 19.82 -15.41 -32.00
CA VAL D 331 20.36 -15.68 -30.68
C VAL D 331 20.67 -14.34 -30.01
N SER D 332 20.91 -14.36 -28.71
CA SER D 332 21.14 -13.15 -27.93
C SER D 332 22.46 -13.25 -27.17
N SER D 333 23.10 -12.10 -26.95
CA SER D 333 24.25 -12.09 -26.03
C SER D 333 23.86 -12.52 -24.64
N LEU D 334 22.57 -12.43 -24.30
CA LEU D 334 22.09 -12.97 -23.03
C LEU D 334 22.31 -14.47 -22.92
N ASP D 335 22.55 -15.16 -24.05
CA ASP D 335 22.74 -16.60 -24.00
C ASP D 335 24.13 -17.00 -23.51
N LEU D 336 25.09 -16.08 -23.50
CA LEU D 336 26.45 -16.44 -23.10
C LEU D 336 26.49 -16.94 -21.66
N TYR D 337 25.85 -16.22 -20.73
CA TYR D 337 25.88 -16.61 -19.32
C TYR D 337 25.42 -18.05 -19.10
N PRO D 338 24.18 -18.44 -19.45
CA PRO D 338 23.79 -19.85 -19.25
C PRO D 338 24.57 -20.80 -20.11
N THR D 339 24.99 -20.38 -21.30
CA THR D 339 25.78 -21.26 -22.13
C THR D 339 27.13 -21.54 -21.48
N PHE D 340 27.81 -20.48 -21.01
CA PHE D 340 29.12 -20.65 -20.39
C PHE D 340 29.06 -21.45 -19.09
N THR D 341 28.14 -21.08 -18.18
CA THR D 341 28.06 -21.82 -16.92
C THR D 341 27.67 -23.27 -17.17
N GLY D 342 26.91 -23.52 -18.24
CA GLY D 342 26.63 -24.87 -18.67
C GLY D 342 27.91 -25.61 -19.02
N LEU D 343 28.71 -25.03 -19.92
CA LEU D 343 29.98 -25.65 -20.31
C LEU D 343 30.86 -25.88 -19.09
N ALA D 344 30.83 -24.96 -18.13
CA ALA D 344 31.64 -25.06 -16.94
C ALA D 344 31.05 -26.00 -15.90
N GLU D 345 29.88 -26.59 -16.18
CA GLU D 345 29.20 -27.47 -15.24
C GLU D 345 29.03 -26.78 -13.89
N ALA D 346 28.75 -25.48 -13.93
CA ALA D 346 28.67 -24.67 -12.72
C ALA D 346 27.24 -24.54 -12.23
N LYS D 347 27.06 -24.61 -10.92
CA LYS D 347 25.76 -24.39 -10.34
C LYS D 347 25.52 -22.89 -10.18
N LEU D 348 24.31 -22.45 -10.52
CA LEU D 348 24.00 -21.05 -10.36
C LEU D 348 23.68 -20.75 -8.90
N PRO D 349 23.91 -19.53 -8.42
CA PRO D 349 23.48 -19.16 -7.07
C PRO D 349 21.97 -19.28 -6.98
N LYS D 350 21.49 -19.58 -5.76
CA LYS D 350 20.05 -19.69 -5.58
C LYS D 350 19.38 -18.35 -5.84
N GLY D 351 18.25 -18.39 -6.54
CA GLY D 351 17.50 -17.19 -6.86
C GLY D 351 18.00 -16.41 -8.07
N LYS D 352 19.09 -16.84 -8.69
CA LYS D 352 19.63 -16.13 -9.85
C LYS D 352 18.67 -16.25 -11.03
N GLN D 353 18.34 -15.12 -11.63
CA GLN D 353 17.47 -15.08 -12.80
C GLN D 353 18.28 -14.82 -14.05
N LEU D 354 17.90 -15.48 -15.14
CA LEU D 354 18.59 -15.38 -16.43
C LEU D 354 17.57 -15.23 -17.54
N ASP D 355 17.85 -14.33 -18.49
CA ASP D 355 16.93 -14.07 -19.59
C ASP D 355 17.31 -14.81 -20.87
N GLY D 356 18.52 -15.36 -20.96
CA GLY D 356 18.97 -16.05 -22.14
C GLY D 356 18.85 -17.56 -21.97
N LYS D 357 19.37 -18.29 -22.96
CA LYS D 357 19.29 -19.73 -23.00
C LYS D 357 20.66 -20.34 -23.19
N ASN D 358 20.84 -21.55 -22.66
CA ASN D 358 22.00 -22.36 -23.02
C ASN D 358 21.78 -22.89 -24.44
N ILE D 359 22.54 -22.39 -25.40
CA ILE D 359 22.27 -22.66 -26.82
C ILE D 359 23.27 -23.61 -27.45
N MET D 360 24.22 -24.16 -26.69
CA MET D 360 25.28 -24.95 -27.32
C MET D 360 24.72 -26.18 -28.02
N ASP D 361 23.82 -26.91 -27.37
CA ASP D 361 23.19 -28.04 -28.05
C ASP D 361 22.50 -27.60 -29.33
N ASP D 362 21.80 -26.45 -29.28
CA ASP D 362 21.18 -25.94 -30.49
C ASP D 362 22.23 -25.66 -31.57
N VAL D 363 23.37 -25.09 -31.19
CA VAL D 363 24.40 -24.78 -32.17
C VAL D 363 24.96 -26.07 -32.77
N LEU D 364 25.23 -27.07 -31.94
CA LEU D 364 25.82 -28.30 -32.45
C LEU D 364 24.85 -29.08 -33.32
N LYS D 365 23.55 -28.92 -33.09
CA LYS D 365 22.53 -29.68 -33.81
C LYS D 365 21.76 -28.83 -34.82
N ASN D 366 22.10 -27.55 -34.94
CA ASN D 366 21.42 -26.62 -35.86
C ASN D 366 19.90 -26.60 -35.63
N THR D 367 19.52 -26.36 -34.39
CA THR D 367 18.12 -26.25 -34.04
C THR D 367 17.85 -24.84 -33.49
N GLU D 368 16.55 -24.50 -33.35
CA GLU D 368 16.10 -23.13 -33.13
C GLU D 368 15.88 -22.84 -31.65
N PRO D 369 16.79 -22.14 -30.96
CA PRO D 369 16.60 -21.92 -29.52
C PRO D 369 15.44 -21.01 -29.18
N TYR D 370 15.14 -20.01 -30.01
CA TYR D 370 14.09 -19.03 -29.71
C TYR D 370 12.81 -19.29 -30.51
N LYS D 371 12.57 -20.54 -30.90
CA LYS D 371 11.33 -20.84 -31.60
C LYS D 371 10.14 -20.38 -30.77
N ASP D 372 9.33 -19.52 -31.37
CA ASP D 372 8.12 -19.00 -30.74
C ASP D 372 8.41 -18.13 -29.53
N GLU D 373 9.59 -17.50 -29.45
CA GLU D 373 9.93 -16.63 -28.33
C GLU D 373 10.60 -15.38 -28.86
N MET D 374 10.61 -14.33 -28.04
CA MET D 374 11.03 -13.01 -28.48
C MET D 374 12.48 -12.70 -28.09
N ILE D 375 13.16 -11.97 -28.98
CA ILE D 375 14.36 -11.21 -28.66
C ILE D 375 14.02 -9.75 -28.80
N TYR D 376 14.28 -8.96 -27.75
CA TYR D 376 13.74 -7.62 -27.56
C TYR D 376 14.82 -6.56 -27.54
N SER D 377 14.42 -5.32 -27.84
CA SER D 377 15.20 -4.19 -27.39
C SER D 377 14.24 -3.05 -27.09
N LEU D 378 14.50 -2.30 -26.02
CA LEU D 378 13.78 -1.06 -25.76
C LEU D 378 14.82 -0.03 -25.32
N ARG D 379 14.84 1.11 -26.00
CA ARG D 379 15.83 2.14 -25.73
C ARG D 379 15.11 3.44 -25.39
N TYR D 380 15.39 3.98 -24.21
CA TYR D 380 14.74 5.20 -23.77
C TYR D 380 15.28 6.41 -24.55
N ARG D 381 14.33 7.24 -24.98
CA ARG D 381 14.68 8.50 -25.66
C ARG D 381 14.17 9.67 -24.80
N GLU D 382 14.32 10.88 -25.30
CA GLU D 382 13.83 12.08 -24.60
C GLU D 382 12.33 12.24 -24.83
N GLY D 383 11.53 11.48 -24.06
CA GLY D 383 10.09 11.65 -24.07
C GLY D 383 9.32 10.50 -24.69
N TYR D 384 10.01 9.48 -25.20
CA TYR D 384 9.36 8.35 -25.84
C TYR D 384 10.35 7.20 -25.80
N ASN D 385 9.96 6.05 -26.37
CA ASN D 385 10.79 4.85 -26.39
C ASN D 385 10.93 4.33 -27.81
N ASP D 386 12.15 3.87 -28.12
CA ASP D 386 12.38 3.13 -29.39
C ASP D 386 12.27 1.65 -29.00
N VAL D 387 11.69 0.80 -29.83
CA VAL D 387 11.43 -0.60 -29.53
C VAL D 387 11.77 -1.45 -30.74
N GLY D 388 12.26 -2.67 -30.46
CA GLY D 388 12.37 -3.69 -31.48
C GLY D 388 12.05 -5.04 -30.87
N ALA D 389 11.38 -5.91 -31.61
CA ALA D 389 11.06 -7.23 -31.07
C ALA D 389 11.00 -8.19 -32.24
N ARG D 390 11.70 -9.31 -32.12
CA ARG D 390 11.78 -10.30 -33.19
C ARG D 390 11.31 -11.68 -32.71
N MET D 391 10.43 -12.31 -33.49
CA MET D 391 10.06 -13.71 -33.33
C MET D 391 10.16 -14.41 -34.68
N GLY D 392 11.07 -15.38 -34.79
CA GLY D 392 11.24 -16.06 -36.06
C GLY D 392 11.60 -15.08 -37.17
N ASP D 393 10.84 -15.12 -38.27
CA ASP D 393 11.11 -14.27 -39.42
C ASP D 393 10.59 -12.86 -39.25
N TRP D 394 9.87 -12.56 -38.17
CA TRP D 394 9.09 -11.34 -38.05
C TRP D 394 9.69 -10.40 -37.00
N LYS D 395 9.69 -9.11 -37.32
CA LYS D 395 10.15 -8.07 -36.42
C LYS D 395 9.14 -6.93 -36.39
N ILE D 396 8.91 -6.38 -35.19
CA ILE D 396 8.20 -5.12 -35.05
C ILE D 396 9.20 -4.07 -34.59
N THR D 397 9.06 -2.86 -35.10
CA THR D 397 9.99 -1.79 -34.79
C THR D 397 9.19 -0.51 -34.60
N ARG D 398 9.56 0.26 -33.59
CA ARG D 398 9.13 1.65 -33.49
C ARG D 398 10.36 2.49 -33.23
N MET D 399 10.53 3.46 -34.11
CA MET D 399 11.69 4.36 -34.04
C MET D 399 11.16 5.79 -34.15
N GLY D 400 11.76 6.67 -33.37
CA GLY D 400 11.42 8.08 -33.40
C GLY D 400 10.00 8.43 -33.01
N ASN D 401 9.29 7.45 -32.46
CA ASN D 401 7.87 7.52 -32.06
C ASN D 401 6.93 7.55 -33.26
N GLU D 402 7.41 7.11 -34.42
CA GLU D 402 6.62 7.03 -35.63
C GLU D 402 5.62 5.89 -35.51
N PRO D 403 4.72 5.73 -36.48
CA PRO D 403 3.85 4.55 -36.47
C PRO D 403 4.65 3.26 -36.42
N TRP D 404 4.05 2.25 -35.79
CA TRP D 404 4.68 0.94 -35.67
C TRP D 404 4.93 0.29 -37.02
N ARG D 405 5.99 -0.50 -37.11
CA ARG D 405 6.34 -1.20 -38.33
C ARG D 405 6.40 -2.70 -38.11
N LEU D 406 5.94 -3.46 -39.09
CA LEU D 406 6.05 -4.92 -39.09
C LEU D 406 6.87 -5.30 -40.30
N HIS D 407 7.95 -6.05 -40.08
CA HIS D 407 8.83 -6.49 -41.15
C HIS D 407 8.98 -8.00 -41.13
N ASN D 408 8.99 -8.60 -42.31
CA ASN D 408 9.59 -9.91 -42.43
C ASN D 408 11.10 -9.66 -42.53
N ILE D 409 11.80 -9.83 -41.42
CA ILE D 409 13.20 -9.44 -41.39
C ILE D 409 14.05 -10.41 -42.22
N THR D 410 13.58 -11.63 -42.46
CA THR D 410 14.35 -12.56 -43.31
C THR D 410 14.29 -12.15 -44.77
N GLN D 411 13.12 -11.68 -45.21
CA GLN D 411 12.95 -11.20 -46.57
C GLN D 411 13.41 -9.76 -46.77
N ASP D 412 13.46 -8.97 -45.69
CA ASP D 412 13.58 -7.51 -45.76
C ASP D 412 14.50 -7.03 -44.64
N ILE D 413 15.78 -7.45 -44.71
CA ILE D 413 16.73 -7.22 -43.63
C ILE D 413 16.95 -5.73 -43.37
N GLY D 414 16.78 -4.89 -44.40
CA GLY D 414 16.93 -3.46 -44.24
C GLY D 414 15.72 -2.73 -43.71
N GLU D 415 14.66 -3.46 -43.33
CA GLU D 415 13.48 -2.88 -42.70
C GLU D 415 12.90 -1.75 -43.56
N LYS D 416 12.74 -2.01 -44.85
CA LYS D 416 12.20 -0.99 -45.77
C LYS D 416 10.69 -1.10 -45.99
N LYS D 417 10.10 -2.28 -45.83
CA LYS D 417 8.73 -2.54 -46.29
C LYS D 417 7.83 -2.80 -45.10
N ASN D 418 7.08 -1.78 -44.69
CA ASN D 418 6.18 -1.91 -43.55
C ASN D 418 4.98 -2.77 -43.94
N LEU D 419 4.84 -3.94 -43.31
CA LEU D 419 3.73 -4.84 -43.57
C LEU D 419 2.63 -4.72 -42.52
N ALA D 420 2.66 -3.69 -41.69
CA ALA D 420 1.68 -3.55 -40.63
C ALA D 420 0.25 -3.52 -41.19
N GLY D 421 0.04 -2.77 -42.28
CA GLY D 421 -1.28 -2.74 -42.88
C GLY D 421 -1.75 -4.09 -43.39
N ARG D 422 -0.82 -4.94 -43.85
CA ARG D 422 -1.16 -6.22 -44.45
C ARG D 422 -1.41 -7.32 -43.41
N TYR D 423 -0.72 -7.30 -42.27
CA TYR D 423 -0.88 -8.33 -41.23
C TYR D 423 -1.08 -7.68 -39.87
N PRO D 424 -2.20 -6.96 -39.67
CA PRO D 424 -2.39 -6.24 -38.40
C PRO D 424 -2.53 -7.15 -37.19
N ASP D 425 -3.05 -8.37 -37.37
CA ASP D 425 -3.16 -9.27 -36.22
C ASP D 425 -1.78 -9.69 -35.72
N ARG D 426 -0.88 -10.05 -36.63
CA ARG D 426 0.48 -10.40 -36.24
C ARG D 426 1.15 -9.23 -35.51
N LEU D 427 1.02 -8.02 -36.07
CA LEU D 427 1.58 -6.83 -35.43
C LEU D 427 1.07 -6.70 -34.00
N LYS D 428 -0.25 -6.75 -33.82
CA LYS D 428 -0.84 -6.49 -32.50
C LYS D 428 -0.49 -7.58 -31.50
N GLU D 429 -0.44 -8.83 -31.93
CA GLU D 429 -0.12 -9.88 -30.96
C GLU D 429 1.33 -9.79 -30.55
N MET D 430 2.19 -9.32 -31.45
CA MET D 430 3.61 -9.14 -31.17
C MET D 430 3.80 -7.92 -30.25
N ILE D 431 3.03 -6.86 -30.49
CA ILE D 431 3.01 -5.71 -29.59
C ILE D 431 2.50 -6.10 -28.21
N ALA D 432 1.56 -7.05 -28.15
CA ALA D 432 1.01 -7.47 -26.86
C ALA D 432 2.07 -8.18 -26.03
N LYS D 433 2.80 -9.11 -26.64
CA LYS D 433 3.87 -9.78 -25.90
C LYS D 433 4.92 -8.78 -25.43
N THR D 434 5.26 -7.82 -26.28
CA THR D 434 6.29 -6.84 -25.93
C THR D 434 5.82 -5.93 -24.81
N GLN D 435 4.55 -5.54 -24.83
CA GLN D 435 4.01 -4.75 -23.72
C GLN D 435 4.07 -5.54 -22.41
N GLU D 436 3.75 -6.84 -22.47
CA GLU D 436 3.77 -7.65 -21.26
C GLU D 436 5.18 -7.80 -20.71
N TRP D 437 6.18 -7.82 -21.59
CA TRP D 437 7.58 -7.84 -21.16
C TRP D 437 7.93 -6.60 -20.35
N THR D 438 7.49 -5.42 -20.81
CA THR D 438 7.79 -4.18 -20.11
C THR D 438 7.14 -4.12 -18.73
N LYS D 439 6.11 -4.94 -18.49
CA LYS D 439 5.46 -4.92 -17.18
C LYS D 439 6.39 -5.43 -16.09
N SER D 440 7.40 -6.21 -16.44
CA SER D 440 8.38 -6.73 -15.49
C SER D 440 9.53 -5.76 -15.21
N PHE D 441 9.48 -4.54 -15.76
CA PHE D 441 10.65 -3.66 -15.73
C PHE D 441 10.78 -2.97 -14.38
N VAL D 442 12.02 -2.75 -13.95
CA VAL D 442 12.30 -1.94 -12.78
C VAL D 442 12.58 -0.50 -13.20
N LYS D 443 12.67 0.38 -12.23
CA LYS D 443 13.04 1.75 -12.53
C LYS D 443 14.55 1.83 -12.71
N PRO D 444 15.03 2.75 -13.54
CA PRO D 444 16.47 2.92 -13.68
C PRO D 444 17.07 3.40 -12.37
N LEU D 445 18.20 2.80 -11.98
CA LEU D 445 18.94 3.29 -10.83
C LEU D 445 19.51 4.68 -11.06
N TRP D 446 19.93 4.98 -12.29
CA TRP D 446 20.36 6.31 -12.68
C TRP D 446 19.85 6.58 -14.09
N VAL D 447 19.83 7.85 -14.47
CA VAL D 447 19.53 8.24 -15.84
C VAL D 447 20.76 8.97 -16.40
N TYR D 448 20.66 9.52 -17.60
CA TYR D 448 21.86 10.10 -18.20
C TYR D 448 21.90 11.61 -18.17
N SER D 449 20.81 12.30 -18.50
CA SER D 449 20.80 13.74 -18.56
C SER D 449 19.77 14.31 -17.59
N VAL D 450 19.90 15.62 -17.36
CA VAL D 450 18.91 16.35 -16.58
C VAL D 450 17.53 16.22 -17.20
N LYS D 451 17.46 16.29 -18.54
CA LYS D 451 16.18 16.09 -19.23
C LYS D 451 15.55 14.76 -18.83
N ASP D 452 16.34 13.67 -18.90
CA ASP D 452 15.87 12.38 -18.43
C ASP D 452 15.26 12.47 -17.04
N LYS D 453 15.97 13.14 -16.12
CA LYS D 453 15.53 13.18 -14.73
C LYS D 453 14.18 13.88 -14.62
N GLU D 454 14.05 15.05 -15.24
CA GLU D 454 12.77 15.74 -15.24
C GLU D 454 11.65 14.89 -15.84
N LEU D 455 11.95 14.17 -16.93
CA LEU D 455 10.91 13.36 -17.56
C LEU D 455 10.47 12.22 -16.64
N TRP D 456 11.43 11.55 -16.00
CA TRP D 456 11.06 10.42 -15.14
C TRP D 456 10.34 10.89 -13.87
N GLU D 457 10.72 12.05 -13.32
CA GLU D 457 10.08 12.53 -12.10
C GLU D 457 8.64 12.98 -12.36
N SER D 458 8.41 13.69 -13.47
CA SER D 458 7.06 14.11 -13.82
C SER D 458 6.19 12.98 -14.36
N GLY D 459 6.75 11.82 -14.63
CA GLY D 459 6.01 10.72 -15.20
C GLY D 459 5.78 10.79 -16.69
N GLN D 460 6.35 11.81 -17.37
CA GLN D 460 6.35 11.83 -18.83
C GLN D 460 7.01 10.57 -19.39
N MET D 461 8.06 10.12 -18.70
CA MET D 461 8.79 8.89 -19.08
C MET D 461 8.59 7.90 -17.94
N PRO D 462 8.42 6.56 -18.15
CA PRO D 462 8.62 5.85 -19.42
C PRO D 462 7.35 5.78 -20.28
N ASN D 463 6.17 5.95 -19.68
CA ASN D 463 4.90 5.91 -20.40
C ASN D 463 4.84 4.75 -21.40
N TYR D 464 5.03 3.53 -20.88
CA TYR D 464 4.98 2.35 -21.74
C TYR D 464 3.63 2.24 -22.43
N GLU D 465 2.56 2.74 -21.79
CA GLU D 465 1.23 2.64 -22.41
C GLU D 465 1.18 3.39 -23.74
N ALA D 466 1.76 4.59 -23.80
CA ALA D 466 1.74 5.30 -25.08
C ALA D 466 2.64 4.62 -26.11
N THR D 467 3.74 3.99 -25.66
CA THR D 467 4.64 3.34 -26.59
C THR D 467 3.92 2.30 -27.43
N PHE D 468 3.00 1.56 -26.82
CA PHE D 468 2.31 0.47 -27.49
C PHE D 468 0.95 0.88 -28.04
N GLU D 469 0.67 2.18 -28.19
CA GLU D 469 -0.43 2.64 -29.04
C GLU D 469 -0.18 2.23 -30.49
N VAL D 470 -1.26 1.98 -31.23
CA VAL D 470 -1.10 1.54 -32.61
C VAL D 470 -2.03 2.31 -33.54
N ASP D 471 -3.35 2.06 -33.39
CA ASP D 471 -4.30 2.58 -34.37
C ASP D 471 -4.24 4.10 -34.46
N LYS D 472 -4.18 4.80 -33.33
CA LYS D 472 -4.24 6.26 -33.38
C LYS D 472 -3.05 6.86 -34.11
N LEU D 473 -1.94 6.12 -34.21
CA LEU D 473 -0.79 6.60 -34.98
C LEU D 473 -1.03 6.63 -36.49
N VAL D 474 -1.94 5.80 -37.03
CA VAL D 474 -2.17 5.76 -38.47
C VAL D 474 -3.56 6.28 -38.88
N ASP D 475 -4.55 6.24 -38.00
CA ASP D 475 -5.89 6.69 -38.36
C ASP D 475 -5.94 8.19 -38.60
N SER D 476 -6.71 8.61 -39.60
CA SER D 476 -6.96 10.03 -39.81
C SER D 476 -8.08 10.49 -38.89
N PRO D 477 -7.98 11.69 -38.31
CA PRO D 477 -9.08 12.20 -37.48
C PRO D 477 -10.28 12.69 -38.28
N TYR D 478 -10.16 12.79 -39.61
CA TYR D 478 -11.23 13.27 -40.46
C TYR D 478 -11.98 12.13 -41.16
N HIS D 479 -11.83 10.91 -40.65
CA HIS D 479 -12.58 9.73 -41.06
C HIS D 479 -12.27 9.30 -42.48
C1 G4S E . -28.16 -22.68 23.98
C2 G4S E . -27.46 -22.10 22.78
C3 G4S E . -26.40 -21.08 23.14
C4 G4S E . -26.86 -20.11 24.24
C5 G4S E . -27.49 -20.91 25.37
C6 G4S E . -28.02 -20.04 26.50
O1 G4S E . -29.25 -23.39 23.50
O2 G4S E . -26.83 -23.15 22.05
O3 G4S E . -26.04 -20.39 21.95
O4 G4S E . -27.84 -19.14 23.69
O5 G4S E . -28.58 -21.65 24.84
O6 G4S E . -28.33 -20.82 27.65
S G4S E . -27.54 -17.57 23.86
O7 G4S E . -26.12 -17.48 23.80
O8 G4S E . -28.20 -16.88 22.78
O9 G4S E . -28.08 -17.19 25.14
C2 9RN E . -24.50 -19.04 20.84
C4 9RN E . -22.51 -20.19 19.90
C5 9RN E . -22.55 -21.06 21.14
C6 9RN E . -21.90 -20.13 22.14
O4 9RN E . -21.21 -20.07 19.36
O5 9RN E . -23.91 -21.35 21.47
O3 9RN E . -22.27 -18.79 21.73
C3 9RN E . -23.03 -18.90 20.52
O2 9RN E . -25.26 -19.25 19.67
C1 9RN E . -24.67 -20.19 21.81
C1 GAL E . -20.73 -21.24 18.77
C2 GAL E . -20.37 -20.99 17.32
C3 GAL E . -19.86 -22.27 16.71
C4 GAL E . -18.69 -22.77 17.51
C5 GAL E . -19.15 -23.01 18.93
C6 GAL E . -18.05 -23.50 19.85
O2 GAL E . -21.48 -20.48 16.59
O3 GAL E . -19.46 -22.06 15.36
O4 GAL E . -17.72 -21.65 17.49
O5 GAL E . -19.62 -21.77 19.48
O6 GAL E . -18.57 -23.79 21.13
C2 9RN E . -18.88 -23.09 13.27
C4 9RN E . -20.89 -23.73 11.90
C5 9RN E . -21.51 -24.14 13.23
C6 9RN E . -20.88 -25.51 13.39
O4 9RN E . -21.40 -24.54 10.86
O5 9RN E . -21.13 -23.21 14.25
O3 9RN E . -19.55 -25.37 12.83
C3 9RN E . -19.45 -24.06 12.25
O2 9RN E . -18.84 -21.75 12.75
C1 9RN E . -19.73 -23.14 14.52
C1 G4S F . -17.99 -9.72 -21.80
C2 G4S F . -18.21 -9.77 -20.32
C3 G4S F . -18.17 -8.39 -19.73
C4 G4S F . -16.92 -7.62 -20.14
C5 G4S F . -16.64 -7.76 -21.63
C6 G4S F . -15.27 -7.27 -22.02
O1 G4S F . -18.07 -10.99 -22.33
O2 G4S F . -19.45 -10.41 -20.03
O3 G4S F . -18.23 -8.51 -18.30
O4 G4S F . -15.78 -8.20 -19.39
O5 G4S F . -16.71 -9.14 -22.04
O6 G4S F . -15.23 -6.85 -23.38
S G4S F . -15.01 -7.28 -18.38
O7 G4S F . -15.45 -5.94 -18.72
O8 G4S F . -15.44 -7.68 -17.06
O9 G4S F . -13.61 -7.49 -18.60
C2 9RN F . -18.76 -7.58 -16.18
C4 9RN F . -21.19 -7.42 -15.63
C5 9RN F . -21.39 -7.12 -17.12
C6 9RN F . -21.01 -5.67 -17.15
O4 9RN F . -22.20 -6.83 -14.84
O5 9RN F . -20.51 -7.96 -17.87
O3 9RN F . -19.99 -5.50 -16.13
C3 9RN F . -19.82 -6.76 -15.48
O2 9RN F . -18.65 -8.87 -15.60
C1 9RN F . -19.12 -7.67 -17.65
C1 GAL F . -23.44 -7.45 -14.93
C2 GAL F . -23.92 -7.89 -13.57
C3 GAL F . -25.28 -8.56 -13.70
C4 GAL F . -26.24 -7.63 -14.40
C5 GAL F . -25.67 -7.26 -15.76
C6 GAL F . -26.56 -6.31 -16.51
O2 GAL F . -22.96 -8.75 -12.96
O3 GAL F . -25.79 -8.95 -12.42
O4 GAL F . -26.31 -6.42 -13.56
O5 GAL F . -24.40 -6.62 -15.58
O6 GAL F . -26.05 -6.05 -17.80
C2 9RN F . -27.33 -10.36 -11.20
C4 9RN F . -26.56 -12.74 -11.07
C5 9RN F . -26.10 -12.54 -12.50
C6 9RN F . -27.42 -12.70 -13.22
O4 9RN F . -26.90 -14.09 -10.80
O5 9RN F . -25.53 -11.24 -12.64
O3 9RN F . -28.43 -12.23 -12.31
C3 9RN F . -27.76 -11.82 -11.10
O2 9RN F . -26.65 -9.97 -10.02
C1 9RN F . -26.45 -10.17 -12.43
C1 G4S G . 0.75 10.67 25.78
C2 G4S G . 2.17 11.02 26.14
C3 G4S G . 3.01 11.18 24.89
C4 G4S G . 2.89 9.96 23.99
C5 G4S G . 1.43 9.55 23.79
C6 G4S G . 1.28 8.22 23.09
O1 G4S G . 0.02 10.54 26.95
O2 G4S G . 2.18 12.22 26.91
O3 G4S G . 4.36 11.36 25.30
O4 G4S G . 3.60 8.84 24.65
O5 G4S G . 0.77 9.44 25.06
O6 G4S G . -0.09 7.91 22.86
S G4S G . 4.88 8.23 23.93
O7 G4S G . 5.11 9.04 22.76
O8 G4S G . 4.53 6.86 23.61
O9 G4S G . 5.95 8.31 24.89
C2 9RN G . 6.55 12.10 24.72
C4 9RN G . 6.92 14.57 24.85
C5 9RN G . 5.48 14.70 24.38
C6 9RN G . 5.65 14.43 22.91
O4 9RN G . 7.70 15.67 24.46
O5 9RN G . 4.69 13.70 25.04
O3 9RN G . 6.78 13.54 22.79
C3 9RN G . 7.28 13.29 24.12
O2 9RN G . 6.96 11.90 26.06
C1 9RN G . 5.05 12.37 24.64
C1 GAL G . 7.33 16.89 25.05
C2 GAL G . 8.49 17.50 25.79
C3 GAL G . 8.06 18.83 26.36
C4 GAL G . 7.57 19.71 25.23
C5 GAL G . 6.41 19.04 24.55
C6 GAL G . 5.86 19.82 23.39
O2 GAL G . 8.98 16.62 26.79
O3 GAL G . 9.12 19.47 27.08
O4 GAL G . 8.69 19.80 24.27
O5 GAL G . 6.83 17.76 24.04
O6 GAL G . 4.78 19.14 22.78
C2 9RN G . 9.75 21.10 28.78
C4 9RN G . 9.16 20.35 31.10
C5 9RN G . 7.90 19.81 30.47
C6 9RN G . 7.10 21.09 30.34
O4 9RN G . 8.96 20.73 32.44
O5 9RN G . 8.21 19.22 29.21
O3 9RN G . 8.06 22.15 30.18
C3 9RN G . 9.37 21.54 30.18
O2 9RN G . 11.05 20.51 28.80
C1 9RN G . 8.71 20.14 28.24
C1 G4S H . 34.27 16.05 -23.00
C2 G4S H . 33.72 15.17 -24.07
C3 G4S H . 34.81 14.63 -24.99
C4 G4S H . 35.90 15.65 -25.35
C5 G4S H . 36.21 16.61 -24.19
C6 G4S H . 37.01 17.83 -24.62
O1 G4S H . 33.22 16.58 -22.26
O2 G4S H . 33.00 14.10 -23.47
O3 G4S H . 34.16 14.20 -26.19
O4 G4S H . 35.44 16.41 -26.52
O5 G4S H . 34.99 17.10 -23.62
O6 G4S H . 37.09 18.77 -23.55
S G4S H . 36.20 16.23 -27.90
O7 G4S H . 36.20 14.83 -28.19
O8 G4S H . 37.53 16.75 -27.70
O9 G4S H . 35.46 17.01 -28.85
C2 9RN H . 33.44 12.61 -27.79
C4 9RN H . 32.31 10.56 -26.89
C5 9RN H . 33.28 10.67 -25.73
C6 9RN H . 34.50 10.06 -26.36
O4 9RN H . 31.89 9.23 -27.14
O5 9RN H . 33.47 12.05 -25.40
O3 9RN H . 34.44 10.42 -27.77
C3 9RN H . 33.21 11.13 -27.98
O2 9RN H . 32.22 13.32 -27.91
C1 9RN H . 34.08 12.82 -26.42
C1 GAL H . 31.03 8.67 -26.19
C2 GAL H . 29.77 8.13 -26.84
C3 GAL H . 28.87 7.53 -25.79
C4 GAL H . 29.63 6.48 -25.04
C5 GAL H . 30.84 7.11 -24.40
C6 GAL H . 31.69 6.13 -23.62
O2 GAL H . 29.10 9.17 -27.56
O3 GAL H . 27.68 6.96 -26.38
O4 GAL H . 30.06 5.51 -26.06
O5 GAL H . 31.68 7.65 -25.43
O6 GAL H . 32.80 6.76 -23.00
C2 9RN H . 25.40 6.20 -26.04
C4 9RN H . 23.74 8.06 -25.79
C5 9RN H . 24.85 8.77 -25.03
C6 9RN H . 24.74 8.07 -23.69
O4 9RN H . 22.46 8.45 -25.33
O5 9RN H . 26.11 8.52 -25.68
O3 9RN H . 24.25 6.74 -23.98
C3 9RN H . 24.10 6.64 -25.40
O2 9RN H . 25.26 6.14 -27.45
C1 9RN H . 26.50 7.16 -25.65
CA CA I . -12.47 -20.26 16.30
BR BR J . -1.22 -38.22 20.31
BR BR K . -13.62 -23.73 37.34
BR BR L . -23.40 -16.18 13.98
CL CL M . 19.92 -12.28 14.97
CL CL N . -27.30 -24.78 31.39
CL CL O . -4.37 -17.72 -18.60
CL CL P . -19.52 -11.10 -3.39
CL CL Q . -18.95 -27.70 -16.59
CL CL R . 16.65 -14.32 28.06
CL CL S . -23.31 -14.03 8.48
CL CL T . -21.30 -39.60 8.01
C1 GOL U . -22.42 -17.23 5.48
O1 GOL U . -21.32 -16.75 4.72
C2 GOL U . -23.62 -17.39 4.49
O2 GOL U . -24.86 -17.49 5.14
C3 GOL U . -23.27 -18.65 3.65
O3 GOL U . -22.52 -18.18 2.57
C1 GOL V . -26.26 -28.56 -5.74
O1 GOL V . -25.78 -29.59 -4.90
C2 GOL V . -25.58 -28.77 -7.11
O2 GOL V . -24.19 -28.54 -7.05
C3 GOL V . -25.92 -30.23 -7.48
O3 GOL V . -25.48 -30.43 -8.78
C1 GOL W . -9.48 -1.00 12.81
O1 GOL W . -9.62 -2.26 13.36
C2 GOL W . -10.23 -1.03 11.47
O2 GOL W . -10.74 0.20 11.12
C3 GOL W . -9.22 -1.54 10.45
O3 GOL W . -9.02 -0.52 9.53
CA CA X . -29.35 -3.23 -10.66
BR BR Y . -19.31 -9.06 -8.94
BR BR Z . -48.28 -3.30 -21.31
BR BR AA . -25.94 6.39 -29.25
CL CL BA . -42.21 -16.81 20.11
CL CL CA . -37.11 -30.16 9.40
CL CL DA . -44.57 25.03 -9.42
CL CL EA . -36.76 -23.67 -17.40
C1 GOL FA . -22.71 -13.86 -1.32
O1 GOL FA . -23.49 -12.83 -1.79
C2 GOL FA . -22.89 -14.97 -2.38
O2 GOL FA . -21.75 -15.82 -2.50
C3 GOL FA . -24.06 -15.70 -1.83
O3 GOL FA . -23.52 -16.84 -1.27
C1 GOL GA . -21.13 6.15 3.81
O1 GOL GA . -20.37 7.14 3.18
C2 GOL GA . -20.29 5.58 5.00
O2 GOL GA . -19.57 6.56 5.67
C3 GOL GA . -21.35 4.95 5.94
O3 GOL GA . -20.63 4.08 6.76
CA CA HA . 12.22 23.24 22.06
BR BR IA . 0.10 40.87 18.39
BR BR JA . 32.43 20.03 41.79
BR BR KA . -2.58 17.80 7.58
CL CL LA . 36.21 39.16 43.50
CL CL MA . 27.81 19.33 38.20
CL CL NA . 22.63 33.13 53.36
CL CL OA . 20.11 38.15 -5.16
CL CL PA . -0.50 30.54 39.77
CA CA QA . 29.99 0.06 -27.64
BR BR RA . 29.44 -10.66 -8.91
BR BR SA . 8.24 4.24 -45.75
BR BR TA . 48.67 3.50 -18.19
CL CL UA . 12.88 4.93 -42.32
CL CL VA . -4.37 3.25 -30.23
CL CL WA . 45.67 -27.51 -29.16
CL CL XA . 15.04 7.90 -12.04
C1 GOL YA . 10.67 17.26 -24.89
O1 GOL YA . 10.77 18.14 -26.01
C2 GOL YA . 9.16 17.14 -24.45
O2 GOL YA . 8.57 15.97 -24.91
C3 GOL YA . 9.20 17.21 -22.88
O3 GOL YA . 8.60 18.41 -22.48
C1 GOL ZA . 5.15 11.34 -25.71
O1 GOL ZA . 5.69 12.59 -26.10
C2 GOL ZA . 3.95 11.07 -26.64
O2 GOL ZA . 3.77 9.70 -26.87
C3 GOL ZA . 2.75 11.67 -25.88
O3 GOL ZA . 2.02 10.58 -25.39
#